data_2PFD
#
_entry.id   2PFD
#
_cell.length_a   134.848
_cell.length_b   134.848
_cell.length_c   156.365
_cell.angle_alpha   90.000
_cell.angle_beta   90.000
_cell.angle_gamma   90.000
#
_symmetry.space_group_name_H-M   'P 4'
#
_entity_poly.entity_id   1
_entity_poly.type   'polypeptide(L)'
_entity_poly.pdbx_seq_one_letter_code
;(MSE)SQLVECVPNFSEGNNQEVIDAISQAISQTPGCVLLDVDAGPSTNRTVYTFVGQPECVVEGALSAARTASQLID
(MSE)RKHKGEHPR(MSE)GALDVCPFIPVRGVS(MSE)DECVLCAKAFGQRLAEELNVPVYLYGEAAQ(MSE)PSRQTL
PAIRAGEYEALPEKLKQAEWVPDFGPSSFVPSWGATVTGARKFLIAFNINLLSTKEQAHRIALNLREQGRGKDQPGRLKK
VQGIGWYLEEKNLAQVSTNLLDFEVTALHTVYEEARREAQELNLPVVGSQLVGLVPLKALLDAAAFYCDKEKLFVLEEEH
RIRLVVNRLGLDSLAPFDPKERIIEYLVPDSGPEQSLLDASLRAFVREVGARSAAPGGGSVAAAVAALGAALAS(MSE)V
GQ(MSE)TYGRRQFDHLDST(MSE)RRLIPPFHAASAQLTSLVDADARAFAACLGAIKLPKNTPEERDRRTCALQEGLRQ
AVAVPLKLAETVSQLWPALQELAQCGNLSCLSDLQVAAKALETGVFGAYFNVLINLKD(MSE)TDDVFKEKTRHRISSLL
QEAKTQAALVLGSLEARKE
;
_entity_poly.pdbx_strand_id   A,B,C,D
#
# COMPACT_ATOMS: atom_id res chain seq x y z
N SER A 2 -53.00 -25.73 -2.25
CA SER A 2 -53.27 -26.71 -3.34
C SER A 2 -54.69 -27.19 -3.13
N GLN A 3 -55.38 -27.55 -4.21
CA GLN A 3 -56.79 -27.92 -4.15
C GLN A 3 -57.70 -26.68 -4.10
N LEU A 4 -57.49 -25.76 -5.05
CA LEU A 4 -58.22 -24.48 -5.03
C LEU A 4 -59.56 -24.45 -5.78
N VAL A 5 -60.59 -24.00 -5.07
CA VAL A 5 -61.92 -23.78 -5.64
C VAL A 5 -62.38 -22.35 -5.38
N GLU A 6 -62.77 -21.68 -6.46
CA GLU A 6 -63.31 -20.34 -6.42
C GLU A 6 -64.80 -20.41 -6.19
N CYS A 7 -65.34 -19.43 -5.48
CA CYS A 7 -66.75 -19.42 -5.15
C CYS A 7 -67.26 -17.98 -5.13
N VAL A 8 -68.19 -17.69 -6.03
CA VAL A 8 -68.65 -16.35 -6.29
C VAL A 8 -70.14 -16.20 -5.97
N PRO A 9 -70.50 -16.10 -4.67
CA PRO A 9 -71.89 -15.81 -4.32
C PRO A 9 -72.38 -14.46 -4.86
N ASN A 10 -73.53 -14.50 -5.51
CA ASN A 10 -74.14 -13.32 -6.07
C ASN A 10 -75.15 -12.82 -5.05
N PHE A 11 -74.76 -11.81 -4.27
CA PHE A 11 -75.64 -11.29 -3.22
C PHE A 11 -76.48 -10.11 -3.66
N SER A 12 -77.78 -10.19 -3.35
CA SER A 12 -78.73 -9.14 -3.68
C SER A 12 -78.55 -8.02 -2.68
N GLU A 13 -77.54 -7.21 -3.00
CA GLU A 13 -77.05 -6.10 -2.19
C GLU A 13 -77.94 -5.48 -1.15
N GLY A 14 -79.18 -5.10 -1.42
CA GLY A 14 -79.89 -4.27 -0.44
C GLY A 14 -79.33 -2.86 -0.44
N ASN A 15 -78.00 -2.74 -0.44
CA ASN A 15 -77.31 -1.47 -0.56
C ASN A 15 -77.21 -0.80 0.78
N ASN A 16 -76.14 -1.12 1.52
CA ASN A 16 -75.91 -0.47 2.80
C ASN A 16 -74.92 -1.26 3.65
N GLN A 17 -73.75 -0.65 3.79
CA GLN A 17 -72.60 -1.22 4.50
C GLN A 17 -72.94 -2.36 5.45
N GLU A 18 -73.70 -2.04 6.48
CA GLU A 18 -74.11 -3.01 7.51
C GLU A 18 -74.49 -4.38 6.95
N VAL A 19 -75.11 -4.40 5.77
CA VAL A 19 -75.45 -5.66 5.13
C VAL A 19 -74.19 -6.28 4.49
N ILE A 20 -73.50 -5.50 3.66
CA ILE A 20 -72.32 -5.97 2.90
C ILE A 20 -71.21 -6.53 3.79
N ASP A 21 -70.59 -5.63 4.56
CA ASP A 21 -69.43 -5.93 5.40
C ASP A 21 -69.73 -6.98 6.46
N ALA A 22 -71.01 -7.22 6.73
CA ALA A 22 -71.46 -8.23 7.69
C ALA A 22 -71.46 -9.61 7.06
N ILE A 23 -72.09 -9.72 5.89
CA ILE A 23 -71.93 -10.91 5.05
C ILE A 23 -70.44 -11.15 4.81
N SER A 24 -69.74 -10.09 4.37
CA SER A 24 -68.33 -10.18 3.96
C SER A 24 -67.34 -10.56 5.07
N GLN A 25 -67.83 -10.57 6.31
CA GLN A 25 -67.07 -11.06 7.45
C GLN A 25 -67.35 -12.53 7.73
N ALA A 26 -68.63 -12.85 7.96
CA ALA A 26 -69.07 -14.23 8.22
C ALA A 26 -68.50 -15.20 7.20
N ILE A 27 -68.32 -14.71 5.97
CA ILE A 27 -67.64 -15.45 4.92
C ILE A 27 -66.12 -15.48 5.15
N SER A 28 -65.58 -14.41 5.73
CA SER A 28 -64.14 -14.31 5.95
C SER A 28 -63.70 -14.80 7.34
N GLN A 29 -64.69 -15.09 8.18
CA GLN A 29 -64.44 -15.70 9.50
C GLN A 29 -64.80 -17.19 9.47
N THR A 30 -64.89 -17.72 8.25
CA THR A 30 -65.05 -19.14 8.03
C THR A 30 -63.66 -19.73 7.78
N PRO A 31 -63.25 -20.71 8.60
CA PRO A 31 -61.89 -21.22 8.46
C PRO A 31 -61.73 -22.11 7.24
N GLY A 32 -60.69 -21.85 6.45
CA GLY A 32 -60.37 -22.69 5.30
C GLY A 32 -60.63 -22.07 3.94
N CYS A 33 -61.16 -20.86 3.93
CA CYS A 33 -61.28 -20.07 2.70
C CYS A 33 -60.68 -18.67 2.90
N VAL A 34 -60.42 -17.98 1.80
CA VAL A 34 -59.81 -16.65 1.86
C VAL A 34 -60.63 -15.68 1.01
N LEU A 35 -61.03 -14.55 1.59
CA LEU A 35 -61.88 -13.60 0.88
C LEU A 35 -61.10 -12.75 -0.13
N LEU A 36 -61.39 -12.91 -1.41
CA LEU A 36 -60.57 -12.34 -2.49
C LEU A 36 -60.99 -10.98 -3.08
N ASP A 37 -62.30 -10.67 -3.00
CA ASP A 37 -62.85 -9.38 -3.43
C ASP A 37 -64.38 -9.34 -3.28
N VAL A 38 -64.87 -8.18 -2.86
CA VAL A 38 -66.30 -7.91 -2.75
C VAL A 38 -66.66 -6.73 -3.68
N ASP A 39 -67.14 -7.05 -4.88
CA ASP A 39 -67.64 -6.03 -5.82
C ASP A 39 -69.09 -5.67 -5.52
N ALA A 40 -69.32 -4.39 -5.26
CA ALA A 40 -70.66 -3.87 -5.03
C ALA A 40 -70.97 -2.86 -6.12
N GLY A 41 -72.22 -2.86 -6.57
CA GLY A 41 -72.66 -1.89 -7.58
C GLY A 41 -74.01 -1.29 -7.23
N PRO A 42 -74.03 -0.05 -6.70
CA PRO A 42 -75.23 0.71 -6.30
C PRO A 42 -76.44 0.69 -7.27
N SER A 43 -76.23 1.07 -8.53
CA SER A 43 -77.34 1.09 -9.51
C SER A 43 -77.80 -0.32 -9.93
N THR A 44 -76.88 -1.29 -9.89
CA THR A 44 -77.23 -2.71 -10.06
C THR A 44 -77.84 -3.26 -8.77
N ASN A 45 -77.53 -2.61 -7.66
CA ASN A 45 -77.97 -3.00 -6.33
C ASN A 45 -77.78 -4.48 -6.03
N ARG A 46 -76.54 -4.94 -6.26
CA ARG A 46 -76.10 -6.27 -5.83
C ARG A 46 -74.64 -6.20 -5.42
N THR A 47 -74.18 -7.24 -4.75
CA THR A 47 -72.77 -7.33 -4.38
C THR A 47 -72.27 -8.71 -4.67
N VAL A 48 -71.33 -8.79 -5.60
CA VAL A 48 -70.71 -10.06 -5.91
C VAL A 48 -69.56 -10.23 -4.92
N TYR A 49 -69.53 -11.37 -4.24
CA TYR A 49 -68.40 -11.70 -3.39
C TYR A 49 -67.60 -12.80 -4.06
N THR A 50 -66.28 -12.74 -3.89
CA THR A 50 -65.37 -13.75 -4.47
C THR A 50 -64.42 -14.27 -3.40
N PHE A 51 -64.34 -15.61 -3.27
CA PHE A 51 -63.43 -16.23 -2.32
C PHE A 51 -63.10 -17.65 -2.74
N VAL A 52 -61.91 -18.09 -2.37
CA VAL A 52 -61.38 -19.39 -2.79
C VAL A 52 -61.15 -20.33 -1.58
N GLY A 53 -60.64 -21.54 -1.82
CA GLY A 53 -60.29 -22.48 -0.75
C GLY A 53 -60.58 -23.93 -1.06
N GLN A 54 -60.39 -24.80 -0.06
CA GLN A 54 -60.66 -26.24 -0.19
C GLN A 54 -62.15 -26.53 -0.36
N PRO A 55 -62.48 -27.54 -1.21
CA PRO A 55 -63.80 -28.12 -1.46
C PRO A 55 -64.84 -27.95 -0.35
N GLU A 56 -64.60 -28.52 0.84
CA GLU A 56 -65.58 -28.45 1.92
C GLU A 56 -65.52 -27.12 2.69
N CYS A 57 -64.33 -26.53 2.75
CA CYS A 57 -64.09 -25.26 3.44
C CYS A 57 -64.89 -24.12 2.84
N VAL A 58 -64.83 -24.01 1.53
CA VAL A 58 -65.58 -22.97 0.81
C VAL A 58 -67.08 -23.09 1.08
N VAL A 59 -67.62 -24.31 1.03
CA VAL A 59 -69.05 -24.56 1.25
C VAL A 59 -69.52 -23.96 2.57
N GLU A 60 -68.69 -24.12 3.62
CA GLU A 60 -68.95 -23.45 4.90
C GLU A 60 -69.20 -21.96 4.66
N GLY A 61 -68.16 -21.26 4.20
CA GLY A 61 -68.28 -19.83 3.85
C GLY A 61 -69.47 -19.51 2.98
N ALA A 62 -69.70 -20.37 1.97
CA ALA A 62 -70.87 -20.26 1.12
C ALA A 62 -72.13 -20.20 1.99
N LEU A 63 -72.39 -21.22 2.80
CA LEU A 63 -73.57 -21.22 3.69
C LEU A 63 -73.42 -20.42 4.98
N SER A 64 -72.18 -20.18 5.40
CA SER A 64 -71.92 -19.30 6.54
C SER A 64 -72.31 -17.87 6.20
N ALA A 65 -72.25 -17.54 4.90
CA ALA A 65 -72.62 -16.21 4.39
C ALA A 65 -74.12 -16.06 4.13
N ALA A 66 -74.81 -17.17 3.87
CA ALA A 66 -76.24 -17.15 3.56
C ALA A 66 -77.08 -16.99 4.82
N ARG A 67 -76.58 -17.51 5.93
CA ARG A 67 -77.27 -17.45 7.21
C ARG A 67 -77.10 -16.09 7.87
N THR A 68 -76.17 -15.30 7.37
CA THR A 68 -75.94 -13.95 7.88
C THR A 68 -76.73 -12.93 7.04
N ALA A 69 -76.86 -13.20 5.74
CA ALA A 69 -77.73 -12.42 4.86
C ALA A 69 -79.20 -12.78 5.05
N SER A 70 -79.44 -14.03 5.46
CA SER A 70 -80.78 -14.48 5.83
C SER A 70 -81.41 -13.47 6.78
N GLN A 71 -80.72 -13.21 7.89
CA GLN A 71 -81.21 -12.28 8.90
C GLN A 71 -80.69 -10.87 8.70
N LEU A 72 -80.64 -10.41 7.44
CA LEU A 72 -80.16 -9.06 7.13
C LEU A 72 -80.71 -8.43 5.83
N ILE A 73 -81.46 -9.20 5.05
CA ILE A 73 -82.07 -8.69 3.82
C ILE A 73 -83.53 -9.10 3.64
N ASP A 74 -84.40 -8.09 3.48
CA ASP A 74 -85.77 -8.29 3.07
C ASP A 74 -85.91 -7.91 1.61
N MSE A 75 -86.21 -8.91 0.78
CA MSE A 75 -86.35 -8.70 -0.67
C MSE A 75 -87.56 -7.85 -1.02
O MSE A 75 -87.69 -7.38 -2.16
CB MSE A 75 -86.46 -10.06 -1.35
CG MSE A 75 -85.19 -10.86 -1.33
SE MSE A 75 -84.03 -10.26 -2.75
CE MSE A 75 -83.01 -8.86 -1.86
N ARG A 76 -88.42 -7.64 -0.03
CA ARG A 76 -89.64 -6.85 -0.14
C ARG A 76 -89.29 -5.39 -0.41
N LYS A 77 -88.25 -4.92 0.26
CA LYS A 77 -87.72 -3.58 0.01
C LYS A 77 -86.48 -3.60 -0.90
N HIS A 78 -86.35 -4.65 -1.70
CA HIS A 78 -85.28 -4.67 -2.69
C HIS A 78 -85.77 -4.51 -4.11
N LYS A 79 -85.03 -3.68 -4.85
CA LYS A 79 -85.33 -3.37 -6.23
C LYS A 79 -84.11 -2.74 -6.90
N GLY A 80 -83.30 -3.59 -7.51
CA GLY A 80 -82.10 -3.12 -8.20
C GLY A 80 -82.30 -3.12 -9.70
N GLU A 81 -81.47 -2.36 -10.40
CA GLU A 81 -81.48 -2.35 -11.87
C GLU A 81 -80.66 -3.50 -12.44
N HIS A 82 -80.78 -4.67 -11.80
CA HIS A 82 -80.22 -5.89 -12.34
C HIS A 82 -81.13 -7.08 -12.06
N PRO A 83 -81.53 -7.83 -13.12
CA PRO A 83 -82.44 -8.97 -13.05
C PRO A 83 -82.15 -9.97 -11.93
N ARG A 84 -82.27 -9.52 -10.68
CA ARG A 84 -82.05 -10.35 -9.49
C ARG A 84 -83.13 -11.43 -9.38
N MSE A 85 -83.25 -12.09 -8.22
CA MSE A 85 -84.32 -13.07 -7.99
C MSE A 85 -84.48 -13.34 -6.52
O MSE A 85 -85.55 -13.07 -5.95
CB MSE A 85 -84.03 -14.37 -8.74
CG MSE A 85 -84.99 -15.53 -8.47
SE MSE A 85 -84.33 -17.03 -9.54
CE MSE A 85 -85.74 -18.34 -9.33
N GLY A 86 -83.43 -13.89 -5.92
CA GLY A 86 -83.37 -14.13 -4.48
C GLY A 86 -82.53 -13.07 -3.79
N ALA A 87 -82.17 -13.31 -2.53
CA ALA A 87 -81.24 -12.42 -1.80
C ALA A 87 -79.82 -12.88 -2.11
N LEU A 88 -79.72 -14.17 -2.42
CA LEU A 88 -78.54 -14.76 -3.00
C LEU A 88 -79.01 -15.34 -4.32
N ASP A 89 -78.82 -14.61 -5.41
CA ASP A 89 -79.07 -15.19 -6.72
C ASP A 89 -78.08 -16.34 -6.89
N VAL A 90 -77.42 -16.42 -8.03
CA VAL A 90 -76.51 -17.52 -8.33
C VAL A 90 -75.38 -17.62 -7.30
N CYS A 91 -75.09 -18.83 -6.86
CA CYS A 91 -73.90 -19.08 -6.06
C CYS A 91 -73.16 -20.28 -6.63
N PRO A 92 -72.22 -20.03 -7.56
CA PRO A 92 -71.50 -21.03 -8.31
C PRO A 92 -70.16 -21.40 -7.68
N PHE A 93 -69.64 -22.55 -8.08
CA PHE A 93 -68.44 -23.14 -7.48
C PHE A 93 -67.53 -23.62 -8.61
N ILE A 94 -66.39 -22.94 -8.78
CA ILE A 94 -65.48 -23.20 -9.92
C ILE A 94 -64.11 -23.74 -9.54
N PRO A 95 -63.48 -24.56 -10.42
CA PRO A 95 -62.12 -25.01 -10.15
C PRO A 95 -61.09 -23.92 -10.41
N VAL A 96 -59.95 -24.04 -9.73
CA VAL A 96 -58.83 -23.11 -9.91
C VAL A 96 -57.56 -23.89 -10.18
N ARG A 97 -57.24 -24.84 -9.31
CA ARG A 97 -56.17 -25.82 -9.53
C ARG A 97 -56.54 -27.13 -8.85
N GLY A 98 -56.16 -28.25 -9.46
CA GLY A 98 -56.28 -29.57 -8.83
C GLY A 98 -57.67 -30.18 -8.80
N VAL A 99 -58.65 -29.42 -8.32
CA VAL A 99 -60.03 -29.88 -8.25
C VAL A 99 -60.67 -29.90 -9.63
N SER A 100 -61.30 -31.03 -9.98
CA SER A 100 -61.92 -31.17 -11.28
C SER A 100 -63.39 -30.85 -11.21
N MSE A 101 -63.96 -30.59 -12.38
CA MSE A 101 -65.38 -30.31 -12.53
C MSE A 101 -66.17 -31.20 -11.59
O MSE A 101 -66.84 -30.70 -10.69
CB MSE A 101 -65.82 -30.56 -13.98
CG MSE A 101 -67.10 -29.84 -14.37
SE MSE A 101 -67.10 -27.96 -13.77
CE MSE A 101 -65.82 -27.17 -15.02
N ASP A 102 -66.03 -32.50 -11.77
CA ASP A 102 -66.82 -33.47 -11.04
C ASP A 102 -66.86 -33.22 -9.53
N GLU A 103 -65.78 -32.72 -8.98
CA GLU A 103 -65.80 -32.29 -7.59
C GLU A 103 -66.68 -31.05 -7.42
N CYS A 104 -66.43 -30.01 -8.22
CA CYS A 104 -67.20 -28.76 -8.16
C CYS A 104 -68.70 -28.99 -8.30
N VAL A 105 -69.05 -30.03 -9.07
CA VAL A 105 -70.44 -30.48 -9.21
C VAL A 105 -70.95 -31.04 -7.87
N LEU A 106 -70.07 -31.73 -7.12
CA LEU A 106 -70.45 -32.28 -5.80
C LEU A 106 -70.48 -31.25 -4.68
N CYS A 107 -69.70 -30.18 -4.80
CA CYS A 107 -69.76 -29.06 -3.85
C CYS A 107 -71.10 -28.40 -3.97
N ALA A 108 -71.53 -28.25 -5.22
CA ALA A 108 -72.83 -27.70 -5.54
C ALA A 108 -73.94 -28.55 -4.91
N LYS A 109 -73.74 -29.88 -4.92
CA LYS A 109 -74.68 -30.82 -4.31
C LYS A 109 -74.77 -30.60 -2.81
N ALA A 110 -73.63 -30.26 -2.21
CA ALA A 110 -73.53 -30.06 -0.77
C ALA A 110 -74.22 -28.77 -0.32
N PHE A 111 -73.72 -27.64 -0.83
CA PHE A 111 -74.29 -26.34 -0.49
C PHE A 111 -75.81 -26.34 -0.69
N GLY A 112 -76.26 -26.77 -1.87
CA GLY A 112 -77.68 -26.85 -2.23
C GLY A 112 -78.56 -27.57 -1.22
N GLN A 113 -78.09 -28.72 -0.76
CA GLN A 113 -78.82 -29.50 0.25
C GLN A 113 -78.80 -28.78 1.59
N ARG A 114 -77.63 -28.75 2.22
CA ARG A 114 -77.46 -28.13 3.55
C ARG A 114 -78.05 -26.71 3.68
N LEU A 115 -78.22 -26.01 2.55
CA LEU A 115 -78.78 -24.64 2.56
C LEU A 115 -80.31 -24.58 2.69
N ALA A 116 -81.01 -25.10 1.68
CA ALA A 116 -82.49 -25.17 1.69
C ALA A 116 -83.01 -25.89 2.93
N GLU A 117 -82.14 -26.66 3.57
CA GLU A 117 -82.45 -27.36 4.81
C GLU A 117 -82.38 -26.41 5.99
N GLU A 118 -81.25 -25.75 6.14
CA GLU A 118 -81.01 -24.85 7.26
C GLU A 118 -81.77 -23.54 7.16
N LEU A 119 -82.47 -23.31 6.06
CA LEU A 119 -83.25 -22.09 5.90
C LEU A 119 -84.73 -22.37 5.71
N ASN A 120 -85.03 -23.31 4.81
CA ASN A 120 -86.36 -23.49 4.25
C ASN A 120 -86.62 -22.45 3.16
N VAL A 121 -86.06 -22.70 1.97
CA VAL A 121 -86.18 -21.84 0.78
C VAL A 121 -86.06 -22.68 -0.51
N PRO A 122 -86.67 -22.22 -1.62
CA PRO A 122 -86.48 -22.93 -2.90
C PRO A 122 -85.08 -22.73 -3.52
N VAL A 123 -84.36 -23.83 -3.74
CA VAL A 123 -83.05 -23.80 -4.45
C VAL A 123 -82.91 -24.86 -5.54
N TYR A 124 -82.54 -24.42 -6.74
CA TYR A 124 -82.32 -25.31 -7.86
C TYR A 124 -80.85 -25.18 -8.23
N LEU A 125 -80.19 -26.31 -8.46
CA LEU A 125 -78.81 -26.28 -8.95
C LEU A 125 -78.77 -26.09 -10.47
N TYR A 126 -77.81 -25.29 -10.94
CA TYR A 126 -77.69 -24.90 -12.36
C TYR A 126 -76.33 -25.28 -12.98
N GLY A 127 -76.18 -25.04 -14.28
CA GLY A 127 -74.90 -25.22 -14.97
C GLY A 127 -74.46 -26.66 -15.02
N GLU A 128 -73.15 -26.88 -14.94
CA GLU A 128 -72.56 -28.22 -14.95
C GLU A 128 -73.15 -29.09 -13.85
N ALA A 129 -74.12 -28.53 -13.13
CA ALA A 129 -74.82 -29.23 -12.08
C ALA A 129 -76.17 -29.75 -12.60
N ALA A 130 -77.20 -28.92 -12.53
CA ALA A 130 -78.58 -29.25 -12.94
C ALA A 130 -78.66 -30.49 -13.80
N GLN A 131 -79.56 -31.40 -13.44
CA GLN A 131 -79.74 -32.61 -14.24
C GLN A 131 -80.75 -32.39 -15.35
N MSE A 132 -81.83 -31.69 -15.03
CA MSE A 132 -82.85 -31.36 -16.00
C MSE A 132 -82.26 -30.41 -17.05
O MSE A 132 -81.83 -29.32 -16.70
CB MSE A 132 -84.07 -30.76 -15.31
CG MSE A 132 -84.53 -31.58 -14.11
SE MSE A 132 -86.48 -31.61 -13.97
CE MSE A 132 -86.91 -33.39 -14.72
N PRO A 133 -82.22 -30.86 -18.32
CA PRO A 133 -81.54 -30.17 -19.42
C PRO A 133 -82.23 -28.88 -19.89
N SER A 134 -82.69 -28.09 -18.94
CA SER A 134 -83.42 -26.86 -19.20
C SER A 134 -82.91 -25.78 -18.26
N ARG A 135 -82.13 -26.22 -17.29
CA ARG A 135 -81.69 -25.43 -16.14
C ARG A 135 -80.21 -25.02 -16.17
N GLN A 136 -79.47 -25.56 -17.13
CA GLN A 136 -78.05 -25.24 -17.27
C GLN A 136 -77.83 -23.78 -17.63
N THR A 137 -78.79 -23.21 -18.35
CA THR A 137 -78.82 -21.79 -18.60
C THR A 137 -79.40 -21.08 -17.37
N LEU A 138 -78.58 -20.23 -16.75
CA LEU A 138 -78.97 -19.47 -15.57
C LEU A 138 -80.11 -18.46 -15.81
N PRO A 139 -80.04 -17.66 -16.90
CA PRO A 139 -81.12 -16.71 -17.23
C PRO A 139 -82.51 -17.35 -17.43
N ALA A 140 -82.54 -18.63 -17.81
CA ALA A 140 -83.82 -19.34 -17.96
C ALA A 140 -84.50 -19.55 -16.61
N ILE A 141 -83.72 -19.91 -15.60
CA ILE A 141 -84.25 -20.10 -14.25
C ILE A 141 -84.77 -18.81 -13.64
N ARG A 142 -84.01 -17.72 -13.79
CA ARG A 142 -84.43 -16.37 -13.39
C ARG A 142 -85.77 -15.98 -14.03
N ALA A 143 -86.79 -16.81 -13.84
CA ALA A 143 -88.05 -16.73 -14.60
C ALA A 143 -88.81 -15.41 -14.46
N GLY A 144 -88.14 -14.30 -14.79
CA GLY A 144 -88.70 -12.97 -14.60
C GLY A 144 -88.49 -12.47 -13.18
N GLU A 145 -87.34 -12.84 -12.59
CA GLU A 145 -86.89 -12.41 -11.26
C GLU A 145 -87.89 -12.48 -10.09
N TYR A 146 -87.72 -11.57 -9.12
CA TYR A 146 -88.41 -11.57 -7.81
C TYR A 146 -89.88 -12.00 -7.78
N GLU A 147 -90.74 -11.29 -8.49
CA GLU A 147 -92.15 -11.69 -8.60
C GLU A 147 -92.26 -12.86 -9.59
N ALA A 148 -92.05 -14.08 -9.08
CA ALA A 148 -92.18 -15.30 -9.87
C ALA A 148 -92.69 -16.40 -8.97
N LEU A 149 -91.96 -16.63 -7.88
CA LEU A 149 -92.37 -17.54 -6.81
C LEU A 149 -93.84 -17.36 -6.33
N PRO A 150 -94.43 -16.15 -6.47
CA PRO A 150 -95.88 -16.08 -6.18
C PRO A 150 -96.76 -16.90 -7.13
N GLU A 151 -96.12 -17.66 -8.02
CA GLU A 151 -96.83 -18.62 -8.88
C GLU A 151 -95.93 -19.79 -9.32
N LYS A 152 -94.62 -19.55 -9.41
CA LYS A 152 -93.69 -20.51 -10.03
C LYS A 152 -93.12 -21.60 -9.12
N LEU A 153 -93.02 -21.37 -7.81
CA LEU A 153 -92.55 -22.46 -6.92
C LEU A 153 -93.67 -23.42 -6.61
N LYS A 154 -94.75 -23.33 -7.40
CA LYS A 154 -95.86 -24.23 -7.26
C LYS A 154 -96.28 -24.68 -8.64
N GLN A 155 -95.32 -25.26 -9.37
CA GLN A 155 -95.61 -25.79 -10.70
C GLN A 155 -94.80 -27.07 -10.90
N ALA A 156 -95.51 -28.18 -11.15
CA ALA A 156 -94.89 -29.47 -11.43
C ALA A 156 -93.70 -29.32 -12.38
N GLU A 157 -93.77 -28.27 -13.19
CA GLU A 157 -92.71 -27.84 -14.08
C GLU A 157 -91.52 -27.27 -13.30
N TRP A 158 -91.76 -26.18 -12.56
CA TRP A 158 -90.70 -25.46 -11.86
C TRP A 158 -90.36 -25.99 -10.47
N VAL A 159 -90.60 -27.28 -10.24
CA VAL A 159 -90.23 -27.91 -8.97
C VAL A 159 -88.75 -27.69 -8.69
N PRO A 160 -88.43 -27.09 -7.52
CA PRO A 160 -87.04 -26.90 -7.13
C PRO A 160 -86.27 -28.21 -6.95
N ASP A 161 -85.00 -28.20 -7.34
CA ASP A 161 -84.11 -29.36 -7.25
C ASP A 161 -83.73 -29.65 -5.79
N PHE A 162 -83.86 -28.63 -4.95
CA PHE A 162 -83.71 -28.70 -3.51
C PHE A 162 -84.73 -27.72 -2.90
N GLY A 163 -85.09 -27.93 -1.63
CA GLY A 163 -85.99 -27.02 -0.93
C GLY A 163 -87.46 -27.19 -1.29
N PRO A 164 -88.35 -27.17 -0.28
CA PRO A 164 -89.80 -27.39 -0.35
C PRO A 164 -90.48 -26.94 -1.65
N SER A 165 -91.24 -25.86 -1.55
CA SER A 165 -91.94 -25.21 -2.66
C SER A 165 -92.44 -23.91 -2.09
N SER A 166 -91.95 -23.61 -0.88
CA SER A 166 -92.46 -22.54 -0.04
C SER A 166 -92.00 -21.15 -0.46
N PHE A 167 -92.75 -20.15 -0.06
CA PHE A 167 -92.41 -18.77 -0.34
C PHE A 167 -92.10 -18.03 0.96
N VAL A 168 -90.98 -17.31 0.96
CA VAL A 168 -90.59 -16.47 2.08
C VAL A 168 -90.64 -15.01 1.63
N PRO A 169 -91.19 -14.12 2.47
CA PRO A 169 -91.24 -12.68 2.19
C PRO A 169 -89.87 -12.03 1.90
N SER A 170 -88.89 -12.28 2.76
CA SER A 170 -87.59 -11.63 2.68
C SER A 170 -86.53 -12.47 1.96
N TRP A 171 -86.99 -13.50 1.24
CA TRP A 171 -86.13 -14.28 0.37
C TRP A 171 -86.84 -14.54 -0.98
N GLY A 172 -86.06 -14.96 -1.98
CA GLY A 172 -86.58 -15.13 -3.35
C GLY A 172 -85.93 -16.24 -4.14
N ALA A 173 -85.73 -17.38 -3.48
CA ALA A 173 -85.07 -18.54 -4.08
C ALA A 173 -83.57 -18.30 -4.25
N THR A 174 -82.82 -19.38 -4.44
CA THR A 174 -81.37 -19.31 -4.62
C THR A 174 -80.88 -20.44 -5.53
N VAL A 175 -79.84 -20.17 -6.30
CA VAL A 175 -79.37 -21.12 -7.30
C VAL A 175 -77.88 -21.43 -7.16
N THR A 176 -77.59 -22.65 -6.74
CA THR A 176 -76.22 -23.14 -6.72
C THR A 176 -75.84 -23.74 -8.08
N GLY A 177 -74.57 -24.09 -8.25
CA GLY A 177 -74.10 -24.75 -9.46
C GLY A 177 -72.59 -24.70 -9.61
N ALA A 178 -72.11 -25.23 -10.73
CA ALA A 178 -70.70 -25.21 -11.07
C ALA A 178 -70.55 -24.98 -12.58
N ARG A 179 -69.67 -24.06 -12.94
CA ARG A 179 -69.39 -23.76 -14.34
C ARG A 179 -67.88 -23.84 -14.51
N LYS A 180 -67.39 -23.47 -15.69
CA LYS A 180 -65.95 -23.35 -15.91
C LYS A 180 -65.58 -21.95 -15.42
N PHE A 181 -64.28 -21.71 -15.20
CA PHE A 181 -63.81 -20.38 -14.82
C PHE A 181 -63.98 -19.43 -15.98
N LEU A 182 -64.50 -18.24 -15.67
CA LEU A 182 -64.83 -17.24 -16.68
C LEU A 182 -63.95 -16.00 -16.52
N ILE A 183 -63.38 -15.53 -17.63
CA ILE A 183 -62.55 -14.31 -17.59
C ILE A 183 -63.22 -13.14 -18.33
N ALA A 184 -63.14 -11.97 -17.72
CA ALA A 184 -63.61 -10.74 -18.33
C ALA A 184 -62.44 -10.12 -19.09
N PHE A 185 -62.59 -10.06 -20.40
CA PHE A 185 -61.58 -9.50 -21.24
C PHE A 185 -62.15 -8.41 -22.12
N ASN A 186 -61.47 -7.26 -22.15
CA ASN A 186 -61.87 -6.16 -23.03
C ASN A 186 -60.77 -5.89 -24.04
N ILE A 187 -61.15 -5.57 -25.27
CA ILE A 187 -60.16 -5.19 -26.25
C ILE A 187 -60.29 -3.75 -26.73
N ASN A 188 -59.21 -3.02 -26.52
CA ASN A 188 -59.21 -1.61 -26.74
C ASN A 188 -59.04 -1.27 -28.18
N LEU A 189 -60.10 -0.73 -28.75
CA LEU A 189 -60.09 -0.24 -30.11
C LEU A 189 -60.06 1.25 -30.08
N LEU A 190 -59.19 1.83 -30.87
CA LEU A 190 -59.25 3.25 -31.05
C LEU A 190 -60.36 3.62 -32.03
N SER A 191 -61.39 2.81 -32.14
CA SER A 191 -62.40 3.04 -33.17
C SER A 191 -63.65 3.77 -32.67
N THR A 192 -64.81 3.31 -33.14
CA THR A 192 -66.11 3.82 -32.73
C THR A 192 -67.01 2.69 -32.21
N LYS A 193 -67.95 3.02 -31.33
CA LYS A 193 -68.80 2.01 -30.68
C LYS A 193 -69.48 1.12 -31.69
N GLU A 194 -69.93 1.70 -32.80
CA GLU A 194 -70.59 0.89 -33.80
C GLU A 194 -69.61 -0.13 -34.38
N GLN A 195 -68.46 0.34 -34.87
CA GLN A 195 -67.40 -0.54 -35.38
C GLN A 195 -66.98 -1.57 -34.36
N ALA A 196 -66.62 -1.12 -33.15
CA ALA A 196 -66.19 -2.04 -32.12
C ALA A 196 -67.20 -3.17 -32.00
N HIS A 197 -68.48 -2.83 -31.94
CA HIS A 197 -69.54 -3.83 -31.84
C HIS A 197 -69.59 -4.76 -33.05
N ARG A 198 -69.32 -4.23 -34.23
CA ARG A 198 -69.20 -5.07 -35.41
C ARG A 198 -68.15 -6.13 -35.12
N ILE A 199 -66.90 -5.70 -34.96
CA ILE A 199 -65.80 -6.62 -34.64
C ILE A 199 -66.23 -7.71 -33.67
N ALA A 200 -66.95 -7.32 -32.62
CA ALA A 200 -67.33 -8.23 -31.56
C ALA A 200 -68.30 -9.28 -32.02
N LEU A 201 -69.23 -8.89 -32.90
CA LEU A 201 -70.23 -9.81 -33.41
C LEU A 201 -69.56 -10.87 -34.23
N ASN A 202 -68.41 -10.51 -34.79
CA ASN A 202 -67.66 -11.38 -35.66
C ASN A 202 -66.80 -12.35 -34.89
N LEU A 203 -66.35 -11.95 -33.71
CA LEU A 203 -65.63 -12.86 -32.85
C LEU A 203 -66.60 -13.75 -32.10
N ARG A 204 -67.55 -13.15 -31.38
CA ARG A 204 -68.40 -13.92 -30.46
C ARG A 204 -69.12 -15.07 -31.13
N GLU A 205 -69.35 -16.13 -30.36
CA GLU A 205 -69.75 -17.44 -30.90
C GLU A 205 -71.17 -17.42 -31.44
N GLN A 206 -72.01 -16.59 -30.86
CA GLN A 206 -73.41 -16.52 -31.24
C GLN A 206 -73.52 -15.80 -32.59
N GLY A 207 -72.53 -14.98 -32.89
CA GLY A 207 -72.44 -14.29 -34.18
C GLY A 207 -73.59 -13.33 -34.44
N ARG A 208 -73.70 -12.87 -35.68
CA ARG A 208 -74.75 -11.90 -36.02
C ARG A 208 -76.08 -12.62 -36.11
N GLY A 209 -76.80 -12.61 -34.99
CA GLY A 209 -78.06 -13.34 -34.83
C GLY A 209 -77.86 -14.82 -34.60
N LYS A 210 -78.75 -15.63 -35.19
CA LYS A 210 -78.72 -17.09 -35.13
C LYS A 210 -77.63 -17.65 -36.06
N ASP A 211 -78.12 -18.42 -37.03
CA ASP A 211 -77.40 -18.90 -38.20
C ASP A 211 -76.34 -17.91 -38.75
N GLN A 212 -75.10 -18.38 -38.75
CA GLN A 212 -73.85 -17.60 -38.94
C GLN A 212 -73.29 -17.16 -37.58
N PRO A 213 -72.68 -18.11 -36.85
CA PRO A 213 -71.85 -17.76 -35.70
C PRO A 213 -70.63 -16.92 -36.05
N GLY A 214 -69.94 -16.43 -35.01
CA GLY A 214 -68.68 -15.70 -35.17
C GLY A 214 -67.53 -16.66 -35.34
N ARG A 215 -66.31 -16.25 -35.04
CA ARG A 215 -65.16 -17.15 -35.24
C ARG A 215 -64.78 -17.95 -34.00
N LEU A 216 -64.51 -17.28 -32.89
CA LEU A 216 -64.05 -17.94 -31.67
C LEU A 216 -65.17 -18.68 -30.94
N LYS A 217 -64.94 -19.94 -30.61
CA LYS A 217 -65.92 -20.71 -29.87
C LYS A 217 -65.82 -20.39 -28.39
N LYS A 218 -66.94 -20.46 -27.67
CA LYS A 218 -67.01 -20.19 -26.22
C LYS A 218 -66.43 -18.81 -25.81
N VAL A 219 -66.51 -17.87 -26.73
CA VAL A 219 -66.25 -16.47 -26.46
C VAL A 219 -67.54 -15.73 -26.72
N GLN A 220 -68.02 -15.07 -25.70
CA GLN A 220 -69.22 -14.29 -25.84
C GLN A 220 -68.82 -12.86 -25.49
N GLY A 221 -69.48 -11.88 -26.13
CA GLY A 221 -69.17 -10.47 -25.87
C GLY A 221 -69.82 -9.49 -26.81
N ILE A 222 -69.56 -8.20 -26.59
CA ILE A 222 -70.17 -7.14 -27.40
C ILE A 222 -69.27 -5.92 -27.57
N GLY A 223 -69.86 -4.88 -28.19
CA GLY A 223 -69.20 -3.61 -28.39
C GLY A 223 -69.62 -2.63 -27.33
N TRP A 224 -68.67 -1.81 -26.90
CA TRP A 224 -68.83 -1.04 -25.68
C TRP A 224 -67.99 0.19 -25.81
N TYR A 225 -68.20 1.16 -24.92
CA TYR A 225 -67.48 2.41 -25.02
C TYR A 225 -67.19 3.01 -23.63
N LEU A 226 -65.90 3.13 -23.29
CA LEU A 226 -65.50 3.82 -22.07
C LEU A 226 -65.70 5.30 -22.22
N GLU A 227 -66.55 5.86 -21.37
CA GLU A 227 -66.96 7.26 -21.47
C GLU A 227 -65.84 8.26 -21.21
N GLU A 228 -65.17 8.10 -20.08
CA GLU A 228 -64.13 9.04 -19.64
C GLU A 228 -62.84 8.99 -20.48
N LYS A 229 -62.58 7.88 -21.17
CA LYS A 229 -61.37 7.71 -21.96
C LYS A 229 -61.60 7.97 -23.44
N ASN A 230 -62.87 8.01 -23.82
CA ASN A 230 -63.25 8.31 -25.18
C ASN A 230 -62.89 7.17 -26.10
N LEU A 231 -62.83 5.98 -25.51
CA LEU A 231 -62.23 4.83 -26.13
C LEU A 231 -63.27 3.73 -26.24
N ALA A 232 -63.36 3.13 -27.42
CA ALA A 232 -64.29 2.04 -27.67
C ALA A 232 -63.72 0.75 -27.15
N GLN A 233 -64.55 -0.29 -27.04
CA GLN A 233 -64.07 -1.57 -26.52
C GLN A 233 -64.84 -2.73 -27.10
N VAL A 234 -64.10 -3.77 -27.50
CA VAL A 234 -64.67 -5.09 -27.78
C VAL A 234 -64.65 -5.88 -26.48
N SER A 235 -65.78 -5.85 -25.79
CA SER A 235 -65.84 -6.39 -24.46
C SER A 235 -66.32 -7.82 -24.54
N THR A 236 -65.53 -8.73 -23.97
CA THR A 236 -65.79 -10.16 -24.09
C THR A 236 -65.70 -10.96 -22.79
N ASN A 237 -66.29 -12.15 -22.83
CA ASN A 237 -66.10 -13.15 -21.81
C ASN A 237 -65.52 -14.44 -22.38
N LEU A 238 -64.33 -14.82 -21.91
CA LEU A 238 -63.82 -16.12 -22.29
C LEU A 238 -64.56 -17.11 -21.42
N LEU A 239 -65.34 -17.98 -22.06
CA LEU A 239 -66.14 -18.90 -21.30
C LEU A 239 -65.33 -20.13 -20.89
N ASP A 240 -64.22 -20.36 -21.59
CA ASP A 240 -63.29 -21.47 -21.28
C ASP A 240 -61.89 -21.24 -21.87
N PHE A 241 -60.95 -20.74 -21.07
CA PHE A 241 -59.63 -20.34 -21.60
C PHE A 241 -58.81 -21.49 -22.18
N GLU A 242 -59.36 -22.69 -22.06
CA GLU A 242 -58.71 -23.88 -22.58
C GLU A 242 -59.10 -24.09 -24.04
N VAL A 243 -60.36 -23.81 -24.38
CA VAL A 243 -60.86 -23.98 -25.76
C VAL A 243 -60.44 -22.82 -26.65
N THR A 244 -60.85 -21.62 -26.28
CA THR A 244 -60.37 -20.42 -26.92
C THR A 244 -59.54 -19.68 -25.91
N ALA A 245 -58.29 -19.38 -26.27
CA ALA A 245 -57.35 -18.80 -25.34
C ALA A 245 -57.49 -17.27 -25.17
N LEU A 246 -56.82 -16.75 -24.15
CA LEU A 246 -56.75 -15.31 -23.89
C LEU A 246 -56.04 -14.54 -25.00
N HIS A 247 -55.11 -15.17 -25.69
CA HIS A 247 -54.46 -14.51 -26.81
C HIS A 247 -55.23 -14.72 -28.12
N THR A 248 -55.82 -15.89 -28.31
CA THR A 248 -56.54 -16.14 -29.58
C THR A 248 -57.76 -15.24 -29.71
N VAL A 249 -58.28 -14.75 -28.58
CA VAL A 249 -59.23 -13.64 -28.60
C VAL A 249 -58.50 -12.40 -29.09
N TYR A 250 -57.62 -11.85 -28.27
CA TYR A 250 -56.83 -10.69 -28.66
C TYR A 250 -56.31 -10.78 -30.09
N GLU A 251 -55.48 -11.80 -30.37
CA GLU A 251 -54.82 -11.90 -31.67
C GLU A 251 -55.79 -11.94 -32.86
N GLU A 252 -57.01 -12.34 -32.54
CA GLU A 252 -58.11 -12.43 -33.49
C GLU A 252 -58.81 -11.08 -33.72
N ALA A 253 -59.20 -10.42 -32.63
CA ALA A 253 -59.75 -9.07 -32.70
C ALA A 253 -58.74 -8.20 -33.41
N ARG A 254 -57.47 -8.45 -33.12
CA ARG A 254 -56.38 -7.87 -33.88
C ARG A 254 -56.55 -7.94 -35.40
N ARG A 255 -56.80 -9.14 -35.93
CA ARG A 255 -56.98 -9.34 -37.38
C ARG A 255 -58.25 -8.64 -37.79
N GLU A 256 -59.32 -9.01 -37.11
CA GLU A 256 -60.64 -8.42 -37.29
C GLU A 256 -60.55 -6.94 -37.62
N ALA A 257 -59.67 -6.25 -36.89
CA ALA A 257 -59.51 -4.82 -36.94
C ALA A 257 -58.58 -4.39 -38.06
N GLN A 258 -57.52 -5.16 -38.28
CA GLN A 258 -56.67 -4.89 -39.44
C GLN A 258 -57.39 -5.22 -40.74
N GLU A 259 -58.60 -5.78 -40.65
CA GLU A 259 -59.45 -5.96 -41.83
C GLU A 259 -60.28 -4.69 -42.11
N LEU A 260 -60.47 -3.86 -41.09
CA LEU A 260 -61.25 -2.62 -41.20
C LEU A 260 -60.38 -1.40 -40.92
N ASN A 261 -59.07 -1.60 -40.81
CA ASN A 261 -58.10 -0.49 -40.62
C ASN A 261 -58.33 0.42 -39.41
N LEU A 262 -58.48 -0.24 -38.29
CA LEU A 262 -58.74 0.40 -37.04
C LEU A 262 -57.67 -0.09 -36.10
N PRO A 263 -57.01 0.82 -35.36
CA PRO A 263 -56.02 0.35 -34.40
C PRO A 263 -56.64 -0.27 -33.16
N VAL A 264 -56.02 -1.37 -32.74
CA VAL A 264 -56.30 -2.02 -31.47
C VAL A 264 -55.19 -1.52 -30.56
N VAL A 265 -55.58 -0.94 -29.42
CA VAL A 265 -54.62 -0.40 -28.46
C VAL A 265 -54.64 -1.13 -27.11
N GLY A 266 -54.24 -2.40 -27.16
CA GLY A 266 -54.14 -3.23 -25.96
C GLY A 266 -55.47 -3.75 -25.45
N SER A 267 -55.56 -3.92 -24.14
CA SER A 267 -56.66 -4.65 -23.48
C SER A 267 -56.67 -4.44 -21.96
N GLN A 268 -57.70 -4.99 -21.30
CA GLN A 268 -57.73 -5.07 -19.85
C GLN A 268 -58.44 -6.34 -19.40
N LEU A 269 -57.88 -7.01 -18.40
CA LEU A 269 -58.59 -8.07 -17.71
C LEU A 269 -59.37 -7.44 -16.57
N VAL A 270 -60.60 -7.90 -16.38
CA VAL A 270 -61.49 -7.34 -15.38
C VAL A 270 -61.73 -8.38 -14.28
N GLY A 271 -61.34 -8.05 -13.05
CA GLY A 271 -61.46 -9.01 -11.95
C GLY A 271 -60.24 -9.89 -11.84
N LEU A 272 -60.43 -11.14 -11.44
CA LEU A 272 -59.32 -12.06 -11.20
C LEU A 272 -59.12 -13.07 -12.30
N VAL A 273 -57.87 -13.46 -12.50
CA VAL A 273 -57.49 -14.36 -13.57
C VAL A 273 -56.74 -15.60 -13.02
N PRO A 274 -56.95 -16.80 -13.62
CA PRO A 274 -56.14 -17.98 -13.30
C PRO A 274 -54.77 -17.95 -13.98
N LEU A 275 -53.75 -18.44 -13.28
CA LEU A 275 -52.38 -18.35 -13.76
C LEU A 275 -52.27 -18.94 -15.16
N LYS A 276 -52.75 -20.17 -15.34
CA LYS A 276 -52.67 -20.84 -16.64
C LYS A 276 -53.16 -19.96 -17.80
N ALA A 277 -54.36 -19.42 -17.68
CA ALA A 277 -54.93 -18.56 -18.72
C ALA A 277 -53.89 -17.69 -19.38
N LEU A 278 -53.16 -16.92 -18.58
CA LEU A 278 -52.15 -16.02 -19.14
C LEU A 278 -50.75 -16.64 -19.20
N LEU A 279 -50.62 -17.83 -18.66
CA LEU A 279 -49.35 -18.52 -18.78
C LEU A 279 -49.26 -19.34 -20.07
N ASP A 280 -50.40 -19.75 -20.63
CA ASP A 280 -50.42 -20.45 -21.91
C ASP A 280 -50.14 -19.43 -22.96
N ALA A 281 -50.93 -18.37 -22.87
CA ALA A 281 -50.72 -17.14 -23.62
C ALA A 281 -49.24 -16.85 -23.78
N ALA A 282 -48.55 -16.73 -22.66
CA ALA A 282 -47.10 -16.59 -22.66
C ALA A 282 -46.47 -17.57 -23.61
N ALA A 283 -46.64 -18.85 -23.35
CA ALA A 283 -45.97 -19.86 -24.13
C ALA A 283 -46.26 -19.72 -25.61
N PHE A 284 -47.42 -19.16 -25.92
CA PHE A 284 -47.81 -18.98 -27.31
C PHE A 284 -46.88 -18.02 -28.01
N TYR A 285 -46.65 -16.87 -27.38
CA TYR A 285 -45.79 -15.87 -27.98
C TYR A 285 -44.32 -16.29 -28.05
N CYS A 286 -43.93 -17.37 -27.40
CA CYS A 286 -42.54 -17.78 -27.48
C CYS A 286 -42.41 -18.81 -28.53
N ASP A 287 -43.41 -19.70 -28.56
CA ASP A 287 -43.58 -20.70 -29.60
C ASP A 287 -43.51 -19.98 -30.95
N LYS A 288 -44.34 -18.94 -31.12
CA LYS A 288 -44.43 -18.26 -32.40
C LYS A 288 -43.41 -17.12 -32.61
N GLU A 289 -43.03 -16.38 -31.58
CA GLU A 289 -42.05 -15.35 -31.80
C GLU A 289 -40.65 -15.95 -31.78
N LYS A 290 -40.58 -17.27 -31.59
CA LYS A 290 -39.32 -18.03 -31.52
C LYS A 290 -38.38 -17.52 -30.44
N LEU A 291 -38.78 -17.52 -29.18
CA LEU A 291 -37.88 -16.99 -28.12
C LEU A 291 -37.58 -17.94 -26.96
N PHE A 292 -36.87 -17.43 -25.95
CA PHE A 292 -36.40 -18.22 -24.81
C PHE A 292 -36.53 -17.34 -23.57
N VAL A 293 -37.59 -17.60 -22.82
CA VAL A 293 -37.91 -16.81 -21.64
C VAL A 293 -38.04 -17.76 -20.51
N LEU A 294 -37.00 -17.81 -19.69
CA LEU A 294 -36.78 -18.93 -18.82
C LEU A 294 -37.63 -18.80 -17.58
N GLU A 295 -37.39 -17.70 -16.85
CA GLU A 295 -37.96 -17.48 -15.53
C GLU A 295 -39.44 -17.11 -15.62
N GLU A 296 -40.29 -17.67 -14.75
CA GLU A 296 -41.75 -17.48 -14.89
C GLU A 296 -42.25 -16.04 -14.84
N GLU A 297 -41.85 -15.30 -13.82
CA GLU A 297 -42.19 -13.89 -13.77
C GLU A 297 -42.06 -13.26 -15.15
N HIS A 298 -40.90 -13.44 -15.79
CA HIS A 298 -40.64 -12.84 -17.09
C HIS A 298 -41.61 -13.26 -18.17
N ARG A 299 -42.09 -14.48 -18.09
CA ARG A 299 -43.12 -14.90 -19.00
C ARG A 299 -44.39 -14.11 -18.76
N ILE A 300 -44.70 -13.74 -17.52
CA ILE A 300 -45.85 -12.87 -17.27
C ILE A 300 -45.59 -11.49 -17.85
N ARG A 301 -44.38 -11.00 -17.69
CA ARG A 301 -44.00 -9.69 -18.22
C ARG A 301 -44.23 -9.61 -19.73
N LEU A 302 -43.86 -10.68 -20.43
CA LEU A 302 -44.07 -10.80 -21.86
C LEU A 302 -45.56 -10.76 -22.19
N VAL A 303 -46.29 -11.79 -21.75
CA VAL A 303 -47.73 -11.90 -21.97
C VAL A 303 -48.57 -10.70 -21.48
N VAL A 304 -47.98 -9.82 -20.68
CA VAL A 304 -48.61 -8.51 -20.45
C VAL A 304 -48.39 -7.75 -21.73
N ASN A 305 -47.21 -7.16 -21.87
CA ASN A 305 -46.79 -6.36 -23.02
C ASN A 305 -47.33 -6.81 -24.39
N ARG A 306 -47.39 -8.12 -24.64
CA ARG A 306 -47.97 -8.61 -25.90
C ARG A 306 -49.47 -8.28 -26.01
N LEU A 307 -50.20 -8.34 -24.90
CA LEU A 307 -51.62 -7.95 -24.93
C LEU A 307 -51.89 -6.52 -24.37
N GLY A 308 -50.82 -5.76 -24.14
CA GLY A 308 -50.91 -4.45 -23.51
C GLY A 308 -51.94 -4.48 -22.40
N LEU A 309 -51.67 -5.26 -21.37
CA LEU A 309 -52.66 -5.47 -20.32
C LEU A 309 -52.74 -4.29 -19.37
N ASP A 310 -51.68 -3.50 -19.40
CA ASP A 310 -51.56 -2.29 -18.63
C ASP A 310 -51.66 -1.15 -19.62
N SER A 311 -52.89 -0.69 -19.84
CA SER A 311 -53.15 0.32 -20.84
C SER A 311 -54.21 1.22 -20.27
N LEU A 312 -54.99 0.64 -19.37
CA LEU A 312 -56.05 1.37 -18.72
C LEU A 312 -55.71 1.62 -17.24
N ALA A 313 -54.72 0.88 -16.76
CA ALA A 313 -54.24 0.96 -15.39
C ALA A 313 -53.15 -0.09 -15.35
N PRO A 314 -52.27 -0.05 -14.33
CA PRO A 314 -51.22 -1.07 -14.41
C PRO A 314 -51.73 -2.43 -13.97
N PHE A 315 -51.05 -3.49 -14.41
CA PHE A 315 -51.45 -4.85 -14.11
C PHE A 315 -50.50 -5.48 -13.09
N ASP A 316 -50.90 -5.48 -11.83
CA ASP A 316 -50.05 -6.00 -10.77
C ASP A 316 -50.26 -7.51 -10.64
N PRO A 317 -49.35 -8.30 -11.18
CA PRO A 317 -49.77 -9.70 -11.29
C PRO A 317 -49.81 -10.30 -9.89
N LYS A 318 -49.03 -9.71 -9.00
CA LYS A 318 -48.92 -10.18 -7.64
C LYS A 318 -50.25 -10.02 -6.87
N GLU A 319 -51.25 -9.47 -7.55
CA GLU A 319 -52.46 -9.00 -6.90
C GLU A 319 -53.67 -9.24 -7.80
N ARG A 320 -53.41 -9.69 -9.02
CA ARG A 320 -54.45 -9.93 -10.00
C ARG A 320 -54.63 -11.42 -10.23
N ILE A 321 -53.55 -12.19 -10.06
CA ILE A 321 -53.59 -13.64 -10.27
C ILE A 321 -54.01 -14.39 -9.02
N ILE A 322 -54.92 -15.36 -9.19
CA ILE A 322 -55.39 -16.10 -8.05
C ILE A 322 -54.27 -16.88 -7.40
N GLU A 323 -53.63 -17.78 -8.15
CA GLU A 323 -52.56 -18.65 -7.61
C GLU A 323 -51.42 -17.91 -6.90
N TYR A 324 -51.38 -16.59 -7.06
CA TYR A 324 -50.42 -15.74 -6.37
C TYR A 324 -51.08 -15.07 -5.18
N LEU A 325 -52.34 -14.69 -5.33
CA LEU A 325 -53.08 -14.11 -4.23
C LEU A 325 -53.14 -15.06 -3.06
N VAL A 326 -53.53 -16.30 -3.35
CA VAL A 326 -53.58 -17.36 -2.34
C VAL A 326 -52.72 -18.57 -2.73
N PRO A 327 -51.41 -18.51 -2.44
CA PRO A 327 -50.46 -19.61 -2.70
C PRO A 327 -50.88 -20.92 -2.03
N ASP A 328 -50.28 -22.04 -2.43
CA ASP A 328 -50.68 -23.35 -1.88
C ASP A 328 -49.70 -23.98 -0.86
N SER A 329 -49.66 -23.38 0.32
CA SER A 329 -48.76 -23.79 1.40
C SER A 329 -49.15 -25.13 2.05
N GLY A 330 -50.28 -25.14 2.75
CA GLY A 330 -50.64 -26.24 3.64
C GLY A 330 -50.44 -25.87 5.12
N PRO A 331 -50.23 -26.89 5.98
CA PRO A 331 -50.08 -26.68 7.42
C PRO A 331 -48.61 -26.52 7.84
N GLU A 332 -48.34 -25.51 8.68
CA GLU A 332 -46.97 -25.18 9.11
C GLU A 332 -46.11 -24.81 7.90
N GLN A 333 -45.01 -24.10 8.15
CA GLN A 333 -44.16 -23.59 7.08
C GLN A 333 -43.19 -24.65 6.59
N SER A 334 -42.66 -24.42 5.39
CA SER A 334 -41.65 -25.28 4.80
C SER A 334 -40.29 -24.95 5.39
N LEU A 335 -39.40 -25.94 5.42
CA LEU A 335 -38.00 -25.67 5.70
C LEU A 335 -37.40 -24.88 4.54
N LEU A 336 -37.93 -25.13 3.35
CA LEU A 336 -37.55 -24.38 2.14
C LEU A 336 -37.44 -22.91 2.38
N ASP A 337 -38.12 -22.42 3.42
CA ASP A 337 -38.17 -21.01 3.69
C ASP A 337 -37.29 -20.50 4.82
N ALA A 338 -36.59 -21.37 5.53
CA ALA A 338 -35.70 -20.83 6.55
C ALA A 338 -34.28 -21.02 6.13
N SER A 339 -33.43 -20.05 6.48
CA SER A 339 -32.05 -19.92 5.96
C SER A 339 -31.24 -21.19 5.76
N LEU A 340 -30.29 -21.15 4.84
CA LEU A 340 -29.43 -22.32 4.64
C LEU A 340 -28.92 -22.83 6.00
N ARG A 341 -28.29 -21.94 6.77
CA ARG A 341 -27.85 -22.28 8.12
C ARG A 341 -28.95 -22.98 8.88
N ALA A 342 -30.16 -22.47 8.81
CA ALA A 342 -31.28 -23.09 9.52
C ALA A 342 -31.50 -24.51 9.06
N PHE A 343 -31.66 -24.69 7.77
CA PHE A 343 -31.79 -26.02 7.22
C PHE A 343 -30.67 -27.00 7.70
N VAL A 344 -29.40 -26.66 7.48
CA VAL A 344 -28.30 -27.56 7.92
C VAL A 344 -28.37 -27.84 9.41
N ARG A 345 -28.42 -26.77 10.19
CA ARG A 345 -28.32 -26.89 11.63
C ARG A 345 -29.71 -27.20 12.18
N GLU A 346 -30.33 -28.18 11.50
CA GLU A 346 -31.72 -28.54 11.65
C GLU A 346 -31.84 -30.02 11.37
N VAL A 347 -31.56 -30.43 10.15
CA VAL A 347 -31.46 -31.86 9.84
C VAL A 347 -30.67 -32.57 10.96
N GLY A 348 -29.53 -31.99 11.30
CA GLY A 348 -28.69 -32.45 12.40
C GLY A 348 -29.17 -32.08 13.80
N ALA A 349 -30.40 -31.63 13.94
CA ALA A 349 -30.95 -31.58 15.28
C ALA A 349 -31.27 -33.01 15.66
N ARG A 350 -31.58 -33.24 16.93
CA ARG A 350 -32.17 -34.51 17.38
C ARG A 350 -33.45 -34.83 16.57
N SER A 351 -33.54 -34.12 15.45
CA SER A 351 -34.60 -34.24 14.47
C SER A 351 -34.61 -35.64 13.93
N ALA A 352 -35.63 -36.39 14.31
CA ALA A 352 -36.03 -37.50 13.47
C ALA A 352 -36.55 -36.91 12.14
N ALA A 353 -37.02 -35.65 12.24
CA ALA A 353 -37.78 -34.90 11.20
C ALA A 353 -37.05 -34.59 9.87
N PRO A 354 -36.40 -33.40 9.72
CA PRO A 354 -35.64 -33.29 8.48
C PRO A 354 -34.52 -34.32 8.51
N GLY A 355 -34.03 -34.75 7.35
CA GLY A 355 -32.90 -35.67 7.34
C GLY A 355 -33.00 -36.76 6.29
N GLY A 356 -31.84 -37.37 5.98
CA GLY A 356 -31.74 -38.44 4.99
C GLY A 356 -32.44 -38.16 3.67
N GLY A 357 -33.69 -38.62 3.59
CA GLY A 357 -34.51 -38.44 2.41
C GLY A 357 -34.60 -37.00 1.96
N SER A 358 -34.37 -36.11 2.91
CA SER A 358 -34.44 -34.72 2.65
C SER A 358 -33.14 -34.18 2.11
N VAL A 359 -32.05 -34.40 2.82
CA VAL A 359 -30.78 -33.94 2.29
C VAL A 359 -30.53 -34.61 0.95
N ALA A 360 -31.06 -35.81 0.75
CA ALA A 360 -31.04 -36.42 -0.58
C ALA A 360 -31.59 -35.46 -1.59
N ALA A 361 -32.85 -35.06 -1.41
CA ALA A 361 -33.49 -34.10 -2.30
C ALA A 361 -32.68 -32.83 -2.52
N ALA A 362 -32.17 -32.23 -1.44
CA ALA A 362 -31.48 -30.94 -1.56
C ALA A 362 -30.14 -31.05 -2.25
N VAL A 363 -29.36 -32.06 -1.92
CA VAL A 363 -28.13 -32.31 -2.66
C VAL A 363 -28.44 -32.48 -4.15
N ALA A 364 -29.56 -33.12 -4.46
CA ALA A 364 -29.93 -33.35 -5.85
C ALA A 364 -30.38 -32.06 -6.53
N ALA A 365 -31.06 -31.21 -5.77
CA ALA A 365 -31.52 -29.96 -6.32
C ALA A 365 -30.34 -29.01 -6.47
N LEU A 366 -29.36 -29.14 -5.58
CA LEU A 366 -28.14 -28.38 -5.76
C LEU A 366 -27.56 -28.86 -7.06
N GLY A 367 -27.73 -30.14 -7.31
CA GLY A 367 -27.08 -30.75 -8.45
C GLY A 367 -27.55 -30.12 -9.75
N ALA A 368 -28.85 -30.23 -9.97
CA ALA A 368 -29.49 -29.72 -11.17
C ALA A 368 -29.13 -28.26 -11.37
N ALA A 369 -29.31 -27.49 -10.31
CA ALA A 369 -29.12 -26.04 -10.38
C ALA A 369 -27.73 -25.69 -10.88
N LEU A 370 -26.72 -26.47 -10.51
CA LEU A 370 -25.39 -26.23 -11.02
C LEU A 370 -25.37 -26.36 -12.52
N ALA A 371 -25.95 -27.45 -13.04
CA ALA A 371 -25.95 -27.71 -14.49
C ALA A 371 -26.71 -26.62 -15.18
N SER A 372 -27.85 -26.29 -14.62
CA SER A 372 -28.60 -25.15 -15.09
C SER A 372 -27.70 -23.90 -15.22
N MSE A 373 -26.86 -23.65 -14.24
CA MSE A 373 -26.09 -22.41 -14.20
C MSE A 373 -24.97 -22.31 -15.18
O MSE A 373 -24.63 -21.21 -15.62
CB MSE A 373 -25.49 -22.21 -12.82
CG MSE A 373 -24.20 -21.39 -12.86
SE MSE A 373 -22.92 -22.02 -11.46
CE MSE A 373 -23.25 -20.70 -10.07
N VAL A 374 -24.33 -23.44 -15.44
CA VAL A 374 -23.32 -23.50 -16.47
C VAL A 374 -23.98 -23.30 -17.83
N GLY A 375 -25.20 -23.81 -17.95
CA GLY A 375 -25.97 -23.67 -19.18
C GLY A 375 -26.08 -22.21 -19.48
N GLN A 376 -26.46 -21.47 -18.47
CA GLN A 376 -26.63 -20.03 -18.55
C GLN A 376 -25.28 -19.35 -18.57
N MSE A 377 -24.27 -19.98 -18.02
CA MSE A 377 -22.97 -19.38 -18.07
C MSE A 377 -22.40 -19.49 -19.46
O MSE A 377 -21.46 -18.79 -19.78
CB MSE A 377 -22.01 -20.14 -17.21
CG MSE A 377 -21.55 -19.50 -15.99
SE MSE A 377 -21.51 -17.62 -15.41
CE MSE A 377 -22.18 -16.35 -16.82
N THR A 378 -22.94 -20.40 -20.25
CA THR A 378 -22.52 -20.62 -21.61
C THR A 378 -23.48 -19.95 -22.57
N TYR A 379 -24.31 -19.06 -22.05
CA TYR A 379 -25.39 -18.49 -22.81
C TYR A 379 -25.29 -16.99 -22.86
N GLY A 380 -26.10 -16.36 -23.71
CA GLY A 380 -25.97 -14.94 -23.96
C GLY A 380 -24.63 -14.68 -24.60
N ARG A 381 -23.79 -13.91 -23.91
CA ARG A 381 -22.45 -13.50 -24.35
C ARG A 381 -22.05 -14.07 -25.71
N ARG A 382 -21.91 -13.18 -26.71
CA ARG A 382 -21.34 -13.57 -28.00
C ARG A 382 -20.09 -14.42 -27.79
N GLN A 383 -19.75 -15.24 -28.77
CA GLN A 383 -18.68 -16.23 -28.65
C GLN A 383 -19.29 -17.61 -28.47
N PHE A 384 -20.30 -17.71 -27.63
CA PHE A 384 -21.00 -18.97 -27.43
C PHE A 384 -22.16 -19.10 -28.41
N ASP A 385 -22.22 -18.19 -29.36
CA ASP A 385 -23.36 -18.10 -30.26
C ASP A 385 -23.71 -19.45 -30.85
N HIS A 386 -22.70 -20.16 -31.33
CA HIS A 386 -22.90 -21.42 -32.05
C HIS A 386 -23.56 -22.48 -31.18
N LEU A 387 -23.73 -22.14 -29.92
CA LEU A 387 -24.34 -23.04 -28.96
C LEU A 387 -25.65 -22.51 -28.40
N ASP A 388 -26.08 -21.31 -28.80
CA ASP A 388 -27.35 -20.77 -28.32
C ASP A 388 -28.51 -21.74 -28.50
N SER A 389 -28.56 -22.34 -29.67
CA SER A 389 -29.60 -23.28 -29.97
C SER A 389 -29.59 -24.44 -28.97
N THR A 390 -28.41 -25.02 -28.74
CA THR A 390 -28.27 -26.08 -27.74
C THR A 390 -28.54 -25.58 -26.31
N MSE A 391 -27.90 -24.50 -25.88
CA MSE A 391 -28.16 -23.98 -24.52
C MSE A 391 -29.64 -23.77 -24.23
O MSE A 391 -30.12 -24.22 -23.21
CB MSE A 391 -27.39 -22.69 -24.23
CG MSE A 391 -25.91 -22.89 -23.98
SE MSE A 391 -25.37 -24.54 -22.97
CE MSE A 391 -25.14 -25.85 -24.48
N ARG A 392 -30.36 -23.13 -25.14
CA ARG A 392 -31.82 -23.02 -25.07
C ARG A 392 -32.54 -24.35 -24.91
N ARG A 393 -31.94 -25.42 -25.42
CA ARG A 393 -32.63 -26.69 -25.42
C ARG A 393 -32.56 -27.34 -24.03
N LEU A 394 -31.47 -27.10 -23.34
CA LEU A 394 -31.17 -27.90 -22.17
C LEU A 394 -31.09 -27.16 -20.84
N ILE A 395 -30.90 -25.85 -20.86
CA ILE A 395 -30.93 -25.05 -19.63
C ILE A 395 -32.23 -25.27 -18.87
N PRO A 396 -33.37 -25.32 -19.56
CA PRO A 396 -34.65 -25.57 -18.93
C PRO A 396 -34.79 -26.86 -18.10
N PRO A 397 -34.82 -28.04 -18.73
CA PRO A 397 -35.02 -29.27 -17.98
C PRO A 397 -34.33 -29.29 -16.62
N PHE A 398 -33.12 -28.73 -16.56
CA PHE A 398 -32.30 -28.66 -15.34
C PHE A 398 -32.92 -27.71 -14.37
N HIS A 399 -33.07 -26.47 -14.81
CA HIS A 399 -33.77 -25.42 -14.07
C HIS A 399 -35.14 -25.85 -13.55
N ALA A 400 -36.01 -26.37 -14.40
CA ALA A 400 -37.33 -26.87 -13.98
C ALA A 400 -37.24 -28.10 -13.07
N ALA A 401 -36.40 -29.07 -13.42
CA ALA A 401 -36.18 -30.17 -12.52
C ALA A 401 -35.58 -29.68 -11.21
N SER A 402 -34.67 -28.72 -11.28
CA SER A 402 -34.06 -28.17 -10.07
C SER A 402 -35.13 -27.78 -9.05
N ALA A 403 -36.02 -26.89 -9.44
CA ALA A 403 -37.07 -26.42 -8.53
C ALA A 403 -37.95 -27.56 -8.06
N GLN A 404 -38.17 -28.54 -8.92
CA GLN A 404 -39.08 -29.63 -8.66
C GLN A 404 -38.61 -30.52 -7.54
N LEU A 405 -37.28 -30.70 -7.49
CA LEU A 405 -36.56 -31.47 -6.45
C LEU A 405 -36.47 -30.66 -5.18
N THR A 406 -36.27 -29.33 -5.30
CA THR A 406 -36.28 -28.42 -4.17
C THR A 406 -37.62 -28.59 -3.50
N SER A 407 -38.66 -28.77 -4.29
CA SER A 407 -39.96 -29.02 -3.72
C SER A 407 -40.10 -30.40 -3.08
N LEU A 408 -39.26 -31.36 -3.45
CA LEU A 408 -39.36 -32.66 -2.79
C LEU A 408 -38.96 -32.59 -1.32
N VAL A 409 -38.24 -31.53 -0.95
CA VAL A 409 -37.94 -31.30 0.46
C VAL A 409 -39.26 -31.38 1.23
N ASP A 410 -40.30 -30.73 0.70
CA ASP A 410 -41.63 -30.72 1.31
C ASP A 410 -42.24 -32.10 1.33
N ALA A 411 -42.71 -32.56 0.17
CA ALA A 411 -43.10 -33.94 -0.06
C ALA A 411 -42.62 -34.90 1.00
N ASP A 412 -41.29 -34.90 1.19
CA ASP A 412 -40.60 -35.74 2.17
C ASP A 412 -41.13 -35.50 3.56
N ALA A 413 -41.19 -34.24 3.95
CA ALA A 413 -41.63 -33.86 5.28
C ALA A 413 -43.12 -34.20 5.48
N ARG A 414 -43.91 -34.04 4.43
CA ARG A 414 -45.32 -34.39 4.47
C ARG A 414 -45.47 -35.89 4.69
N ALA A 415 -44.84 -36.67 3.82
CA ALA A 415 -44.80 -38.13 3.92
C ALA A 415 -44.56 -38.58 5.35
N PHE A 416 -43.41 -38.18 5.88
CA PHE A 416 -43.00 -38.55 7.23
C PHE A 416 -44.08 -38.25 8.27
N ALA A 417 -44.67 -37.07 8.16
CA ALA A 417 -45.62 -36.63 9.17
C ALA A 417 -46.90 -37.45 9.14
N ALA A 418 -47.24 -37.93 7.93
CA ALA A 418 -48.39 -38.79 7.72
C ALA A 418 -48.06 -40.18 8.22
N CYS A 419 -46.82 -40.62 8.01
CA CYS A 419 -46.36 -41.91 8.51
C CYS A 419 -46.42 -41.91 10.03
N LEU A 420 -46.03 -40.77 10.58
CA LEU A 420 -46.03 -40.56 12.01
C LEU A 420 -47.45 -40.54 12.56
N GLY A 421 -48.35 -39.88 11.84
CA GLY A 421 -49.77 -39.85 12.21
C GLY A 421 -50.41 -41.23 12.28
N ALA A 422 -50.01 -42.10 11.36
CA ALA A 422 -50.44 -43.48 11.39
C ALA A 422 -49.89 -44.15 12.66
N ILE A 423 -48.57 -44.25 12.77
CA ILE A 423 -47.91 -44.87 13.94
C ILE A 423 -48.58 -44.53 15.28
N LYS A 424 -48.88 -43.25 15.47
CA LYS A 424 -49.47 -42.73 16.71
C LYS A 424 -50.97 -43.09 16.85
N LEU A 425 -51.39 -44.15 16.17
CA LEU A 425 -52.81 -44.44 15.99
C LEU A 425 -53.27 -45.60 16.84
N PRO A 426 -54.31 -45.38 17.67
CA PRO A 426 -54.71 -46.21 18.79
C PRO A 426 -54.13 -47.61 18.70
N LYS A 427 -54.94 -48.57 18.25
CA LYS A 427 -54.51 -49.96 18.16
C LYS A 427 -55.54 -50.88 18.77
N ASN A 428 -55.38 -52.17 18.49
CA ASN A 428 -55.67 -53.23 19.45
C ASN A 428 -56.96 -54.01 19.29
N THR A 429 -58.08 -53.30 19.24
CA THR A 429 -59.36 -53.93 18.95
C THR A 429 -59.47 -54.10 17.43
N PRO A 430 -60.12 -55.19 16.97
CA PRO A 430 -59.97 -55.66 15.59
C PRO A 430 -60.28 -54.54 14.58
N GLU A 431 -61.30 -53.74 14.91
CA GLU A 431 -61.74 -52.62 14.08
C GLU A 431 -60.64 -51.60 13.84
N GLU A 432 -59.89 -51.25 14.90
CA GLU A 432 -58.71 -50.41 14.70
C GLU A 432 -57.39 -51.00 15.21
N ARG A 433 -57.03 -52.13 14.63
CA ARG A 433 -55.66 -52.59 14.62
C ARG A 433 -55.41 -52.90 13.15
N ASP A 434 -56.30 -53.71 12.59
CA ASP A 434 -56.27 -54.11 11.18
C ASP A 434 -56.61 -52.97 10.23
N ARG A 435 -56.96 -51.81 10.79
CA ARG A 435 -57.26 -50.62 10.00
C ARG A 435 -56.23 -49.55 10.24
N ARG A 436 -55.68 -49.54 11.47
CA ARG A 436 -54.51 -48.75 11.79
C ARG A 436 -53.34 -49.26 10.95
N THR A 437 -53.14 -50.57 10.96
CA THR A 437 -52.11 -51.21 10.16
C THR A 437 -52.25 -50.78 8.70
N CYS A 438 -53.47 -50.90 8.19
CA CYS A 438 -53.81 -50.63 6.79
C CYS A 438 -53.43 -49.22 6.30
N ALA A 439 -53.54 -48.24 7.20
CA ALA A 439 -53.19 -46.86 6.88
C ALA A 439 -51.68 -46.63 6.96
N LEU A 440 -51.02 -47.36 7.86
CA LEU A 440 -49.57 -47.23 8.01
C LEU A 440 -48.84 -47.65 6.75
N GLN A 441 -49.32 -48.73 6.14
CA GLN A 441 -48.85 -49.23 4.85
C GLN A 441 -49.03 -48.17 3.77
N GLU A 442 -50.23 -47.61 3.70
CA GLU A 442 -50.50 -46.46 2.83
C GLU A 442 -49.62 -45.26 3.22
N GLY A 443 -49.17 -45.26 4.48
CA GLY A 443 -48.16 -44.31 4.94
C GLY A 443 -46.90 -44.56 4.12
N LEU A 444 -46.09 -45.53 4.54
CA LEU A 444 -44.87 -45.91 3.82
C LEU A 444 -45.03 -45.71 2.31
N ARG A 445 -46.13 -46.20 1.73
CA ARG A 445 -46.43 -45.97 0.33
C ARG A 445 -45.92 -44.61 -0.14
N GLN A 446 -46.41 -43.55 0.50
CA GLN A 446 -45.98 -42.18 0.21
C GLN A 446 -44.53 -42.02 0.55
N ALA A 447 -44.16 -42.42 1.76
CA ALA A 447 -42.79 -42.30 2.21
C ALA A 447 -41.84 -42.76 1.13
N VAL A 448 -42.19 -43.89 0.50
CA VAL A 448 -41.41 -44.49 -0.60
C VAL A 448 -41.46 -43.63 -1.85
N ALA A 449 -42.69 -43.37 -2.28
CA ALA A 449 -42.95 -42.68 -3.54
C ALA A 449 -42.16 -41.38 -3.79
N VAL A 450 -41.80 -40.64 -2.74
CA VAL A 450 -41.05 -39.40 -2.98
C VAL A 450 -39.60 -39.66 -3.37
N PRO A 451 -38.80 -40.36 -2.54
CA PRO A 451 -37.45 -40.69 -3.01
C PRO A 451 -37.43 -41.28 -4.43
N LEU A 452 -38.36 -42.21 -4.68
CA LEU A 452 -38.57 -42.84 -5.96
C LEU A 452 -38.71 -41.77 -7.02
N LYS A 453 -39.61 -40.80 -6.81
CA LYS A 453 -39.73 -39.68 -7.74
C LYS A 453 -38.37 -39.04 -7.88
N LEU A 454 -37.81 -38.59 -6.75
CA LEU A 454 -36.50 -37.96 -6.72
C LEU A 454 -35.49 -38.69 -7.61
N ALA A 455 -35.56 -40.02 -7.64
CA ALA A 455 -34.71 -40.77 -8.55
C ALA A 455 -35.20 -40.57 -9.97
N GLU A 456 -36.34 -41.16 -10.29
CA GLU A 456 -36.95 -40.97 -11.57
C GLU A 456 -36.64 -39.61 -12.16
N THR A 457 -36.88 -38.53 -11.40
CA THR A 457 -36.69 -37.19 -11.96
C THR A 457 -35.23 -36.87 -12.30
N VAL A 458 -34.30 -37.20 -11.41
CA VAL A 458 -32.91 -36.89 -11.65
C VAL A 458 -32.40 -37.73 -12.82
N SER A 459 -32.98 -38.92 -12.96
CA SER A 459 -32.59 -39.90 -13.98
C SER A 459 -32.88 -39.47 -15.43
N GLN A 460 -33.71 -38.45 -15.58
CA GLN A 460 -33.98 -37.91 -16.90
C GLN A 460 -32.96 -36.89 -17.34
N LEU A 461 -32.30 -36.26 -16.37
CA LEU A 461 -31.40 -35.18 -16.69
C LEU A 461 -30.11 -35.72 -17.26
N TRP A 462 -29.83 -36.98 -16.97
CA TRP A 462 -28.59 -37.60 -17.37
C TRP A 462 -28.15 -37.23 -18.81
N PRO A 463 -28.96 -37.58 -19.84
CA PRO A 463 -28.43 -37.37 -21.19
C PRO A 463 -28.11 -35.92 -21.49
N ALA A 464 -28.96 -35.01 -21.01
CA ALA A 464 -28.71 -33.59 -21.22
C ALA A 464 -27.49 -33.14 -20.45
N LEU A 465 -27.31 -33.70 -19.25
CA LEU A 465 -26.10 -33.45 -18.48
C LEU A 465 -24.88 -33.87 -19.29
N GLN A 466 -25.04 -35.01 -19.95
CA GLN A 466 -24.00 -35.64 -20.71
C GLN A 466 -23.54 -34.75 -21.85
N GLU A 467 -24.51 -34.15 -22.52
CA GLU A 467 -24.27 -33.28 -23.67
C GLU A 467 -23.80 -31.91 -23.23
N LEU A 468 -24.28 -31.48 -22.07
CA LEU A 468 -23.90 -30.19 -21.57
C LEU A 468 -22.46 -30.29 -21.23
N ALA A 469 -22.02 -31.50 -20.88
CA ALA A 469 -20.67 -31.73 -20.42
C ALA A 469 -19.71 -31.73 -21.58
N GLN A 470 -20.25 -31.96 -22.77
CA GLN A 470 -19.44 -31.99 -23.98
C GLN A 470 -18.83 -30.62 -24.27
N CYS A 471 -19.67 -29.68 -24.70
CA CYS A 471 -19.30 -28.27 -24.76
C CYS A 471 -19.68 -27.67 -23.41
N GLY A 472 -20.32 -26.51 -23.39
CA GLY A 472 -20.83 -25.97 -22.14
C GLY A 472 -19.71 -25.31 -21.38
N ASN A 473 -19.70 -23.98 -21.41
CA ASN A 473 -18.53 -23.17 -21.13
C ASN A 473 -17.25 -23.96 -21.17
N LEU A 474 -16.65 -24.14 -20.00
CA LEU A 474 -15.39 -24.86 -19.84
C LEU A 474 -14.74 -24.32 -18.62
N SER A 475 -15.00 -23.04 -18.35
CA SER A 475 -14.46 -22.43 -17.16
C SER A 475 -15.29 -22.82 -15.96
N CYS A 476 -16.41 -23.51 -16.20
CA CYS A 476 -17.21 -24.06 -15.14
C CYS A 476 -16.97 -25.54 -14.98
N LEU A 477 -15.87 -26.03 -15.56
CA LEU A 477 -15.56 -27.45 -15.53
C LEU A 477 -15.85 -27.98 -14.12
N SER A 478 -15.12 -27.44 -13.15
CA SER A 478 -15.38 -27.70 -11.76
C SER A 478 -16.86 -27.84 -11.49
N ASP A 479 -17.62 -26.78 -11.77
CA ASP A 479 -19.03 -26.70 -11.41
C ASP A 479 -19.81 -27.87 -11.99
N LEU A 480 -19.40 -28.35 -13.15
CA LEU A 480 -20.09 -29.47 -13.77
C LEU A 480 -19.75 -30.75 -13.05
N GLN A 481 -18.48 -30.91 -12.71
CA GLN A 481 -18.02 -32.10 -11.98
C GLN A 481 -18.77 -32.30 -10.67
N VAL A 482 -18.80 -31.25 -9.84
CA VAL A 482 -19.61 -31.26 -8.62
C VAL A 482 -21.03 -31.63 -9.02
N ALA A 483 -21.54 -30.98 -10.09
CA ALA A 483 -22.94 -31.17 -10.48
C ALA A 483 -23.17 -32.65 -10.71
N ALA A 484 -22.31 -33.25 -11.52
CA ALA A 484 -22.44 -34.65 -11.87
C ALA A 484 -22.45 -35.43 -10.58
N LYS A 485 -21.44 -35.17 -9.77
CA LYS A 485 -21.31 -35.90 -8.52
C LYS A 485 -22.49 -35.69 -7.57
N ALA A 486 -23.08 -34.49 -7.58
CA ALA A 486 -24.19 -34.19 -6.66
C ALA A 486 -25.47 -34.91 -7.02
N LEU A 487 -25.82 -34.88 -8.30
CA LEU A 487 -26.95 -35.65 -8.80
C LEU A 487 -26.76 -37.12 -8.52
N GLU A 488 -25.51 -37.58 -8.53
CA GLU A 488 -25.26 -38.98 -8.28
C GLU A 488 -25.65 -39.39 -6.88
N THR A 489 -25.19 -38.62 -5.91
CA THR A 489 -25.39 -39.02 -4.54
C THR A 489 -26.85 -38.76 -4.25
N GLY A 490 -27.43 -37.86 -5.02
CA GLY A 490 -28.86 -37.61 -4.96
C GLY A 490 -29.61 -38.92 -5.10
N VAL A 491 -29.36 -39.60 -6.19
CA VAL A 491 -29.92 -40.91 -6.46
C VAL A 491 -29.49 -41.95 -5.43
N PHE A 492 -28.26 -41.88 -4.93
CA PHE A 492 -27.87 -42.78 -3.86
C PHE A 492 -28.83 -42.60 -2.71
N GLY A 493 -28.94 -41.38 -2.21
CA GLY A 493 -29.87 -41.08 -1.15
C GLY A 493 -31.22 -41.68 -1.49
N ALA A 494 -31.72 -41.32 -2.67
CA ALA A 494 -33.02 -41.80 -3.13
C ALA A 494 -33.08 -43.30 -2.98
N TYR A 495 -32.12 -43.99 -3.59
CA TYR A 495 -32.02 -45.43 -3.46
C TYR A 495 -32.24 -45.87 -2.01
N PHE A 496 -31.32 -45.52 -1.11
CA PHE A 496 -31.33 -46.07 0.24
C PHE A 496 -32.72 -45.91 0.81
N ASN A 497 -33.24 -44.70 0.66
CA ASN A 497 -34.44 -44.30 1.36
C ASN A 497 -35.64 -45.11 0.92
N VAL A 498 -35.63 -45.53 -0.34
CA VAL A 498 -36.66 -46.41 -0.83
C VAL A 498 -36.54 -47.74 -0.12
N LEU A 499 -35.43 -48.44 -0.32
CA LEU A 499 -35.20 -49.68 0.40
C LEU A 499 -35.71 -49.65 1.84
N ILE A 500 -35.04 -48.90 2.72
CA ILE A 500 -35.39 -48.93 4.15
C ILE A 500 -36.89 -48.88 4.44
N ASN A 501 -37.67 -48.22 3.56
CA ASN A 501 -39.12 -48.21 3.73
C ASN A 501 -39.77 -49.49 3.26
N LEU A 502 -39.41 -49.91 2.06
CA LEU A 502 -39.88 -51.18 1.52
C LEU A 502 -39.70 -52.32 2.53
N LYS A 503 -38.84 -52.10 3.52
CA LYS A 503 -38.66 -53.11 4.53
C LYS A 503 -39.96 -53.41 5.25
N ASP A 504 -40.66 -52.37 5.68
CA ASP A 504 -41.92 -52.56 6.41
C ASP A 504 -43.10 -52.69 5.47
N MSE A 505 -42.83 -52.69 4.18
CA MSE A 505 -43.86 -52.90 3.18
C MSE A 505 -44.27 -54.38 3.07
O MSE A 505 -43.40 -55.27 3.04
CB MSE A 505 -43.41 -52.37 1.81
CG MSE A 505 -43.07 -50.87 1.78
SE MSE A 505 -44.51 -49.60 1.16
CE MSE A 505 -44.75 -50.31 -0.72
N THR A 506 -45.57 -54.63 3.05
CA THR A 506 -46.12 -55.91 2.62
C THR A 506 -46.90 -55.64 1.35
N ASP A 507 -46.75 -56.56 0.38
CA ASP A 507 -47.18 -56.34 -1.01
C ASP A 507 -45.96 -56.59 -1.90
N ASP A 508 -45.54 -57.84 -1.95
CA ASP A 508 -44.24 -58.21 -2.52
C ASP A 508 -44.10 -57.80 -3.98
N VAL A 509 -45.20 -57.89 -4.74
CA VAL A 509 -45.23 -57.44 -6.12
C VAL A 509 -44.67 -56.03 -6.19
N PHE A 510 -45.48 -55.07 -5.73
CA PHE A 510 -45.08 -53.65 -5.60
C PHE A 510 -43.64 -53.54 -5.14
N LYS A 511 -43.34 -54.21 -4.03
CA LYS A 511 -41.99 -54.30 -3.51
C LYS A 511 -40.98 -54.70 -4.57
N GLU A 512 -40.77 -56.01 -4.72
CA GLU A 512 -39.88 -56.58 -5.73
C GLU A 512 -39.76 -55.69 -6.97
N LYS A 513 -40.88 -55.23 -7.52
CA LYS A 513 -40.84 -54.29 -8.65
C LYS A 513 -40.10 -52.97 -8.36
N THR A 514 -40.51 -52.28 -7.30
CA THR A 514 -39.85 -51.03 -6.88
C THR A 514 -38.40 -51.27 -6.52
N ARG A 515 -38.14 -52.35 -5.78
CA ARG A 515 -36.79 -52.69 -5.39
C ARG A 515 -35.89 -52.59 -6.61
N HIS A 516 -36.37 -53.18 -7.69
CA HIS A 516 -35.55 -53.38 -8.88
C HIS A 516 -35.43 -52.12 -9.71
N ARG A 517 -36.57 -51.46 -9.91
CA ARG A 517 -36.59 -50.19 -10.57
C ARG A 517 -35.60 -49.25 -9.88
N ILE A 518 -35.65 -49.20 -8.57
CA ILE A 518 -34.80 -48.28 -7.88
C ILE A 518 -33.34 -48.55 -8.18
N SER A 519 -32.93 -49.81 -8.12
CA SER A 519 -31.51 -50.16 -8.19
C SER A 519 -30.88 -49.85 -9.56
N SER A 520 -31.60 -50.21 -10.60
CA SER A 520 -31.24 -49.87 -11.96
C SER A 520 -30.92 -48.39 -12.06
N LEU A 521 -31.83 -47.59 -11.54
CA LEU A 521 -31.66 -46.16 -11.52
C LEU A 521 -30.39 -45.74 -10.79
N LEU A 522 -30.13 -46.38 -9.66
CA LEU A 522 -28.90 -46.15 -8.91
C LEU A 522 -27.74 -46.53 -9.80
N GLN A 523 -27.83 -47.72 -10.40
CA GLN A 523 -26.83 -48.22 -11.29
C GLN A 523 -26.58 -47.23 -12.42
N GLU A 524 -27.66 -46.82 -13.07
CA GLU A 524 -27.58 -45.86 -14.15
C GLU A 524 -26.90 -44.61 -13.65
N ALA A 525 -27.29 -44.17 -12.47
CA ALA A 525 -26.67 -43.02 -11.86
C ALA A 525 -25.18 -43.28 -11.77
N LYS A 526 -24.79 -44.43 -11.22
CA LYS A 526 -23.38 -44.78 -11.00
C LYS A 526 -22.56 -44.67 -12.29
N THR A 527 -23.04 -45.31 -13.37
CA THR A 527 -22.32 -45.31 -14.63
C THR A 527 -22.40 -43.97 -15.29
N GLN A 528 -23.59 -43.42 -15.35
CA GLN A 528 -23.82 -42.20 -16.10
C GLN A 528 -22.90 -41.13 -15.57
N ALA A 529 -23.01 -40.91 -14.26
CA ALA A 529 -22.20 -39.95 -13.55
C ALA A 529 -20.75 -40.02 -13.97
N ALA A 530 -20.30 -41.25 -14.25
CA ALA A 530 -18.92 -41.50 -14.61
C ALA A 530 -18.55 -40.78 -15.89
N LEU A 531 -19.09 -41.24 -17.01
CA LEU A 531 -18.71 -40.67 -18.30
C LEU A 531 -18.81 -39.15 -18.32
N VAL A 532 -19.88 -38.61 -17.77
CA VAL A 532 -19.94 -37.17 -17.59
C VAL A 532 -18.56 -36.70 -17.12
N LEU A 533 -18.19 -37.18 -15.93
CA LEU A 533 -16.88 -36.95 -15.35
C LEU A 533 -15.73 -37.29 -16.27
N GLY A 534 -15.89 -38.40 -17.00
CA GLY A 534 -14.98 -38.73 -18.06
C GLY A 534 -14.96 -37.51 -18.95
N SER A 535 -15.97 -37.36 -19.79
CA SER A 535 -16.00 -36.27 -20.77
C SER A 535 -15.25 -35.09 -20.23
N LEU A 536 -15.65 -34.64 -19.05
CA LEU A 536 -15.10 -33.43 -18.52
C LEU A 536 -13.59 -33.52 -18.47
N GLU A 537 -13.11 -34.55 -17.81
CA GLU A 537 -11.69 -34.81 -17.69
C GLU A 537 -11.02 -34.78 -19.06
N ALA A 538 -11.54 -35.58 -19.99
CA ALA A 538 -10.98 -35.66 -21.34
C ALA A 538 -11.18 -34.35 -22.04
N ARG A 539 -12.01 -33.49 -21.48
CA ARG A 539 -12.14 -32.18 -22.06
C ARG A 539 -10.90 -31.32 -21.72
N LYS A 540 -10.60 -31.14 -20.42
CA LYS A 540 -9.35 -30.51 -19.91
C LYS A 540 -8.23 -30.37 -20.96
N GLU A 541 -8.30 -29.29 -21.75
CA GLU A 541 -7.54 -29.11 -23.03
C GLU A 541 -6.48 -27.97 -22.98
N SER B 2 -15.36 -9.90 12.65
CA SER B 2 -14.09 -10.56 13.00
C SER B 2 -13.03 -9.46 13.06
N GLN B 3 -12.02 -9.65 13.91
CA GLN B 3 -10.99 -8.63 14.16
C GLN B 3 -11.49 -7.56 15.14
N LEU B 4 -11.98 -7.99 16.31
CA LEU B 4 -12.59 -7.07 17.27
C LEU B 4 -11.67 -6.46 18.33
N VAL B 5 -11.69 -5.13 18.39
CA VAL B 5 -10.97 -4.35 19.39
C VAL B 5 -11.91 -3.43 20.17
N GLU B 6 -11.89 -3.60 21.49
CA GLU B 6 -12.65 -2.77 22.41
C GLU B 6 -11.86 -1.51 22.72
N CYS B 7 -12.57 -0.41 22.93
CA CYS B 7 -11.94 0.87 23.19
C CYS B 7 -12.78 1.69 24.16
N VAL B 8 -12.21 1.95 25.33
CA VAL B 8 -12.92 2.54 26.47
C VAL B 8 -12.37 3.92 26.85
N PRO B 9 -12.71 4.96 26.05
CA PRO B 9 -12.32 6.31 26.43
C PRO B 9 -12.92 6.73 27.76
N ASN B 10 -12.05 7.22 28.64
CA ASN B 10 -12.41 7.73 29.96
C ASN B 10 -12.61 9.24 29.84
N PHE B 11 -13.86 9.66 29.67
CA PHE B 11 -14.14 11.08 29.49
C PHE B 11 -14.46 11.79 30.78
N SER B 12 -13.81 12.95 30.96
CA SER B 12 -14.05 13.80 32.11
C SER B 12 -15.34 14.56 31.90
N GLU B 13 -16.43 13.83 32.17
CA GLU B 13 -17.81 14.26 31.97
C GLU B 13 -18.09 15.67 32.40
N GLY B 14 -17.82 16.82 31.79
CA GLY B 14 -18.37 18.02 32.52
C GLY B 14 -19.69 17.89 33.32
N ASN B 15 -20.50 16.87 32.99
CA ASN B 15 -21.80 16.61 33.62
C ASN B 15 -22.82 17.49 32.97
N ASN B 16 -23.40 17.00 31.88
CA ASN B 16 -24.47 17.72 31.21
C ASN B 16 -24.67 17.22 29.78
N GLN B 17 -25.83 16.60 29.60
CA GLN B 17 -26.24 15.94 28.36
C GLN B 17 -25.50 16.42 27.13
N GLU B 18 -25.70 17.69 26.79
CA GLU B 18 -25.07 18.33 25.63
C GLU B 18 -23.62 17.91 25.40
N VAL B 19 -22.87 17.72 26.48
CA VAL B 19 -21.50 17.26 26.39
C VAL B 19 -21.47 15.77 26.07
N ILE B 20 -22.17 14.98 26.90
CA ILE B 20 -22.16 13.50 26.79
C ILE B 20 -22.62 13.01 25.41
N ASP B 21 -23.91 13.24 25.12
CA ASP B 21 -24.59 12.73 23.93
C ASP B 21 -23.97 13.26 22.63
N ALA B 22 -23.17 14.32 22.75
CA ALA B 22 -22.49 14.92 21.62
C ALA B 22 -21.20 14.17 21.32
N ILE B 23 -20.38 13.96 22.34
CA ILE B 23 -19.26 13.02 22.24
C ILE B 23 -19.80 11.68 21.73
N SER B 24 -20.82 11.17 22.44
CA SER B 24 -21.37 9.82 22.21
C SER B 24 -21.99 9.62 20.81
N GLN B 25 -22.14 10.71 20.05
CA GLN B 25 -22.56 10.62 18.66
C GLN B 25 -21.37 10.59 17.72
N ALA B 26 -20.50 11.60 17.84
CA ALA B 26 -19.29 11.74 17.02
C ALA B 26 -18.49 10.45 17.03
N ILE B 27 -18.54 9.76 18.16
CA ILE B 27 -17.99 8.41 18.27
C ILE B 27 -18.85 7.36 17.56
N SER B 28 -20.17 7.57 17.54
CA SER B 28 -21.08 6.60 16.93
C SER B 28 -21.40 6.91 15.46
N GLN B 29 -20.95 8.07 15.00
CA GLN B 29 -21.07 8.47 13.59
C GLN B 29 -19.71 8.31 12.88
N THR B 30 -18.81 7.56 13.53
CA THR B 30 -17.56 7.15 12.94
C THR B 30 -17.75 5.76 12.30
N PRO B 31 -17.48 5.66 10.99
CA PRO B 31 -17.78 4.38 10.34
C PRO B 31 -16.76 3.31 10.73
N GLY B 32 -17.25 2.13 11.11
CA GLY B 32 -16.38 0.98 11.35
C GLY B 32 -16.26 0.58 12.81
N CYS B 33 -16.91 1.33 13.69
CA CYS B 33 -17.03 0.95 15.09
C CYS B 33 -18.50 1.01 15.53
N VAL B 34 -18.81 0.36 16.64
CA VAL B 34 -20.19 0.29 17.13
C VAL B 34 -20.20 0.70 18.60
N LEU B 35 -21.04 1.68 18.94
CA LEU B 35 -21.10 2.17 20.32
C LEU B 35 -21.82 1.22 21.28
N LEU B 36 -21.10 0.68 22.26
CA LEU B 36 -21.64 -0.41 23.09
C LEU B 36 -22.27 -0.03 24.44
N ASP B 37 -21.85 1.10 25.01
CA ASP B 37 -22.39 1.63 26.28
C ASP B 37 -21.66 2.89 26.70
N VAL B 38 -22.43 3.85 27.20
CA VAL B 38 -21.91 5.08 27.79
C VAL B 38 -22.30 5.14 29.28
N ASP B 39 -21.39 4.72 30.15
CA ASP B 39 -21.60 4.85 31.60
C ASP B 39 -21.22 6.24 32.11
N ALA B 40 -22.16 6.92 32.75
CA ALA B 40 -21.94 8.23 33.33
C ALA B 40 -22.19 8.16 34.82
N GLY B 41 -21.37 8.85 35.60
CA GLY B 41 -21.55 8.90 37.05
C GLY B 41 -21.41 10.31 37.57
N PRO B 42 -22.55 10.97 37.89
CA PRO B 42 -22.63 12.34 38.44
C PRO B 42 -21.63 12.71 39.56
N SER B 43 -21.59 11.95 40.65
CA SER B 43 -20.68 12.25 41.78
C SER B 43 -19.21 11.96 41.46
N THR B 44 -18.97 11.01 40.55
CA THR B 44 -17.63 10.79 39.96
C THR B 44 -17.30 11.85 38.91
N ASN B 45 -18.36 12.42 38.34
CA ASN B 45 -18.29 13.43 37.29
C ASN B 45 -17.34 13.03 36.15
N ARG B 46 -17.59 11.82 35.63
CA ARG B 46 -16.94 11.35 34.42
C ARG B 46 -17.91 10.45 33.66
N THR B 47 -17.57 10.18 32.41
CA THR B 47 -18.39 9.30 31.62
C THR B 47 -17.47 8.34 30.88
N VAL B 48 -17.59 7.07 31.20
CA VAL B 48 -16.84 6.06 30.48
C VAL B 48 -17.65 5.67 29.25
N TYR B 49 -17.00 5.71 28.08
CA TYR B 49 -17.63 5.26 26.86
C TYR B 49 -16.96 3.95 26.45
N THR B 50 -17.77 3.05 25.89
CA THR B 50 -17.28 1.75 25.43
C THR B 50 -17.77 1.50 24.01
N PHE B 51 -16.83 1.13 23.14
CA PHE B 51 -17.15 0.80 21.75
C PHE B 51 -16.08 -0.11 21.15
N VAL B 52 -16.50 -0.93 20.19
CA VAL B 52 -15.63 -1.94 19.60
C VAL B 52 -15.45 -1.70 18.08
N GLY B 53 -14.69 -2.57 17.41
CA GLY B 53 -14.51 -2.46 15.96
C GLY B 53 -13.12 -2.82 15.46
N GLN B 54 -12.89 -2.63 14.16
CA GLN B 54 -11.60 -2.90 13.54
C GLN B 54 -10.52 -1.93 14.00
N PRO B 55 -9.27 -2.43 14.14
CA PRO B 55 -8.04 -1.72 14.45
C PRO B 55 -8.00 -0.24 14.08
N GLU B 56 -8.08 0.09 12.80
CA GLU B 56 -7.98 1.49 12.36
C GLU B 56 -9.30 2.25 12.52
N CYS B 57 -10.41 1.53 12.42
CA CYS B 57 -11.76 2.09 12.55
C CYS B 57 -12.02 2.66 13.92
N VAL B 58 -11.67 1.90 14.96
CA VAL B 58 -11.84 2.35 16.33
C VAL B 58 -11.05 3.62 16.61
N VAL B 59 -9.81 3.69 16.12
CA VAL B 59 -8.93 4.86 16.32
C VAL B 59 -9.59 6.16 15.82
N GLU B 60 -10.26 6.08 14.68
CA GLU B 60 -11.08 7.20 14.18
C GLU B 60 -12.03 7.66 15.27
N GLY B 61 -12.98 6.80 15.65
CA GLY B 61 -13.89 7.06 16.77
C GLY B 61 -13.19 7.57 18.02
N ALA B 62 -12.08 6.93 18.38
CA ALA B 62 -11.24 7.40 19.49
C ALA B 62 -10.92 8.88 19.31
N LEU B 63 -10.25 9.25 18.21
CA LEU B 63 -9.94 10.67 17.98
C LEU B 63 -11.08 11.50 17.41
N SER B 64 -12.08 10.86 16.80
CA SER B 64 -13.31 11.55 16.36
C SER B 64 -14.09 12.05 17.56
N ALA B 65 -13.92 11.37 18.70
CA ALA B 65 -14.58 11.73 19.95
C ALA B 65 -13.80 12.78 20.76
N ALA B 66 -12.49 12.83 20.54
CA ALA B 66 -11.62 13.77 21.28
C ALA B 66 -11.75 15.20 20.75
N ARG B 67 -11.96 15.32 19.45
CA ARG B 67 -12.09 16.61 18.75
C ARG B 67 -13.47 17.23 18.97
N THR B 68 -14.40 16.42 19.48
CA THR B 68 -15.75 16.91 19.79
C THR B 68 -15.83 17.29 21.28
N ALA B 69 -15.08 16.59 22.12
CA ALA B 69 -14.93 16.97 23.53
C ALA B 69 -13.95 18.12 23.68
N SER B 70 -13.00 18.20 22.76
CA SER B 70 -12.07 19.33 22.68
C SER B 70 -12.82 20.64 22.77
N GLN B 71 -13.78 20.81 21.86
CA GLN B 71 -14.59 22.03 21.79
C GLN B 71 -15.91 21.90 22.56
N LEU B 72 -15.85 21.31 23.75
CA LEU B 72 -17.04 21.12 24.58
C LEU B 72 -16.79 20.97 26.10
N ILE B 73 -15.52 20.88 26.49
CA ILE B 73 -15.19 20.79 27.92
C ILE B 73 -14.02 21.67 28.33
N ASP B 74 -14.29 22.54 29.32
CA ASP B 74 -13.27 23.33 30.00
C ASP B 74 -12.97 22.70 31.35
N MSE B 75 -11.75 22.18 31.50
CA MSE B 75 -11.33 21.53 32.75
C MSE B 75 -11.24 22.51 33.92
O MSE B 75 -11.13 22.09 35.07
CB MSE B 75 -9.98 20.87 32.53
CG MSE B 75 -10.05 19.63 31.68
SE MSE B 75 -10.63 18.10 32.74
CE MSE B 75 -12.55 18.17 32.40
N ARG B 76 -11.28 23.79 33.59
CA ARG B 76 -11.21 24.89 34.55
C ARG B 76 -12.43 24.87 35.46
N LYS B 77 -13.59 24.60 34.86
CA LYS B 77 -14.82 24.42 35.64
C LYS B 77 -15.15 22.94 35.88
N HIS B 78 -14.14 22.07 35.83
CA HIS B 78 -14.35 20.67 36.18
C HIS B 78 -13.72 20.29 37.51
N LYS B 79 -14.50 19.54 38.28
CA LYS B 79 -14.13 19.06 39.59
C LYS B 79 -15.03 17.92 40.01
N GLY B 80 -14.60 16.70 39.70
CA GLY B 80 -15.35 15.51 40.07
C GLY B 80 -14.73 14.79 41.25
N GLU B 81 -15.52 13.95 41.91
CA GLU B 81 -15.03 13.13 43.02
C GLU B 81 -14.37 11.85 42.52
N HIS B 82 -13.63 11.98 41.42
CA HIS B 82 -12.78 10.89 40.93
C HIS B 82 -11.48 11.42 40.35
N PRO B 83 -10.33 10.92 40.87
CA PRO B 83 -8.98 11.36 40.47
C PRO B 83 -8.76 11.50 38.96
N ARG B 84 -9.46 12.45 38.33
CA ARG B 84 -9.34 12.71 36.90
C ARG B 84 -7.95 13.30 36.57
N MSE B 85 -7.79 13.89 35.39
CA MSE B 85 -6.54 14.58 35.05
C MSE B 85 -6.75 15.47 33.84
O MSE B 85 -6.58 16.69 33.94
CB MSE B 85 -5.41 13.58 34.79
CG MSE B 85 -4.09 14.16 34.30
SE MSE B 85 -2.94 12.66 33.80
CE MSE B 85 -1.20 13.49 33.59
N GLY B 86 -7.11 14.85 32.72
CA GLY B 86 -7.45 15.55 31.48
C GLY B 86 -8.95 15.61 31.27
N ALA B 87 -9.38 15.98 30.07
CA ALA B 87 -10.80 15.92 29.71
C ALA B 87 -11.09 14.53 29.19
N LEU B 88 -10.04 13.91 28.66
CA LEU B 88 -10.00 12.50 28.35
C LEU B 88 -8.85 11.95 29.17
N ASP B 89 -9.15 11.34 30.31
CA ASP B 89 -8.12 10.64 31.06
C ASP B 89 -7.69 9.47 30.19
N VAL B 90 -7.59 8.28 30.77
CA VAL B 90 -7.15 7.09 30.04
C VAL B 90 -8.02 6.75 28.83
N CYS B 91 -7.40 6.45 27.71
CA CYS B 91 -8.12 5.94 26.55
C CYS B 91 -7.35 4.71 26.07
N PRO B 92 -7.74 3.54 26.58
CA PRO B 92 -7.09 2.27 26.30
C PRO B 92 -7.72 1.49 25.15
N PHE B 93 -6.97 0.54 24.63
CA PHE B 93 -7.36 -0.20 23.45
C PHE B 93 -7.09 -1.69 23.71
N ILE B 94 -8.15 -2.48 23.79
CA ILE B 94 -8.05 -3.90 24.17
C ILE B 94 -8.49 -4.88 23.08
N PRO B 95 -7.87 -6.09 23.05
CA PRO B 95 -8.34 -7.12 22.12
C PRO B 95 -9.66 -7.76 22.56
N VAL B 96 -10.42 -8.26 21.59
CA VAL B 96 -11.66 -8.97 21.88
C VAL B 96 -11.64 -10.34 21.21
N ARG B 97 -11.36 -10.35 19.91
CA ARG B 97 -11.09 -11.58 19.16
C ARG B 97 -10.12 -11.28 18.01
N GLY B 98 -9.24 -12.23 17.70
CA GLY B 98 -8.38 -12.14 16.52
C GLY B 98 -7.19 -11.21 16.63
N VAL B 99 -7.41 -9.95 17.01
CA VAL B 99 -6.34 -8.97 17.20
C VAL B 99 -5.51 -9.27 18.46
N SER B 100 -4.20 -9.29 18.31
CA SER B 100 -3.30 -9.59 19.41
C SER B 100 -2.80 -8.33 20.05
N MSE B 101 -2.28 -8.50 21.27
CA MSE B 101 -1.69 -7.43 22.03
C MSE B 101 -0.92 -6.53 21.11
O MSE B 101 -1.27 -5.37 20.92
CB MSE B 101 -0.76 -7.98 23.13
CG MSE B 101 -0.55 -7.00 24.27
SE MSE B 101 -2.24 -6.10 24.82
CE MSE B 101 -3.05 -7.59 25.84
N ASP B 102 0.11 -7.10 20.49
CA ASP B 102 1.01 -6.33 19.65
C ASP B 102 0.32 -5.37 18.69
N GLU B 103 -0.84 -5.77 18.17
CA GLU B 103 -1.63 -4.84 17.38
C GLU B 103 -2.19 -3.71 18.25
N CYS B 104 -2.85 -4.08 19.35
CA CYS B 104 -3.44 -3.10 20.29
C CYS B 104 -2.41 -2.09 20.80
N VAL B 105 -1.16 -2.54 20.89
CA VAL B 105 -0.02 -1.68 21.22
C VAL B 105 0.23 -0.67 20.07
N LEU B 106 0.05 -1.11 18.82
CA LEU B 106 0.23 -0.22 17.68
C LEU B 106 -0.94 0.74 17.43
N CYS B 107 -2.15 0.35 17.83
CA CYS B 107 -3.30 1.26 17.76
C CYS B 107 -3.07 2.40 18.71
N ALA B 108 -2.52 2.07 19.88
CA ALA B 108 -2.16 3.04 20.88
C ALA B 108 -1.12 4.01 20.32
N LYS B 109 -0.19 3.47 19.52
CA LYS B 109 0.82 4.29 18.85
C LYS B 109 0.19 5.28 17.89
N ALA B 110 -0.89 4.85 17.24
CA ALA B 110 -1.59 5.65 16.24
C ALA B 110 -2.39 6.80 16.87
N PHE B 111 -3.33 6.44 17.75
CA PHE B 111 -4.16 7.43 18.44
C PHE B 111 -3.30 8.48 19.12
N GLY B 112 -2.31 8.03 19.90
CA GLY B 112 -1.39 8.91 20.61
C GLY B 112 -0.71 9.97 19.76
N GLN B 113 -0.19 9.55 18.59
CA GLN B 113 0.45 10.48 17.65
C GLN B 113 -0.57 11.42 17.05
N ARG B 114 -1.44 10.89 16.18
CA ARG B 114 -2.47 11.67 15.49
C ARG B 114 -3.32 12.60 16.41
N LEU B 115 -3.37 12.30 17.71
CA LEU B 115 -4.14 13.11 18.67
C LEU B 115 -3.42 14.38 19.14
N ALA B 116 -2.30 14.21 19.84
CA ALA B 116 -1.48 15.33 20.30
C ALA B 116 -1.06 16.24 19.15
N GLU B 117 -1.13 15.71 17.93
CA GLU B 117 -0.85 16.46 16.72
C GLU B 117 -2.03 17.36 16.37
N GLU B 118 -3.20 16.74 16.24
CA GLU B 118 -4.41 17.44 15.82
C GLU B 118 -5.00 18.34 16.90
N LEU B 119 -4.40 18.33 18.08
CA LEU B 119 -4.87 19.18 19.16
C LEU B 119 -3.80 20.11 19.68
N ASN B 120 -2.62 19.57 19.92
CA ASN B 120 -1.57 20.25 20.68
C ASN B 120 -1.87 20.12 22.18
N VAL B 121 -1.55 18.93 22.72
CA VAL B 121 -1.76 18.58 24.15
C VAL B 121 -0.74 17.52 24.59
N PRO B 122 -0.38 17.48 25.91
CA PRO B 122 0.52 16.41 26.39
C PRO B 122 -0.17 15.03 26.49
N VAL B 123 0.37 14.03 25.79
CA VAL B 123 -0.11 12.64 25.86
C VAL B 123 1.00 11.60 26.03
N TYR B 124 0.85 10.76 27.04
CA TYR B 124 1.81 9.70 27.31
C TYR B 124 1.08 8.39 27.16
N LEU B 125 1.68 7.45 26.45
CA LEU B 125 1.10 6.10 26.34
C LEU B 125 1.44 5.27 27.58
N TYR B 126 0.48 4.48 28.04
CA TYR B 126 0.61 3.66 29.27
C TYR B 126 0.40 2.16 29.03
N GLY B 127 0.57 1.37 30.10
CA GLY B 127 0.25 -0.06 30.09
C GLY B 127 1.16 -0.83 29.16
N GLU B 128 0.61 -1.87 28.52
CA GLU B 128 1.34 -2.69 27.54
C GLU B 128 1.96 -1.84 26.43
N ALA B 129 1.79 -0.53 26.55
CA ALA B 129 2.34 0.41 25.60
C ALA B 129 3.63 1.01 26.15
N ALA B 130 3.50 2.07 26.95
CA ALA B 130 4.63 2.81 27.53
C ALA B 130 5.94 2.04 27.48
N GLN B 131 6.99 2.69 27.01
CA GLN B 131 8.29 2.04 26.99
C GLN B 131 9.04 2.25 28.30
N MSE B 132 8.96 3.47 28.85
CA MSE B 132 9.60 3.78 30.11
C MSE B 132 8.91 3.01 31.23
O MSE B 132 7.71 3.17 31.45
CB MSE B 132 9.56 5.30 30.36
CG MSE B 132 10.06 6.12 29.18
SE MSE B 132 11.12 7.67 29.72
CE MSE B 132 12.95 7.06 29.34
N PRO B 133 9.67 2.13 31.91
CA PRO B 133 9.14 1.15 32.88
C PRO B 133 8.68 1.77 34.19
N SER B 134 7.99 2.90 34.10
CA SER B 134 7.51 3.65 35.26
C SER B 134 6.08 4.11 34.99
N ARG B 135 5.66 3.91 33.74
CA ARG B 135 4.42 4.46 33.20
C ARG B 135 3.33 3.41 32.94
N GLN B 136 3.69 2.13 33.08
CA GLN B 136 2.74 1.04 32.85
C GLN B 136 1.60 1.08 33.86
N THR B 137 1.91 1.57 35.07
CA THR B 137 0.91 1.84 36.08
C THR B 137 0.25 3.20 35.78
N LEU B 138 -1.06 3.15 35.52
CA LEU B 138 -1.84 4.33 35.21
C LEU B 138 -1.94 5.36 36.35
N PRO B 139 -2.21 4.91 37.60
CA PRO B 139 -2.24 5.81 38.75
C PRO B 139 -0.94 6.59 39.02
N ALA B 140 0.20 6.05 38.60
CA ALA B 140 1.48 6.74 38.75
C ALA B 140 1.55 7.98 37.86
N ILE B 141 1.09 7.85 36.61
CA ILE B 141 1.03 8.99 35.69
C ILE B 141 0.10 10.11 36.15
N ARG B 142 -1.10 9.73 36.59
CA ARG B 142 -2.07 10.64 37.22
C ARG B 142 -1.46 11.43 38.39
N ALA B 143 -0.32 12.08 38.14
CA ALA B 143 0.55 12.65 39.17
C ALA B 143 -0.14 13.68 40.09
N GLY B 144 -1.23 13.29 40.72
CA GLY B 144 -2.04 14.21 41.53
C GLY B 144 -3.02 14.99 40.68
N GLU B 145 -3.53 14.34 39.64
CA GLU B 145 -4.55 14.88 38.73
C GLU B 145 -4.37 16.32 38.19
N TYR B 146 -5.51 16.98 37.92
CA TYR B 146 -5.59 18.25 37.18
C TYR B 146 -4.48 19.28 37.40
N GLU B 147 -4.32 19.72 38.64
CA GLU B 147 -3.23 20.64 39.00
C GLU B 147 -1.93 19.84 39.09
N ALA B 148 -1.27 19.65 37.95
CA ALA B 148 0.01 18.95 37.89
C ALA B 148 0.83 19.56 36.76
N LEU B 149 0.24 19.55 35.57
CA LEU B 149 0.80 20.23 34.40
C LEU B 149 1.27 21.68 34.65
N PRO B 150 0.70 22.41 35.66
CA PRO B 150 1.31 23.70 35.99
C PRO B 150 2.75 23.62 36.53
N GLU B 151 3.30 22.40 36.53
CA GLU B 151 4.71 22.19 36.86
C GLU B 151 5.30 20.92 36.24
N LYS B 152 4.45 19.92 36.00
CA LYS B 152 4.93 18.60 35.60
C LYS B 152 5.13 18.35 34.10
N LEU B 153 4.44 19.07 33.24
CA LEU B 153 4.66 18.92 31.80
C LEU B 153 5.92 19.72 31.36
N LYS B 154 6.72 20.11 32.35
CA LYS B 154 7.97 20.81 32.13
C LYS B 154 9.02 20.21 33.06
N GLN B 155 9.22 18.90 32.95
CA GLN B 155 10.24 18.21 33.73
C GLN B 155 10.87 17.13 32.87
N ALA B 156 12.19 17.22 32.68
CA ALA B 156 12.97 16.23 31.94
C ALA B 156 12.55 14.81 32.32
N GLU B 157 12.04 14.70 33.55
CA GLU B 157 11.45 13.49 34.09
C GLU B 157 10.10 13.17 33.42
N TRP B 158 9.13 14.07 33.58
CA TRP B 158 7.77 13.85 33.09
C TRP B 158 7.52 14.23 31.63
N VAL B 159 8.57 14.19 30.80
CA VAL B 159 8.43 14.46 29.37
C VAL B 159 7.36 13.54 28.77
N PRO B 160 6.34 14.12 28.14
CA PRO B 160 5.30 13.32 27.48
C PRO B 160 5.84 12.46 26.34
N ASP B 161 5.29 11.27 26.19
CA ASP B 161 5.70 10.31 25.16
C ASP B 161 5.23 10.77 23.78
N PHE B 162 4.22 11.64 23.78
CA PHE B 162 3.71 12.32 22.59
C PHE B 162 3.28 13.71 23.05
N GLY B 163 3.20 14.66 22.12
CA GLY B 163 2.73 16.01 22.44
C GLY B 163 3.76 16.90 23.12
N PRO B 164 3.88 18.16 22.66
CA PRO B 164 4.86 19.17 23.10
C PRO B 164 5.30 19.07 24.57
N SER B 165 4.82 20.01 25.37
CA SER B 165 5.08 20.11 26.80
C SER B 165 4.13 21.20 27.28
N SER B 166 3.24 21.59 26.38
CA SER B 166 2.41 22.77 26.53
C SER B 166 1.23 22.56 27.48
N PHE B 167 0.71 23.65 28.02
CA PHE B 167 -0.45 23.61 28.89
C PHE B 167 -1.63 24.31 28.23
N VAL B 168 -2.78 23.64 28.26
CA VAL B 168 -4.02 24.22 27.77
C VAL B 168 -4.97 24.42 28.96
N PRO B 169 -5.66 25.57 29.01
CA PRO B 169 -6.65 25.85 30.06
C PRO B 169 -7.78 24.81 30.18
N SER B 170 -8.39 24.47 29.04
CA SER B 170 -9.57 23.59 29.01
C SER B 170 -9.24 22.11 28.74
N TRP B 171 -7.97 21.77 28.86
CA TRP B 171 -7.53 20.39 28.76
C TRP B 171 -6.48 20.09 29.83
N GLY B 172 -6.22 18.81 30.07
CA GLY B 172 -5.35 18.41 31.18
C GLY B 172 -4.56 17.14 30.90
N ALA B 173 -3.99 17.05 29.70
CA ALA B 173 -3.25 15.86 29.26
C ALA B 173 -4.18 14.66 29.02
N THR B 174 -3.68 13.67 28.30
CA THR B 174 -4.45 12.48 27.98
C THR B 174 -3.53 11.27 27.86
N VAL B 175 -4.02 10.10 28.22
CA VAL B 175 -3.20 8.90 28.24
C VAL B 175 -3.79 7.74 27.44
N THR B 176 -3.14 7.41 26.33
CA THR B 176 -3.49 6.23 25.55
C THR B 176 -2.77 5.01 26.10
N GLY B 177 -3.11 3.84 25.56
CA GLY B 177 -2.42 2.60 25.92
C GLY B 177 -3.21 1.36 25.55
N ALA B 178 -2.68 0.21 25.93
CA ALA B 178 -3.33 -1.07 25.72
C ALA B 178 -3.08 -1.98 26.91
N ARG B 179 -4.14 -2.62 27.38
CA ARG B 179 -4.04 -3.57 28.49
C ARG B 179 -4.70 -4.86 28.06
N LYS B 180 -4.81 -5.82 28.97
CA LYS B 180 -5.62 -7.00 28.72
C LYS B 180 -7.07 -6.63 29.03
N PHE B 181 -8.02 -7.45 28.58
CA PHE B 181 -9.43 -7.22 28.86
C PHE B 181 -9.67 -7.48 30.33
N LEU B 182 -10.43 -6.58 30.96
CA LEU B 182 -10.70 -6.60 32.39
C LEU B 182 -12.20 -6.84 32.64
N ILE B 183 -12.51 -7.79 33.51
CA ILE B 183 -13.90 -8.05 33.89
C ILE B 183 -14.18 -7.60 35.32
N ALA B 184 -15.36 -7.02 35.51
CA ALA B 184 -15.86 -6.69 36.82
C ALA B 184 -16.66 -7.85 37.35
N PHE B 185 -16.20 -8.42 38.46
CA PHE B 185 -16.87 -9.55 39.04
C PHE B 185 -17.11 -9.32 40.51
N ASN B 186 -18.34 -9.53 40.96
CA ASN B 186 -18.66 -9.43 42.37
C ASN B 186 -19.10 -10.78 42.91
N ILE B 187 -18.76 -11.07 44.15
CA ILE B 187 -19.23 -12.30 44.74
C ILE B 187 -20.11 -12.05 45.95
N ASN B 188 -21.34 -12.53 45.81
CA ASN B 188 -22.35 -12.30 46.80
C ASN B 188 -22.22 -13.16 48.02
N LEU B 189 -21.90 -12.51 49.12
CA LEU B 189 -21.80 -13.16 50.42
C LEU B 189 -22.97 -12.76 51.27
N LEU B 190 -23.58 -13.75 51.89
CA LEU B 190 -24.60 -13.43 52.86
C LEU B 190 -23.99 -13.04 54.16
N SER B 191 -22.76 -12.50 54.13
CA SER B 191 -22.07 -12.21 55.37
C SER B 191 -22.15 -10.74 55.82
N THR B 192 -21.02 -10.23 56.29
CA THR B 192 -20.88 -8.86 56.74
C THR B 192 -19.71 -8.23 56.01
N LYS B 193 -19.77 -6.92 55.80
CA LYS B 193 -18.71 -6.17 55.11
C LYS B 193 -17.29 -6.42 55.62
N GLU B 194 -17.13 -6.57 56.92
CA GLU B 194 -15.81 -6.84 57.43
C GLU B 194 -15.34 -8.20 56.94
N GLN B 195 -16.16 -9.23 57.17
CA GLN B 195 -15.89 -10.59 56.71
C GLN B 195 -15.65 -10.61 55.21
N ALA B 196 -16.58 -10.05 54.45
CA ALA B 196 -16.46 -10.07 52.99
C ALA B 196 -15.10 -9.55 52.59
N HIS B 197 -14.69 -8.44 53.19
CA HIS B 197 -13.40 -7.86 52.88
C HIS B 197 -12.23 -8.74 53.31
N ARG B 198 -12.37 -9.46 54.43
CA ARG B 198 -11.38 -10.49 54.78
C ARG B 198 -11.26 -11.44 53.58
N ILE B 199 -12.31 -12.18 53.25
CA ILE B 199 -12.31 -13.10 52.12
C ILE B 199 -11.55 -12.52 50.95
N ALA B 200 -11.82 -11.27 50.64
CA ALA B 200 -11.27 -10.61 49.47
C ALA B 200 -9.77 -10.41 49.53
N LEU B 201 -9.27 -10.09 50.71
CA LEU B 201 -7.85 -9.87 50.90
C LEU B 201 -7.12 -11.16 50.65
N ASN B 202 -7.81 -12.26 50.94
CA ASN B 202 -7.24 -13.58 50.83
C ASN B 202 -7.20 -14.07 49.40
N LEU B 203 -8.15 -13.62 48.58
CA LEU B 203 -8.13 -13.96 47.17
C LEU B 203 -7.20 -13.04 46.44
N ARG B 204 -7.42 -11.74 46.54
CA ARG B 204 -6.66 -10.77 45.75
C ARG B 204 -5.14 -10.91 45.87
N GLU B 205 -4.45 -10.61 44.77
CA GLU B 205 -3.05 -10.98 44.60
C GLU B 205 -2.10 -10.18 45.49
N GLN B 206 -2.49 -8.95 45.79
CA GLN B 206 -1.68 -8.08 46.61
C GLN B 206 -1.72 -8.55 48.06
N GLY B 207 -2.82 -9.24 48.43
CA GLY B 207 -2.97 -9.87 49.75
C GLY B 207 -3.01 -8.86 50.88
N ARG B 208 -2.93 -9.35 52.12
CA ARG B 208 -2.97 -8.47 53.29
C ARG B 208 -1.66 -7.67 53.41
N GLY B 209 -1.65 -6.50 52.80
CA GLY B 209 -0.47 -5.64 52.72
C GLY B 209 0.52 -6.10 51.66
N LYS B 210 1.82 -5.95 51.96
CA LYS B 210 2.90 -6.37 51.07
C LYS B 210 3.07 -7.88 51.04
N ASP B 211 4.27 -8.28 51.50
CA ASP B 211 4.65 -9.64 51.86
C ASP B 211 3.53 -10.50 52.46
N GLN B 212 3.23 -11.59 51.77
CA GLN B 212 2.02 -12.43 51.92
C GLN B 212 0.90 -11.98 50.95
N PRO B 213 1.07 -12.27 49.66
CA PRO B 213 -0.04 -12.16 48.70
C PRO B 213 -1.24 -13.06 49.02
N GLY B 214 -2.33 -12.87 48.27
CA GLY B 214 -3.52 -13.70 48.34
C GLY B 214 -3.32 -15.00 47.57
N ARG B 215 -4.41 -15.62 47.14
CA ARG B 215 -4.27 -16.88 46.41
C ARG B 215 -4.27 -16.71 44.88
N LEU B 216 -5.32 -16.09 44.33
CA LEU B 216 -5.44 -15.92 42.88
C LEU B 216 -4.52 -14.84 42.32
N LYS B 217 -3.76 -15.20 41.28
CA LYS B 217 -2.89 -14.25 40.57
C LYS B 217 -3.71 -13.41 39.59
N LYS B 218 -3.33 -12.15 39.45
CA LYS B 218 -3.99 -11.20 38.55
C LYS B 218 -5.49 -11.03 38.83
N VAL B 219 -5.86 -11.22 40.09
CA VAL B 219 -7.19 -10.85 40.57
C VAL B 219 -6.97 -9.80 41.64
N GLN B 220 -7.57 -8.66 41.42
CA GLN B 220 -7.50 -7.61 42.40
C GLN B 220 -8.94 -7.33 42.85
N GLY B 221 -9.12 -6.85 44.08
CA GLY B 221 -10.47 -6.56 44.56
C GLY B 221 -10.59 -6.33 46.04
N ILE B 222 -11.82 -6.03 46.49
CA ILE B 222 -12.06 -5.74 47.88
C ILE B 222 -13.41 -6.18 48.41
N GLY B 223 -13.66 -5.83 49.68
CA GLY B 223 -14.90 -6.05 50.38
C GLY B 223 -15.83 -4.85 50.26
N TRP B 224 -17.10 -5.13 50.05
CA TRP B 224 -18.04 -4.13 49.63
C TRP B 224 -19.42 -4.52 50.11
N TYR B 225 -20.35 -3.59 50.10
CA TYR B 225 -21.67 -3.84 50.66
C TYR B 225 -22.73 -3.11 49.86
N LEU B 226 -23.62 -3.87 49.22
CA LEU B 226 -24.80 -3.32 48.57
C LEU B 226 -25.81 -2.83 49.60
N GLU B 227 -26.09 -1.52 49.57
CA GLU B 227 -26.92 -0.89 50.58
C GLU B 227 -28.37 -1.32 50.56
N GLU B 228 -28.99 -1.23 49.39
CA GLU B 228 -30.41 -1.51 49.25
C GLU B 228 -30.78 -2.99 49.45
N LYS B 229 -29.80 -3.89 49.25
CA LYS B 229 -30.05 -5.35 49.30
C LYS B 229 -29.60 -5.93 50.61
N ASN B 230 -28.88 -5.12 51.39
CA ASN B 230 -28.43 -5.51 52.69
C ASN B 230 -27.41 -6.63 52.61
N LEU B 231 -26.75 -6.70 51.45
CA LEU B 231 -25.96 -7.84 51.01
C LEU B 231 -24.50 -7.46 50.81
N ALA B 232 -23.59 -8.23 51.39
CA ALA B 232 -22.17 -7.91 51.30
C ALA B 232 -21.65 -8.42 49.97
N GLN B 233 -20.47 -7.96 49.57
CA GLN B 233 -19.88 -8.39 48.30
C GLN B 233 -18.35 -8.45 48.32
N VAL B 234 -17.81 -9.56 47.80
CA VAL B 234 -16.39 -9.65 47.47
C VAL B 234 -16.26 -9.15 46.05
N SER B 235 -15.93 -7.89 45.94
CA SER B 235 -15.93 -7.25 44.64
C SER B 235 -14.53 -7.32 44.06
N THR B 236 -14.44 -7.85 42.85
CA THR B 236 -13.15 -8.13 42.22
C THR B 236 -13.02 -7.68 40.76
N ASN B 237 -11.78 -7.63 40.31
CA ASN B 237 -11.46 -7.41 38.91
C ASN B 237 -10.56 -8.50 38.42
N LEU B 238 -11.05 -9.27 37.44
CA LEU B 238 -10.20 -10.26 36.81
C LEU B 238 -9.32 -9.49 35.85
N LEU B 239 -8.02 -9.49 36.11
CA LEU B 239 -7.14 -8.68 35.30
C LEU B 239 -6.74 -9.41 34.03
N ASP B 240 -6.96 -10.73 34.02
CA ASP B 240 -6.70 -11.58 32.84
C ASP B 240 -7.38 -12.95 32.91
N PHE B 241 -8.56 -13.07 32.29
CA PHE B 241 -9.37 -14.29 32.47
C PHE B 241 -8.71 -15.56 31.97
N GLU B 242 -7.53 -15.40 31.38
CA GLU B 242 -6.78 -16.54 30.87
C GLU B 242 -5.89 -17.12 31.97
N VAL B 243 -5.33 -16.27 32.81
CA VAL B 243 -4.47 -16.72 33.92
C VAL B 243 -5.31 -17.24 35.10
N THR B 244 -6.15 -16.37 35.65
CA THR B 244 -7.10 -16.77 36.67
C THR B 244 -8.47 -16.63 36.06
N ALA B 245 -9.22 -17.72 36.07
CA ALA B 245 -10.51 -17.75 35.38
C ALA B 245 -11.67 -17.15 36.18
N LEU B 246 -12.78 -16.90 35.47
CA LEU B 246 -14.05 -16.42 36.07
C LEU B 246 -14.62 -17.39 37.09
N HIS B 247 -14.38 -18.67 36.92
CA HIS B 247 -14.86 -19.63 37.88
C HIS B 247 -13.85 -19.82 39.00
N THR B 248 -12.56 -19.83 38.68
CA THR B 248 -11.54 -20.06 39.71
C THR B 248 -11.54 -18.95 40.77
N VAL B 249 -12.00 -17.76 40.38
CA VAL B 249 -12.36 -16.75 41.36
C VAL B 249 -13.54 -17.27 42.14
N TYR B 250 -14.74 -17.28 41.55
CA TYR B 250 -15.91 -17.80 42.23
C TYR B 250 -15.62 -19.04 43.07
N GLU B 251 -15.25 -20.15 42.42
CA GLU B 251 -15.02 -21.42 43.12
C GLU B 251 -14.06 -21.36 44.30
N GLU B 252 -13.22 -20.32 44.28
CA GLU B 252 -12.24 -20.04 45.32
C GLU B 252 -12.81 -19.24 46.51
N ALA B 253 -13.48 -18.12 46.21
CA ALA B 253 -14.23 -17.38 47.21
C ALA B 253 -15.18 -18.35 47.89
N ARG B 254 -15.78 -19.22 47.09
CA ARG B 254 -16.54 -20.33 47.61
C ARG B 254 -15.86 -21.12 48.73
N ARG B 255 -14.61 -21.52 48.54
CA ARG B 255 -13.89 -22.26 49.59
C ARG B 255 -13.58 -21.35 50.75
N GLU B 256 -13.04 -20.20 50.39
CA GLU B 256 -12.74 -19.10 51.31
C GLU B 256 -13.81 -18.89 52.37
N ALA B 257 -15.05 -18.93 51.91
CA ALA B 257 -16.24 -18.75 52.74
C ALA B 257 -16.66 -20.01 53.47
N GLN B 258 -16.56 -21.17 52.83
CA GLN B 258 -16.80 -22.44 53.54
C GLN B 258 -15.72 -22.73 54.60
N GLU B 259 -14.64 -21.93 54.61
CA GLU B 259 -13.65 -21.97 55.69
C GLU B 259 -14.12 -21.14 56.90
N LEU B 260 -14.99 -20.16 56.68
CA LEU B 260 -15.52 -19.29 57.74
C LEU B 260 -17.05 -19.42 57.87
N ASN B 261 -17.63 -20.44 57.24
CA ASN B 261 -19.06 -20.80 57.43
C ASN B 261 -20.04 -19.68 57.15
N LEU B 262 -19.85 -19.08 56.00
CA LEU B 262 -20.64 -17.99 55.51
C LEU B 262 -21.14 -18.46 54.16
N PRO B 263 -22.44 -18.29 53.88
CA PRO B 263 -22.93 -18.63 52.55
C PRO B 263 -22.56 -17.60 51.49
N VAL B 264 -22.19 -18.14 50.32
CA VAL B 264 -21.98 -17.38 49.09
C VAL B 264 -23.25 -17.61 48.31
N VAL B 265 -23.87 -16.51 47.88
CA VAL B 265 -25.14 -16.54 47.18
C VAL B 265 -25.06 -15.96 45.76
N GLY B 266 -24.25 -16.62 44.93
CA GLY B 266 -24.07 -16.23 43.55
C GLY B 266 -23.15 -15.04 43.37
N SER B 267 -23.41 -14.28 42.30
CA SER B 267 -22.46 -13.28 41.78
C SER B 267 -23.13 -12.35 40.76
N GLN B 268 -22.38 -11.35 40.30
CA GLN B 268 -22.81 -10.53 39.18
C GLN B 268 -21.58 -10.10 38.38
N LEU B 269 -21.72 -10.09 37.06
CA LEU B 269 -20.77 -9.45 36.17
C LEU B 269 -21.24 -8.02 35.92
N VAL B 270 -20.31 -7.09 35.97
CA VAL B 270 -20.63 -5.68 35.86
C VAL B 270 -20.06 -5.14 34.55
N GLY B 271 -20.93 -4.67 33.66
CA GLY B 271 -20.48 -4.21 32.35
C GLY B 271 -20.50 -5.32 31.32
N LEU B 272 -19.55 -5.30 30.39
CA LEU B 272 -19.51 -6.28 29.31
C LEU B 272 -18.44 -7.35 29.51
N VAL B 273 -18.73 -8.53 28.99
CA VAL B 273 -17.87 -9.70 29.15
C VAL B 273 -17.53 -10.31 27.79
N PRO B 274 -16.28 -10.83 27.61
CA PRO B 274 -15.91 -11.59 26.40
C PRO B 274 -16.41 -13.04 26.44
N LEU B 275 -16.81 -13.57 25.28
CA LEU B 275 -17.45 -14.86 25.23
C LEU B 275 -16.58 -15.91 25.91
N LYS B 276 -15.30 -15.97 25.54
CA LYS B 276 -14.37 -16.97 26.08
C LYS B 276 -14.38 -17.04 27.61
N ALA B 277 -14.18 -15.90 28.27
CA ALA B 277 -14.23 -15.82 29.72
C ALA B 277 -15.24 -16.76 30.35
N LEU B 278 -16.49 -16.64 29.94
CA LEU B 278 -17.52 -17.47 30.50
C LEU B 278 -17.77 -18.74 29.71
N LEU B 279 -17.08 -18.88 28.59
CA LEU B 279 -17.20 -20.11 27.84
C LEU B 279 -16.19 -21.18 28.31
N ASP B 280 -15.07 -20.74 28.90
CA ASP B 280 -14.07 -21.66 29.43
C ASP B 280 -14.64 -22.19 30.71
N ALA B 281 -15.10 -21.24 31.51
CA ALA B 281 -15.88 -21.46 32.70
C ALA B 281 -16.84 -22.62 32.49
N ALA B 282 -17.74 -22.46 31.52
CA ALA B 282 -18.63 -23.53 31.09
C ALA B 282 -17.89 -24.86 30.99
N ALA B 283 -16.87 -24.92 30.13
CA ALA B 283 -16.13 -26.15 29.89
C ALA B 283 -15.56 -26.72 31.17
N PHE B 284 -15.24 -25.86 32.12
CA PHE B 284 -14.75 -26.31 33.42
C PHE B 284 -15.76 -27.16 34.15
N TYR B 285 -16.99 -26.66 34.27
CA TYR B 285 -18.01 -27.39 34.99
C TYR B 285 -18.45 -28.66 34.30
N CYS B 286 -18.05 -28.87 33.05
CA CYS B 286 -18.40 -30.14 32.42
C CYS B 286 -17.27 -31.12 32.60
N ASP B 287 -16.06 -30.61 32.45
CA ASP B 287 -14.86 -31.36 32.70
C ASP B 287 -15.01 -32.01 34.06
N LYS B 288 -15.26 -31.18 35.09
CA LYS B 288 -15.31 -31.66 36.48
C LYS B 288 -16.67 -32.26 36.91
N GLU B 289 -17.79 -31.72 36.43
CA GLU B 289 -19.07 -32.30 36.81
C GLU B 289 -19.36 -33.54 35.97
N LYS B 290 -18.44 -33.87 35.06
CA LYS B 290 -18.55 -35.00 34.13
C LYS B 290 -19.83 -34.99 33.34
N LEU B 291 -20.07 -33.94 32.54
CA LEU B 291 -21.29 -33.90 31.72
C LEU B 291 -21.10 -33.79 30.19
N PHE B 292 -22.21 -33.60 29.48
CA PHE B 292 -22.24 -33.52 28.02
C PHE B 292 -23.26 -32.48 27.63
N VAL B 293 -22.77 -31.29 27.30
CA VAL B 293 -23.63 -30.17 26.98
C VAL B 293 -23.21 -29.70 25.64
N LEU B 294 -24.01 -30.04 24.65
CA LEU B 294 -23.56 -29.98 23.28
C LEU B 294 -23.63 -28.56 22.76
N GLU B 295 -24.86 -28.04 22.73
CA GLU B 295 -25.17 -26.79 22.08
C GLU B 295 -24.65 -25.60 22.88
N GLU B 296 -24.05 -24.61 22.22
CA GLU B 296 -23.37 -23.49 22.93
C GLU B 296 -24.27 -22.71 23.88
N GLU B 297 -25.40 -22.20 23.39
CA GLU B 297 -26.30 -21.51 24.28
C GLU B 297 -26.38 -22.24 25.61
N HIS B 298 -26.61 -23.55 25.56
CA HIS B 298 -26.81 -24.33 26.76
C HIS B 298 -25.63 -24.30 27.68
N ARG B 299 -24.45 -24.21 27.09
CA ARG B 299 -23.24 -24.03 27.88
C ARG B 299 -23.24 -22.70 28.60
N ILE B 300 -23.82 -21.64 28.01
CA ILE B 300 -23.93 -20.37 28.72
C ILE B 300 -24.93 -20.54 29.85
N ARG B 301 -26.03 -21.24 29.58
CA ARG B 301 -27.07 -21.49 30.58
C ARG B 301 -26.53 -22.17 31.85
N LEU B 302 -25.68 -23.17 31.65
CA LEU B 302 -24.97 -23.82 32.73
C LEU B 302 -24.09 -22.83 33.50
N VAL B 303 -23.07 -22.27 32.84
CA VAL B 303 -22.12 -21.33 33.45
C VAL B 303 -22.76 -20.05 33.99
N VAL B 304 -24.04 -19.82 33.68
CA VAL B 304 -24.82 -18.87 34.48
C VAL B 304 -25.07 -19.55 35.83
N ASN B 305 -26.11 -20.38 35.88
CA ASN B 305 -26.53 -21.15 37.05
C ASN B 305 -25.42 -21.64 37.98
N ARG B 306 -24.30 -22.12 37.44
CA ARG B 306 -23.19 -22.51 38.31
C ARG B 306 -22.61 -21.32 39.09
N LEU B 307 -22.56 -20.13 38.48
CA LEU B 307 -22.09 -18.93 39.21
C LEU B 307 -23.23 -18.00 39.71
N GLY B 308 -24.46 -18.50 39.64
CA GLY B 308 -25.63 -17.68 39.92
C GLY B 308 -25.40 -16.25 39.44
N LEU B 309 -25.34 -16.08 38.12
CA LEU B 309 -25.03 -14.78 37.53
C LEU B 309 -26.24 -13.89 37.46
N ASP B 310 -27.40 -14.51 37.59
CA ASP B 310 -28.65 -13.82 37.70
C ASP B 310 -29.07 -13.99 39.12
N SER B 311 -28.73 -13.04 39.96
CA SER B 311 -29.06 -13.12 41.36
C SER B 311 -29.41 -11.73 41.81
N LEU B 312 -28.84 -10.77 41.09
CA LEU B 312 -29.06 -9.39 41.40
C LEU B 312 -29.96 -8.73 40.36
N ALA B 313 -30.12 -9.44 39.25
CA ALA B 313 -30.91 -9.02 38.09
C ALA B 313 -30.69 -10.12 37.08
N PRO B 314 -31.52 -10.22 36.04
CA PRO B 314 -31.26 -11.34 35.15
C PRO B 314 -30.09 -11.08 34.20
N PHE B 315 -29.52 -12.14 33.64
CA PHE B 315 -28.33 -12.02 32.82
C PHE B 315 -28.68 -12.36 31.38
N ASP B 316 -28.86 -11.32 30.59
CA ASP B 316 -29.26 -11.49 29.20
C ASP B 316 -28.05 -11.67 28.30
N PRO B 317 -27.72 -12.93 27.94
CA PRO B 317 -26.39 -13.08 27.37
C PRO B 317 -26.36 -12.44 25.99
N LYS B 318 -27.54 -12.32 25.42
CA LYS B 318 -27.73 -11.74 24.12
C LYS B 318 -27.40 -10.24 24.14
N GLU B 319 -27.06 -9.72 25.32
CA GLU B 319 -26.99 -8.29 25.50
C GLU B 319 -25.89 -7.94 26.49
N ARG B 320 -25.26 -8.97 27.04
CA ARG B 320 -24.18 -8.78 27.96
C ARG B 320 -22.86 -9.16 27.33
N ILE B 321 -22.90 -10.11 26.38
CA ILE B 321 -21.68 -10.62 25.74
C ILE B 321 -21.31 -9.78 24.53
N ILE B 322 -20.03 -9.44 24.41
CA ILE B 322 -19.58 -8.62 23.30
C ILE B 322 -19.77 -9.36 21.97
N GLU B 323 -19.17 -10.54 21.83
CA GLU B 323 -19.23 -11.31 20.58
C GLU B 323 -20.64 -11.55 20.05
N TYR B 324 -21.64 -11.32 20.88
CA TYR B 324 -23.04 -11.44 20.50
C TYR B 324 -23.62 -10.07 20.20
N LEU B 325 -23.17 -9.07 20.96
CA LEU B 325 -23.64 -7.70 20.77
C LEU B 325 -23.25 -7.24 19.38
N VAL B 326 -21.99 -7.47 19.03
CA VAL B 326 -21.49 -7.14 17.70
C VAL B 326 -20.86 -8.38 17.02
N PRO B 327 -21.71 -9.20 16.38
CA PRO B 327 -21.28 -10.37 15.60
C PRO B 327 -20.25 -10.03 14.52
N ASP B 328 -19.58 -11.05 13.96
CA ASP B 328 -18.55 -10.79 12.94
C ASP B 328 -18.93 -11.14 11.50
N SER B 329 -19.83 -10.33 10.94
CA SER B 329 -20.37 -10.54 9.61
C SER B 329 -19.34 -10.24 8.52
N GLY B 330 -19.02 -8.96 8.34
CA GLY B 330 -18.25 -8.52 7.17
C GLY B 330 -19.11 -7.70 6.21
N PRO B 331 -18.73 -7.66 4.93
CA PRO B 331 -19.46 -6.89 3.91
C PRO B 331 -20.52 -7.72 3.16
N GLU B 332 -21.74 -7.18 3.06
CA GLU B 332 -22.84 -7.92 2.43
C GLU B 332 -23.17 -9.20 3.22
N GLN B 333 -24.41 -9.66 3.12
CA GLN B 333 -24.88 -10.79 3.92
C GLN B 333 -24.41 -12.11 3.37
N SER B 334 -24.51 -13.14 4.21
CA SER B 334 -24.18 -14.48 3.77
C SER B 334 -25.35 -15.10 3.05
N LEU B 335 -25.06 -16.03 2.17
CA LEU B 335 -26.10 -16.88 1.62
C LEU B 335 -26.61 -17.80 2.73
N LEU B 336 -25.75 -18.08 3.70
CA LEU B 336 -26.11 -18.88 4.89
C LEU B 336 -27.38 -18.44 5.52
N ASP B 337 -27.78 -17.22 5.20
CA ASP B 337 -28.93 -16.64 5.84
C ASP B 337 -30.18 -16.51 4.97
N ALA B 338 -30.11 -16.87 3.71
CA ALA B 338 -31.32 -16.85 2.92
C ALA B 338 -31.80 -18.28 2.71
N SER B 339 -33.12 -18.46 2.73
CA SER B 339 -33.80 -19.77 2.69
C SER B 339 -33.23 -20.86 1.79
N LEU B 340 -33.45 -22.12 2.17
CA LEU B 340 -32.92 -23.20 1.36
C LEU B 340 -33.28 -22.94 -0.10
N ARG B 341 -34.56 -22.71 -0.37
CA ARG B 341 -34.97 -22.37 -1.72
C ARG B 341 -34.07 -21.30 -2.32
N ALA B 342 -33.78 -20.26 -1.55
CA ALA B 342 -32.95 -19.16 -2.05
C ALA B 342 -31.60 -19.65 -2.46
N PHE B 343 -30.90 -20.31 -1.55
CA PHE B 343 -29.63 -20.91 -1.87
C PHE B 343 -29.62 -21.79 -3.17
N VAL B 344 -30.54 -22.75 -3.28
CA VAL B 344 -30.58 -23.61 -4.48
C VAL B 344 -30.85 -22.79 -5.71
N ARG B 345 -31.86 -21.95 -5.60
CA ARG B 345 -32.35 -21.24 -6.77
C ARG B 345 -31.56 -19.95 -6.89
N GLU B 346 -30.25 -20.15 -6.78
CA GLU B 346 -29.25 -19.11 -6.64
C GLU B 346 -27.93 -19.61 -7.23
N VAL B 347 -27.33 -20.65 -6.64
CA VAL B 347 -26.19 -21.30 -7.26
C VAL B 347 -26.46 -21.47 -8.78
N GLY B 348 -27.65 -22.00 -9.08
CA GLY B 348 -28.12 -22.14 -10.44
C GLY B 348 -28.65 -20.86 -11.09
N ALA B 349 -28.30 -19.71 -10.55
CA ALA B 349 -28.54 -18.50 -11.30
C ALA B 349 -27.39 -18.39 -12.27
N ARG B 350 -27.51 -17.49 -13.26
CA ARG B 350 -26.37 -17.12 -14.11
C ARG B 350 -25.18 -16.64 -13.23
N SER B 351 -25.30 -16.98 -11.95
CA SER B 351 -24.28 -16.82 -10.95
C SER B 351 -23.02 -17.54 -11.38
N ALA B 352 -22.01 -16.76 -11.73
CA ALA B 352 -20.66 -17.29 -11.62
C ALA B 352 -20.39 -17.50 -10.10
N ALA B 353 -21.15 -16.75 -9.27
CA ALA B 353 -20.94 -16.50 -7.81
C ALA B 353 -21.10 -17.69 -6.83
N PRO B 354 -22.31 -17.98 -6.28
CA PRO B 354 -22.37 -19.26 -5.57
C PRO B 354 -22.23 -20.39 -6.59
N GLY B 355 -21.72 -21.54 -6.17
CA GLY B 355 -21.61 -22.70 -7.06
C GLY B 355 -20.36 -23.52 -6.88
N GLY B 356 -20.42 -24.76 -7.34
CA GLY B 356 -19.29 -25.69 -7.29
C GLY B 356 -18.67 -25.87 -5.92
N GLY B 357 -17.64 -25.07 -5.67
CA GLY B 357 -16.93 -25.07 -4.38
C GLY B 357 -17.84 -24.84 -3.19
N SER B 358 -18.97 -24.20 -3.47
CA SER B 358 -19.93 -23.89 -2.43
C SER B 358 -20.86 -25.05 -2.18
N VAL B 359 -21.51 -25.55 -3.22
CA VAL B 359 -22.36 -26.72 -3.04
C VAL B 359 -21.52 -27.86 -2.53
N ALA B 360 -20.25 -27.91 -2.89
CA ALA B 360 -19.32 -28.84 -2.24
C ALA B 360 -19.44 -28.73 -0.74
N ALA B 361 -19.18 -27.54 -0.21
CA ALA B 361 -19.22 -27.29 1.21
C ALA B 361 -20.55 -27.68 1.85
N ALA B 362 -21.66 -27.26 1.25
CA ALA B 362 -22.97 -27.52 1.84
C ALA B 362 -23.35 -29.00 1.85
N VAL B 363 -23.07 -29.70 0.76
CA VAL B 363 -23.32 -31.13 0.68
C VAL B 363 -22.53 -31.82 1.79
N ALA B 364 -21.33 -31.32 2.04
CA ALA B 364 -20.47 -31.88 3.08
C ALA B 364 -21.02 -31.56 4.46
N ALA B 365 -21.57 -30.38 4.62
CA ALA B 365 -22.07 -30.00 5.92
C ALA B 365 -23.37 -30.72 6.19
N LEU B 366 -24.15 -30.97 5.12
CA LEU B 366 -25.32 -31.81 5.24
C LEU B 366 -24.83 -33.19 5.67
N GLY B 367 -23.63 -33.53 5.23
CA GLY B 367 -23.11 -34.85 5.50
C GLY B 367 -22.89 -35.04 6.96
N ALA B 368 -22.04 -34.19 7.51
CA ALA B 368 -21.69 -34.28 8.91
C ALA B 368 -22.95 -34.25 9.76
N ALA B 369 -23.79 -33.24 9.53
CA ALA B 369 -24.97 -33.03 10.36
C ALA B 369 -25.82 -34.29 10.44
N LEU B 370 -25.88 -35.07 9.36
CA LEU B 370 -26.63 -36.31 9.40
C LEU B 370 -26.03 -37.23 10.45
N ALA B 371 -24.71 -37.44 10.38
CA ALA B 371 -24.00 -38.32 11.30
C ALA B 371 -24.17 -37.82 12.74
N SER B 372 -24.07 -36.51 12.91
CA SER B 372 -24.35 -35.91 14.17
C SER B 372 -25.74 -36.34 14.67
N MSE B 373 -26.73 -36.36 13.77
CA MSE B 373 -28.12 -36.57 14.17
C MSE B 373 -28.44 -37.97 14.57
O MSE B 373 -29.28 -38.20 15.42
CB MSE B 373 -29.06 -36.25 13.03
CG MSE B 373 -30.32 -37.07 13.15
SE MSE B 373 -31.01 -37.66 11.44
CE MSE B 373 -32.29 -36.14 11.11
N VAL B 374 -27.83 -38.92 13.88
CA VAL B 374 -27.93 -40.33 14.27
C VAL B 374 -27.24 -40.55 15.61
N GLY B 375 -26.15 -39.85 15.85
CA GLY B 375 -25.49 -39.89 17.13
C GLY B 375 -26.48 -39.54 18.23
N GLN B 376 -27.19 -38.44 18.03
CA GLN B 376 -28.14 -37.99 19.00
C GLN B 376 -29.38 -38.84 18.92
N MSE B 377 -29.59 -39.49 17.80
CA MSE B 377 -30.74 -40.33 17.66
C MSE B 377 -30.52 -41.62 18.41
O MSE B 377 -31.46 -42.37 18.66
CB MSE B 377 -30.98 -40.63 16.20
CG MSE B 377 -32.39 -40.85 15.86
SE MSE B 377 -33.41 -39.29 16.31
CE MSE B 377 -34.14 -39.52 18.14
N THR B 378 -29.26 -41.88 18.74
CA THR B 378 -28.87 -43.06 19.47
C THR B 378 -28.52 -42.68 20.90
N TYR B 379 -28.95 -41.50 21.31
CA TYR B 379 -28.54 -40.97 22.60
C TYR B 379 -29.76 -40.65 23.46
N GLY B 380 -29.52 -40.36 24.73
CA GLY B 380 -30.60 -40.20 25.70
C GLY B 380 -31.32 -41.51 25.85
N ARG B 381 -32.58 -41.54 25.44
CA ARG B 381 -33.47 -42.71 25.55
C ARG B 381 -32.76 -43.94 26.11
N ARG B 382 -33.16 -44.37 27.30
CA ARG B 382 -32.74 -45.65 27.84
C ARG B 382 -32.84 -46.73 26.78
N GLN B 383 -32.04 -47.77 26.92
CA GLN B 383 -31.88 -48.82 25.90
C GLN B 383 -30.53 -48.64 25.21
N PHE B 384 -30.21 -47.40 24.84
CA PHE B 384 -28.94 -47.11 24.21
C PHE B 384 -27.90 -46.78 25.25
N ASP B 385 -28.27 -46.99 26.51
CA ASP B 385 -27.41 -46.66 27.63
C ASP B 385 -25.97 -47.11 27.42
N HIS B 386 -25.79 -48.38 27.06
CA HIS B 386 -24.46 -48.97 26.93
C HIS B 386 -23.60 -48.25 25.92
N LEU B 387 -24.19 -47.28 25.24
CA LEU B 387 -23.52 -46.52 24.22
C LEU B 387 -23.38 -45.06 24.54
N ASP B 388 -23.96 -44.63 25.66
CA ASP B 388 -23.89 -43.20 26.04
C ASP B 388 -22.46 -42.67 26.03
N SER B 389 -21.54 -43.51 26.51
CA SER B 389 -20.14 -43.14 26.59
C SER B 389 -19.58 -42.92 25.21
N THR B 390 -19.86 -43.83 24.30
CA THR B 390 -19.45 -43.64 22.92
C THR B 390 -20.17 -42.48 22.23
N MSE B 391 -21.50 -42.41 22.32
CA MSE B 391 -22.24 -41.31 21.70
C MSE B 391 -21.69 -39.96 22.10
O MSE B 391 -21.43 -39.13 21.24
CB MSE B 391 -23.74 -41.41 21.96
CG MSE B 391 -24.43 -42.53 21.20
SE MSE B 391 -23.85 -42.91 19.32
CE MSE B 391 -22.38 -44.18 19.65
N ARG B 392 -21.48 -39.75 23.40
CA ARG B 392 -20.84 -38.54 23.92
C ARG B 392 -19.50 -38.25 23.31
N ARG B 393 -18.84 -39.27 22.80
CA ARG B 393 -17.47 -39.10 22.33
C ARG B 393 -17.44 -38.61 20.91
N LEU B 394 -18.49 -38.92 20.16
CA LEU B 394 -18.43 -38.68 18.75
C LEU B 394 -19.51 -37.77 18.18
N ILE B 395 -20.62 -37.60 18.89
CA ILE B 395 -21.64 -36.65 18.44
C ILE B 395 -21.05 -35.29 18.16
N PRO B 396 -20.17 -34.79 19.03
CA PRO B 396 -19.52 -33.49 18.86
C PRO B 396 -18.72 -33.27 17.58
N PRO B 397 -17.56 -33.94 17.39
CA PRO B 397 -16.77 -33.75 16.17
C PRO B 397 -17.58 -33.55 14.90
N PHE B 398 -18.68 -34.28 14.77
CA PHE B 398 -19.58 -34.17 13.63
C PHE B 398 -20.32 -32.87 13.66
N HIS B 399 -21.02 -32.64 14.77
CA HIS B 399 -21.73 -31.41 15.06
C HIS B 399 -20.82 -30.18 14.89
N ALA B 400 -19.65 -30.15 15.52
CA ALA B 400 -18.74 -29.01 15.36
C ALA B 400 -18.17 -28.89 13.95
N ALA B 401 -17.74 -30.00 13.36
CA ALA B 401 -17.32 -29.95 11.95
C ALA B 401 -18.46 -29.51 11.06
N SER B 402 -19.67 -30.00 11.31
CA SER B 402 -20.86 -29.64 10.52
C SER B 402 -20.95 -28.14 10.35
N ALA B 403 -21.01 -27.43 11.47
CA ALA B 403 -21.13 -25.97 11.47
C ALA B 403 -19.93 -25.31 10.80
N GLN B 404 -18.76 -25.93 10.95
CA GLN B 404 -17.51 -25.40 10.41
C GLN B 404 -17.47 -25.39 8.90
N LEU B 405 -18.05 -26.44 8.33
CA LEU B 405 -18.19 -26.59 6.89
C LEU B 405 -19.30 -25.71 6.39
N THR B 406 -20.40 -25.61 7.15
CA THR B 406 -21.46 -24.66 6.84
C THR B 406 -20.83 -23.29 6.68
N SER B 407 -19.86 -22.98 7.53
CA SER B 407 -19.17 -21.72 7.42
C SER B 407 -18.20 -21.61 6.24
N LEU B 408 -17.80 -22.73 5.66
CA LEU B 408 -17.00 -22.63 4.44
C LEU B 408 -17.81 -22.08 3.25
N VAL B 409 -19.15 -22.14 3.33
CA VAL B 409 -19.98 -21.51 2.34
C VAL B 409 -19.48 -20.07 2.17
N ASP B 410 -19.21 -19.40 3.30
CA ASP B 410 -18.73 -18.02 3.30
C ASP B 410 -17.35 -17.92 2.71
N ALA B 411 -16.36 -18.36 3.47
CA ALA B 411 -14.99 -18.57 2.98
C ALA B 411 -14.92 -18.58 1.45
N ASP B 412 -15.66 -19.52 0.85
CA ASP B 412 -15.72 -19.71 -0.59
C ASP B 412 -16.08 -18.44 -1.29
N ALA B 413 -17.19 -17.84 -0.86
CA ALA B 413 -17.71 -16.63 -1.46
C ALA B 413 -16.72 -15.46 -1.30
N ARG B 414 -16.02 -15.45 -0.16
CA ARG B 414 -15.01 -14.41 0.08
C ARG B 414 -13.86 -14.58 -0.88
N ALA B 415 -13.32 -15.78 -0.91
CA ALA B 415 -12.22 -16.14 -1.81
C ALA B 415 -12.50 -15.64 -3.20
N PHE B 416 -13.60 -16.10 -3.76
CA PHE B 416 -13.99 -15.76 -5.12
C PHE B 416 -13.98 -14.25 -5.33
N ALA B 417 -14.54 -13.51 -4.37
CA ALA B 417 -14.73 -12.08 -4.56
C ALA B 417 -13.42 -11.33 -4.55
N ALA B 418 -12.44 -11.89 -3.82
CA ALA B 418 -11.08 -11.37 -3.76
C ALA B 418 -10.31 -11.72 -5.03
N CYS B 419 -10.56 -12.92 -5.55
CA CYS B 419 -10.01 -13.36 -6.83
C CYS B 419 -10.49 -12.44 -7.95
N LEU B 420 -11.77 -12.08 -7.84
CA LEU B 420 -12.43 -11.21 -8.80
C LEU B 420 -11.86 -9.81 -8.70
N GLY B 421 -11.61 -9.39 -7.47
CA GLY B 421 -11.03 -8.07 -7.20
C GLY B 421 -9.67 -7.92 -7.84
N ALA B 422 -8.88 -8.98 -7.79
CA ALA B 422 -7.61 -9.00 -8.47
C ALA B 422 -7.82 -8.90 -9.99
N ILE B 423 -8.46 -9.89 -10.61
CA ILE B 423 -8.73 -9.89 -12.06
C ILE B 423 -9.11 -8.52 -12.62
N LYS B 424 -10.02 -7.82 -11.92
CA LYS B 424 -10.55 -6.51 -12.32
C LYS B 424 -9.52 -5.37 -12.08
N LEU B 425 -8.23 -5.72 -12.09
CA LEU B 425 -7.20 -4.81 -11.62
C LEU B 425 -6.35 -4.29 -12.75
N PRO B 426 -6.25 -2.95 -12.89
CA PRO B 426 -5.78 -2.23 -14.06
C PRO B 426 -4.96 -3.14 -14.97
N LYS B 427 -3.64 -3.03 -14.90
CA LYS B 427 -2.77 -3.77 -15.78
C LYS B 427 -1.71 -2.87 -16.41
N ASN B 428 -0.71 -3.53 -16.99
CA ASN B 428 -0.07 -3.05 -18.22
C ASN B 428 1.27 -2.36 -18.09
N THR B 429 1.33 -1.32 -17.27
CA THR B 429 2.60 -0.68 -16.94
C THR B 429 3.31 -1.51 -15.88
N PRO B 430 4.66 -1.59 -15.93
CA PRO B 430 5.41 -2.63 -15.21
C PRO B 430 5.06 -2.64 -13.72
N GLU B 431 4.85 -1.45 -13.16
CA GLU B 431 4.54 -1.27 -11.75
C GLU B 431 3.25 -1.99 -11.38
N GLU B 432 2.22 -1.86 -12.21
CA GLU B 432 1.00 -2.64 -12.00
C GLU B 432 0.58 -3.55 -13.15
N ARG B 433 1.46 -4.48 -13.50
CA ARG B 433 1.09 -5.66 -14.25
C ARG B 433 1.70 -6.77 -13.42
N ASP B 434 3.00 -6.62 -13.14
CA ASP B 434 3.78 -7.54 -12.33
C ASP B 434 3.39 -7.51 -10.84
N ARG B 435 2.50 -6.59 -10.48
CA ARG B 435 2.02 -6.49 -9.11
C ARG B 435 0.54 -6.85 -9.06
N ARG B 436 -0.16 -6.59 -10.16
CA ARG B 436 -1.51 -7.10 -10.35
C ARG B 436 -1.45 -8.61 -10.43
N THR B 437 -0.55 -9.12 -11.26
CA THR B 437 -0.32 -10.56 -11.37
C THR B 437 -0.09 -11.15 -9.97
N CYS B 438 0.85 -10.54 -9.24
CA CYS B 438 1.28 -11.03 -7.93
C CYS B 438 0.15 -11.20 -6.90
N ALA B 439 -0.86 -10.34 -6.99
CA ALA B 439 -1.98 -10.40 -6.06
C ALA B 439 -2.98 -11.45 -6.50
N LEU B 440 -3.12 -11.64 -7.81
CA LEU B 440 -4.04 -12.64 -8.37
C LEU B 440 -3.69 -14.07 -7.92
N GLN B 441 -2.40 -14.37 -7.96
CA GLN B 441 -1.81 -15.60 -7.42
C GLN B 441 -2.18 -15.76 -5.94
N GLU B 442 -1.95 -14.72 -5.15
CA GLU B 442 -2.36 -14.71 -3.75
C GLU B 442 -3.88 -14.83 -3.68
N GLY B 443 -4.54 -14.47 -4.78
CA GLY B 443 -5.95 -14.68 -4.95
C GLY B 443 -6.16 -16.18 -4.90
N LEU B 444 -5.97 -16.83 -6.04
CA LEU B 444 -6.08 -18.30 -6.12
C LEU B 444 -5.64 -19.00 -4.83
N ARG B 445 -4.48 -18.63 -4.31
CA ARG B 445 -4.04 -19.12 -3.02
C ARG B 445 -5.20 -19.40 -2.07
N GLN B 446 -5.94 -18.35 -1.72
CA GLN B 446 -7.15 -18.47 -0.91
C GLN B 446 -8.19 -19.35 -1.58
N ALA B 447 -8.48 -19.06 -2.84
CA ALA B 447 -9.48 -19.82 -3.58
C ALA B 447 -9.23 -21.31 -3.39
N VAL B 448 -7.97 -21.72 -3.43
CA VAL B 448 -7.56 -23.11 -3.23
C VAL B 448 -7.75 -23.54 -1.78
N ALA B 449 -7.16 -22.77 -0.89
CA ALA B 449 -7.13 -23.10 0.53
C ALA B 449 -8.48 -23.49 1.17
N VAL B 450 -9.59 -22.96 0.67
CA VAL B 450 -10.87 -23.31 1.28
C VAL B 450 -11.31 -24.74 0.96
N PRO B 451 -11.49 -25.09 -0.32
CA PRO B 451 -11.78 -26.48 -0.62
C PRO B 451 -10.83 -27.46 0.09
N LEU B 452 -9.54 -27.14 0.04
CA LEU B 452 -8.50 -27.91 0.70
C LEU B 452 -8.87 -28.12 2.17
N LYS B 453 -9.23 -27.04 2.88
CA LYS B 453 -9.71 -27.13 4.26
C LYS B 453 -10.90 -28.07 4.27
N LEU B 454 -11.92 -27.74 3.47
CA LEU B 454 -13.11 -28.58 3.31
C LEU B 454 -12.79 -30.06 3.19
N ALA B 455 -11.70 -30.41 2.51
CA ALA B 455 -11.25 -31.81 2.48
C ALA B 455 -10.65 -32.19 3.84
N GLU B 456 -9.46 -31.68 4.11
CA GLU B 456 -8.86 -31.88 5.41
C GLU B 456 -9.92 -32.08 6.50
N THR B 457 -10.86 -31.15 6.64
CA THR B 457 -11.83 -31.22 7.76
C THR B 457 -12.74 -32.44 7.71
N VAL B 458 -13.26 -32.76 6.52
CA VAL B 458 -14.15 -33.90 6.37
C VAL B 458 -13.39 -35.20 6.54
N SER B 459 -12.10 -35.13 6.22
CA SER B 459 -11.20 -36.28 6.29
C SER B 459 -10.92 -36.77 7.71
N GLN B 460 -11.18 -35.92 8.69
CA GLN B 460 -11.00 -36.31 10.08
C GLN B 460 -12.16 -37.10 10.66
N LEU B 461 -13.35 -36.89 10.10
CA LEU B 461 -14.56 -37.46 10.63
C LEU B 461 -14.64 -38.93 10.29
N TRP B 462 -13.91 -39.32 9.26
CA TRP B 462 -13.95 -40.69 8.76
C TRP B 462 -13.98 -41.76 9.86
N PRO B 463 -12.93 -41.86 10.71
CA PRO B 463 -12.89 -42.98 11.68
C PRO B 463 -14.05 -42.96 12.68
N ALA B 464 -14.47 -41.79 13.11
CA ALA B 464 -15.63 -41.71 13.97
C ALA B 464 -16.88 -42.10 13.19
N LEU B 465 -16.97 -41.69 11.93
CA LEU B 465 -18.10 -42.08 11.11
C LEU B 465 -18.15 -43.58 11.04
N GLN B 466 -16.97 -44.15 10.87
CA GLN B 466 -16.78 -45.56 10.72
C GLN B 466 -17.33 -46.30 11.93
N GLU B 467 -17.00 -45.81 13.12
CA GLU B 467 -17.39 -46.44 14.39
C GLU B 467 -18.86 -46.18 14.71
N LEU B 468 -19.37 -45.05 14.25
CA LEU B 468 -20.74 -44.69 14.51
C LEU B 468 -21.56 -45.62 13.67
N ALA B 469 -20.94 -46.08 12.60
CA ALA B 469 -21.62 -46.92 11.63
C ALA B 469 -21.76 -48.34 12.16
N GLN B 470 -20.92 -48.66 13.13
CA GLN B 470 -20.90 -49.99 13.72
C GLN B 470 -22.16 -50.26 14.52
N CYS B 471 -22.31 -49.57 15.64
CA CYS B 471 -23.58 -49.48 16.35
C CYS B 471 -24.30 -48.24 15.81
N GLY B 472 -24.85 -47.42 16.69
CA GLY B 472 -25.45 -46.16 16.24
C GLY B 472 -26.82 -46.40 15.63
N ASN B 473 -27.85 -46.03 16.39
CA ASN B 473 -29.20 -46.56 16.26
C ASN B 473 -29.26 -47.80 15.40
N LEU B 474 -29.83 -47.64 14.22
CA LEU B 474 -29.97 -48.69 13.23
C LEU B 474 -31.17 -48.33 12.44
N SER B 475 -32.12 -47.68 13.09
CA SER B 475 -33.29 -47.24 12.36
C SER B 475 -32.97 -46.02 11.51
N CYS B 476 -31.74 -45.51 11.65
CA CYS B 476 -31.25 -44.43 10.82
C CYS B 476 -30.27 -44.96 9.80
N LEU B 477 -30.31 -46.26 9.55
CA LEU B 477 -29.39 -46.87 8.64
C LEU B 477 -29.28 -45.97 7.43
N SER B 478 -30.42 -45.77 6.78
CA SER B 478 -30.57 -44.87 5.64
C SER B 478 -29.78 -43.58 5.86
N ASP B 479 -30.08 -42.93 6.98
CA ASP B 479 -29.52 -41.62 7.27
C ASP B 479 -28.00 -41.67 7.30
N LEU B 480 -27.43 -42.79 7.76
CA LEU B 480 -25.98 -42.91 7.79
C LEU B 480 -25.42 -43.11 6.41
N GLN B 481 -26.09 -43.94 5.61
CA GLN B 481 -25.70 -44.19 4.21
C GLN B 481 -25.64 -42.92 3.38
N VAL B 482 -26.71 -42.13 3.44
CA VAL B 482 -26.67 -40.83 2.81
C VAL B 482 -25.49 -40.05 3.36
N ALA B 483 -25.33 -40.08 4.68
CA ALA B 483 -24.28 -39.32 5.34
C ALA B 483 -22.93 -39.67 4.77
N ALA B 484 -22.64 -40.96 4.72
CA ALA B 484 -21.39 -41.46 4.19
C ALA B 484 -21.26 -40.93 2.80
N LYS B 485 -22.29 -41.15 1.99
CA LYS B 485 -22.23 -40.74 0.60
C LYS B 485 -22.04 -39.26 0.43
N ALA B 486 -22.65 -38.45 1.30
CA ALA B 486 -22.61 -37.01 1.17
C ALA B 486 -21.23 -36.47 1.46
N LEU B 487 -20.62 -36.95 2.54
CA LEU B 487 -19.27 -36.53 2.88
C LEU B 487 -18.36 -36.91 1.74
N GLU B 488 -18.69 -38.00 1.09
CA GLU B 488 -17.81 -38.45 0.05
C GLU B 488 -17.75 -37.42 -1.05
N THR B 489 -18.91 -37.03 -1.56
CA THR B 489 -18.97 -36.19 -2.73
C THR B 489 -18.49 -34.83 -2.31
N GLY B 490 -18.61 -34.55 -1.02
CA GLY B 490 -18.07 -33.33 -0.45
C GLY B 490 -16.61 -33.21 -0.81
N VAL B 491 -15.86 -34.26 -0.48
CA VAL B 491 -14.43 -34.35 -0.81
C VAL B 491 -14.17 -34.37 -2.32
N PHE B 492 -15.07 -34.98 -3.08
CA PHE B 492 -14.98 -34.92 -4.54
C PHE B 492 -15.00 -33.47 -4.95
N GLY B 493 -16.08 -32.77 -4.63
CA GLY B 493 -16.15 -31.36 -4.90
C GLY B 493 -14.86 -30.70 -4.52
N ALA B 494 -14.43 -30.95 -3.29
CA ALA B 494 -13.24 -30.31 -2.74
C ALA B 494 -12.10 -30.57 -3.66
N TYR B 495 -11.87 -31.84 -3.96
CA TYR B 495 -10.84 -32.26 -4.91
C TYR B 495 -10.85 -31.40 -6.17
N PHE B 496 -11.92 -31.49 -6.96
CA PHE B 496 -11.95 -30.83 -8.27
C PHE B 496 -11.53 -29.39 -8.11
N ASN B 497 -12.16 -28.75 -7.14
CA ASN B 497 -12.07 -27.31 -6.99
C ASN B 497 -10.66 -26.87 -6.72
N VAL B 498 -9.91 -27.70 -6.04
CA VAL B 498 -8.50 -27.42 -5.80
C VAL B 498 -7.78 -27.50 -7.13
N LEU B 499 -7.84 -28.65 -7.77
CA LEU B 499 -7.21 -28.77 -9.07
C LEU B 499 -7.43 -27.53 -9.94
N ILE B 500 -8.66 -27.33 -10.41
CA ILE B 500 -8.95 -26.25 -11.38
C ILE B 500 -8.30 -24.90 -11.03
N ASN B 501 -8.09 -24.61 -9.75
CA ASN B 501 -7.37 -23.41 -9.36
C ASN B 501 -5.87 -23.56 -9.50
N LEU B 502 -5.33 -24.66 -8.98
CA LEU B 502 -3.92 -24.95 -9.15
C LEU B 502 -3.49 -24.83 -10.61
N LYS B 503 -4.44 -24.89 -11.53
CA LYS B 503 -4.09 -24.71 -12.93
C LYS B 503 -3.39 -23.38 -13.19
N ASP B 504 -3.98 -22.28 -12.71
CA ASP B 504 -3.40 -20.95 -12.91
C ASP B 504 -2.32 -20.62 -11.88
N MSE B 505 -2.06 -21.55 -10.98
CA MSE B 505 -1.01 -21.38 -9.98
C MSE B 505 0.36 -21.53 -10.62
O MSE B 505 0.59 -22.43 -11.43
CB MSE B 505 -1.16 -22.39 -8.83
CG MSE B 505 -2.48 -22.31 -8.07
SE MSE B 505 -2.45 -21.25 -6.38
CE MSE B 505 -1.17 -22.32 -5.28
N THR B 506 1.27 -20.62 -10.28
CA THR B 506 2.70 -20.80 -10.49
C THR B 506 3.36 -20.86 -9.11
N ASP B 507 4.30 -21.80 -8.96
CA ASP B 507 4.85 -22.17 -7.66
C ASP B 507 4.74 -23.68 -7.53
N ASP B 508 5.50 -24.39 -8.37
CA ASP B 508 5.25 -25.81 -8.60
C ASP B 508 5.36 -26.64 -7.35
N VAL B 509 6.25 -26.23 -6.45
CA VAL B 509 6.41 -26.89 -5.16
C VAL B 509 5.05 -26.97 -4.48
N PHE B 510 4.56 -25.82 -4.02
CA PHE B 510 3.22 -25.67 -3.43
C PHE B 510 2.22 -26.50 -4.22
N LYS B 511 2.20 -26.28 -5.53
CA LYS B 511 1.35 -27.04 -6.42
C LYS B 511 1.50 -28.55 -6.19
N GLU B 512 2.45 -29.16 -6.91
CA GLU B 512 2.78 -30.58 -6.80
C GLU B 512 2.47 -31.14 -5.40
N LYS B 513 2.88 -30.45 -4.35
CA LYS B 513 2.54 -30.89 -3.00
C LYS B 513 1.03 -30.94 -2.75
N THR B 514 0.32 -29.84 -3.07
CA THR B 514 -1.13 -29.73 -2.85
C THR B 514 -1.87 -30.68 -3.73
N ARG B 515 -1.42 -30.79 -4.97
CA ARG B 515 -1.99 -31.71 -5.93
C ARG B 515 -2.13 -33.06 -5.28
N HIS B 516 -1.07 -33.50 -4.63
CA HIS B 516 -0.96 -34.85 -4.14
C HIS B 516 -1.71 -35.08 -2.85
N ARG B 517 -1.55 -34.14 -1.94
CA ARG B 517 -2.30 -34.13 -0.70
C ARG B 517 -3.77 -34.23 -1.02
N ILE B 518 -4.24 -33.43 -1.96
CA ILE B 518 -5.65 -33.43 -2.25
C ILE B 518 -6.11 -34.80 -2.68
N SER B 519 -5.34 -35.44 -3.57
CA SER B 519 -5.82 -36.67 -4.21
C SER B 519 -5.92 -37.83 -3.25
N SER B 520 -4.89 -37.98 -2.44
CA SER B 520 -4.86 -38.94 -1.35
C SER B 520 -6.13 -38.86 -0.55
N LEU B 521 -6.50 -37.62 -0.19
CA LEU B 521 -7.71 -37.35 0.58
C LEU B 521 -8.96 -37.78 -0.16
N LEU B 522 -8.99 -37.53 -1.46
CA LEU B 522 -10.07 -37.99 -2.31
C LEU B 522 -10.10 -39.49 -2.27
N GLN B 523 -8.95 -40.09 -2.50
CA GLN B 523 -8.78 -41.54 -2.42
C GLN B 523 -9.29 -42.08 -1.12
N GLU B 524 -8.81 -41.51 -0.02
CA GLU B 524 -9.23 -41.90 1.31
C GLU B 524 -10.72 -41.81 1.41
N ALA B 525 -11.26 -40.72 0.86
CA ALA B 525 -12.69 -40.52 0.84
C ALA B 525 -13.33 -41.68 0.12
N LYS B 526 -12.81 -41.98 -1.08
CA LYS B 526 -13.37 -43.04 -1.91
C LYS B 526 -13.44 -44.36 -1.15
N THR B 527 -12.31 -44.81 -0.59
CA THR B 527 -12.25 -46.10 0.11
C THR B 527 -13.05 -46.04 1.39
N GLN B 528 -12.86 -44.97 2.17
CA GLN B 528 -13.38 -44.92 3.52
C GLN B 528 -14.88 -45.00 3.45
N ALA B 529 -15.42 -44.20 2.57
CA ALA B 529 -16.86 -44.13 2.32
C ALA B 529 -17.42 -45.50 2.11
N ALA B 530 -16.61 -46.35 1.48
CA ALA B 530 -17.00 -47.71 1.12
C ALA B 530 -17.36 -48.50 2.36
N LEU B 531 -16.34 -48.95 3.08
CA LEU B 531 -16.54 -49.77 4.27
C LEU B 531 -17.61 -49.26 5.20
N VAL B 532 -17.67 -47.95 5.45
CA VAL B 532 -18.81 -47.36 6.14
C VAL B 532 -20.06 -48.02 5.55
N LEU B 533 -20.24 -47.82 4.26
CA LEU B 533 -21.35 -48.38 3.53
C LEU B 533 -21.41 -49.87 3.64
N GLY B 534 -20.23 -50.48 3.64
CA GLY B 534 -20.10 -51.89 3.89
C GLY B 534 -20.71 -52.14 5.24
N SER B 535 -20.01 -51.77 6.30
CA SER B 535 -20.49 -52.00 7.67
C SER B 535 -22.01 -51.92 7.73
N LEU B 536 -22.56 -50.81 7.26
CA LEU B 536 -23.98 -50.57 7.33
C LEU B 536 -24.77 -51.69 6.69
N GLU B 537 -24.45 -51.97 5.44
CA GLU B 537 -25.03 -53.12 4.72
C GLU B 537 -24.89 -54.44 5.51
N ALA B 538 -23.67 -54.76 5.94
CA ALA B 538 -23.45 -55.96 6.71
C ALA B 538 -24.13 -55.86 8.07
N ARG B 539 -24.55 -54.66 8.44
CA ARG B 539 -25.29 -54.53 9.68
C ARG B 539 -26.73 -55.01 9.49
N LYS B 540 -27.46 -54.46 8.51
CA LYS B 540 -28.78 -54.97 8.03
C LYS B 540 -29.12 -56.37 8.55
N GLU B 541 -29.60 -56.37 9.80
CA GLU B 541 -29.90 -57.58 10.60
C GLU B 541 -31.42 -57.72 10.84
N SER C 2 20.38 5.92 6.72
CA SER C 2 19.48 6.27 7.85
C SER C 2 18.49 5.13 7.99
N GLN C 3 18.01 4.89 9.20
CA GLN C 3 17.13 3.75 9.50
C GLN C 3 17.93 2.46 9.67
N LEU C 4 18.94 2.48 10.52
CA LEU C 4 19.84 1.33 10.68
C LEU C 4 19.46 0.30 11.74
N VAL C 5 19.40 -0.96 11.29
CA VAL C 5 19.17 -2.12 12.14
C VAL C 5 20.28 -3.16 12.00
N GLU C 6 20.89 -3.50 13.13
CA GLU C 6 21.91 -4.52 13.21
C GLU C 6 21.24 -5.89 13.36
N CYS C 7 21.87 -6.91 12.79
CA CYS C 7 21.32 -8.26 12.82
C CYS C 7 22.45 -9.27 12.91
N VAL C 8 22.48 -10.00 14.02
CA VAL C 8 23.58 -10.90 14.37
C VAL C 8 23.14 -12.38 14.42
N PRO C 9 22.98 -13.02 13.24
CA PRO C 9 22.67 -14.44 13.23
C PRO C 9 23.79 -15.27 13.84
N ASN C 10 23.40 -16.13 14.77
CA ASN C 10 24.29 -17.03 15.47
C ASN C 10 24.26 -18.37 14.75
N PHE C 11 25.24 -18.58 13.87
CA PHE C 11 25.25 -19.80 13.06
C PHE C 11 26.08 -20.89 13.70
N SER C 12 25.48 -22.09 13.71
CA SER C 12 26.14 -23.29 14.23
C SER C 12 27.14 -23.80 13.22
N GLU C 13 28.30 -23.16 13.27
CA GLU C 13 29.41 -23.31 12.35
C GLU C 13 29.57 -24.60 11.55
N GLY C 14 29.42 -25.79 12.09
CA GLY C 14 29.84 -26.95 11.31
C GLY C 14 31.35 -26.99 11.17
N ASN C 15 31.96 -25.84 10.84
CA ASN C 15 33.41 -25.68 10.77
C ASN C 15 33.95 -26.14 9.44
N ASN C 16 33.98 -25.22 8.48
CA ASN C 16 34.53 -25.54 7.17
C ASN C 16 34.08 -24.54 6.12
N GLN C 17 35.07 -23.75 5.67
CA GLN C 17 34.91 -22.67 4.71
C GLN C 17 33.64 -22.74 3.89
N GLU C 18 33.54 -23.77 3.05
CA GLU C 18 32.38 -23.99 2.18
C GLU C 18 31.04 -23.67 2.84
N VAL C 19 30.92 -23.96 4.12
CA VAL C 19 29.70 -23.65 4.86
C VAL C 19 29.66 -22.15 5.17
N ILE C 20 30.73 -21.65 5.81
CA ILE C 20 30.80 -20.25 6.26
C ILE C 20 30.60 -19.23 5.12
N ASP C 21 31.58 -19.21 4.21
CA ASP C 21 31.66 -18.23 3.11
C ASP C 21 30.48 -18.31 2.16
N ALA C 22 29.74 -19.42 2.23
CA ALA C 22 28.54 -19.64 1.43
C ALA C 22 27.34 -18.95 2.06
N ILE C 23 27.12 -19.22 3.35
CA ILE C 23 26.18 -18.43 4.13
C ILE C 23 26.55 -16.95 3.98
N SER C 24 27.82 -16.63 4.25
CA SER C 24 28.31 -15.25 4.30
C SER C 24 28.22 -14.48 2.97
N GLN C 25 27.90 -15.19 1.88
CA GLN C 25 27.61 -14.57 0.60
C GLN C 25 26.13 -14.31 0.41
N ALA C 26 25.33 -15.38 0.54
CA ALA C 26 23.87 -15.32 0.39
C ALA C 26 23.30 -14.20 1.24
N ILE C 27 23.94 -13.96 2.39
CA ILE C 27 23.63 -12.82 3.24
C ILE C 27 24.15 -11.50 2.65
N SER C 28 25.28 -11.55 1.96
CA SER C 28 25.89 -10.35 1.38
C SER C 28 25.44 -10.06 -0.07
N GLN C 29 24.72 -11.02 -0.65
CA GLN C 29 24.11 -10.86 -1.98
C GLN C 29 22.61 -10.60 -1.86
N THR C 30 22.20 -10.23 -0.65
CA THR C 30 20.85 -9.75 -0.38
C THR C 30 20.85 -8.22 -0.46
N PRO C 31 20.02 -7.64 -1.36
CA PRO C 31 20.10 -6.20 -1.55
C PRO C 31 19.48 -5.45 -0.38
N GLY C 32 20.19 -4.46 0.15
CA GLY C 32 19.65 -3.59 1.18
C GLY C 32 20.25 -3.75 2.56
N CYS C 33 21.18 -4.69 2.68
CA CYS C 33 21.98 -4.85 3.89
C CYS C 33 23.47 -4.92 3.54
N VAL C 34 24.33 -4.69 4.53
CA VAL C 34 25.77 -4.67 4.30
C VAL C 34 26.44 -5.59 5.33
N LEU C 35 27.26 -6.52 4.86
CA LEU C 35 27.89 -7.48 5.74
C LEU C 35 29.08 -6.90 6.52
N LEU C 36 28.95 -6.82 7.84
CA LEU C 36 29.91 -6.07 8.66
C LEU C 36 31.05 -6.85 9.32
N ASP C 37 30.85 -8.16 9.54
CA ASP C 37 31.87 -9.06 10.11
C ASP C 37 31.31 -10.44 10.32
N VAL C 38 32.13 -11.44 10.01
CA VAL C 38 31.84 -12.85 10.28
C VAL C 38 32.87 -13.43 11.27
N ASP C 39 32.52 -13.45 12.56
CA ASP C 39 33.37 -14.09 13.57
C ASP C 39 33.15 -15.60 13.66
N ALA C 40 34.22 -16.36 13.47
CA ALA C 40 34.18 -17.81 13.56
C ALA C 40 35.12 -18.26 14.66
N GLY C 41 34.70 -19.27 15.41
CA GLY C 41 35.53 -19.81 16.48
C GLY C 41 35.51 -21.33 16.45
N PRO C 42 36.60 -21.95 15.93
CA PRO C 42 36.80 -23.41 15.82
C PRO C 42 36.42 -24.26 17.04
N SER C 43 36.97 -23.96 18.23
CA SER C 43 36.67 -24.75 19.44
C SER C 43 35.25 -24.50 19.99
N THR C 44 34.70 -23.31 19.72
CA THR C 44 33.27 -23.02 19.96
C THR C 44 32.39 -23.65 18.87
N ASN C 45 33.00 -23.88 17.70
CA ASN C 45 32.34 -24.42 16.53
C ASN C 45 31.02 -23.72 16.20
N ARG C 46 31.10 -22.39 16.14
CA ARG C 46 30.01 -21.57 15.64
C ARG C 46 30.59 -20.37 14.91
N THR C 47 29.74 -19.68 14.15
CA THR C 47 30.16 -18.50 13.44
C THR C 47 29.09 -17.46 13.65
N VAL C 48 29.45 -16.37 14.32
CA VAL C 48 28.57 -15.25 14.45
C VAL C 48 28.73 -14.36 13.21
N TYR C 49 27.61 -14.05 12.57
CA TYR C 49 27.62 -13.10 11.46
C TYR C 49 26.98 -11.80 11.93
N THR C 50 27.49 -10.68 11.43
CA THR C 50 26.98 -9.36 11.77
C THR C 50 26.77 -8.55 10.51
N PHE C 51 25.57 -8.00 10.36
CA PHE C 51 25.23 -7.14 9.23
C PHE C 51 24.10 -6.17 9.59
N VAL C 52 24.09 -5.03 8.93
CA VAL C 52 23.13 -3.97 9.23
C VAL C 52 22.23 -3.65 8.02
N GLY C 53 21.34 -2.67 8.14
CA GLY C 53 20.51 -2.24 7.02
C GLY C 53 19.08 -1.88 7.40
N GLN C 54 18.25 -1.61 6.39
CA GLN C 54 16.83 -1.26 6.60
C GLN C 54 16.01 -2.44 7.12
N PRO C 55 15.03 -2.14 8.01
CA PRO C 55 14.03 -3.03 8.58
C PRO C 55 13.68 -4.27 7.76
N GLU C 56 13.12 -4.09 6.57
CA GLU C 56 12.70 -5.24 5.74
C GLU C 56 13.86 -5.86 4.98
N CYS C 57 14.87 -5.04 4.64
CA CYS C 57 16.05 -5.47 3.90
C CYS C 57 16.88 -6.49 4.68
N VAL C 58 17.13 -6.20 5.94
CA VAL C 58 17.87 -7.11 6.81
C VAL C 58 17.20 -8.48 6.93
N VAL C 59 15.87 -8.48 7.09
CA VAL C 59 15.08 -9.72 7.22
C VAL C 59 15.32 -10.67 6.05
N GLU C 60 15.37 -10.11 4.83
CA GLU C 60 15.75 -10.87 3.64
C GLU C 60 17.05 -11.61 3.90
N GLY C 61 18.14 -10.86 4.09
CA GLY C 61 19.44 -11.42 4.46
C GLY C 61 19.38 -12.42 5.59
N ALA C 62 18.63 -12.08 6.64
CA ALA C 62 18.36 -12.99 7.75
C ALA C 62 17.86 -14.34 7.22
N LEU C 63 16.73 -14.33 6.50
CA LEU C 63 16.20 -15.59 5.93
C LEU C 63 16.85 -16.05 4.63
N SER C 64 17.50 -15.12 3.91
CA SER C 64 18.31 -15.48 2.74
C SER C 64 19.52 -16.31 3.15
N ALA C 65 19.97 -16.11 4.39
CA ALA C 65 21.11 -16.85 4.97
C ALA C 65 20.70 -18.19 5.59
N ALA C 66 19.44 -18.31 6.00
CA ALA C 66 18.95 -19.52 6.66
C ALA C 66 18.66 -20.63 5.65
N ARG C 67 18.23 -20.24 4.46
CA ARG C 67 17.91 -21.16 3.37
C ARG C 67 19.17 -21.68 2.68
N THR C 68 20.30 -21.02 2.93
CA THR C 68 21.58 -21.45 2.37
C THR C 68 22.31 -22.35 3.38
N ALA C 69 22.11 -22.09 4.67
CA ALA C 69 22.62 -22.97 5.73
C ALA C 69 21.72 -24.19 5.89
N SER C 70 20.43 -24.01 5.56
CA SER C 70 19.48 -25.11 5.53
C SER C 70 20.08 -26.28 4.76
N GLN C 71 20.47 -26.02 3.52
CA GLN C 71 21.02 -27.04 2.64
C GLN C 71 22.56 -27.09 2.69
N LEU C 72 23.12 -26.97 3.90
CA LEU C 72 24.58 -27.00 4.07
C LEU C 72 25.08 -27.44 5.45
N ILE C 73 24.16 -27.62 6.40
CA ILE C 73 24.55 -28.09 7.74
C ILE C 73 23.64 -29.19 8.28
N ASP C 74 24.25 -30.32 8.62
CA ASP C 74 23.59 -31.40 9.36
C ASP C 74 24.02 -31.34 10.81
N MSE C 75 23.08 -31.04 11.70
CA MSE C 75 23.34 -30.94 13.14
C MSE C 75 23.72 -32.28 13.78
O MSE C 75 24.21 -32.33 14.90
CB MSE C 75 22.13 -30.37 13.85
CG MSE C 75 21.90 -28.90 13.57
SE MSE C 75 23.05 -27.86 14.72
CE MSE C 75 24.58 -27.58 13.53
N ARG C 76 23.48 -33.34 13.02
CA ARG C 76 23.77 -34.71 13.41
C ARG C 76 25.28 -34.90 13.57
N LYS C 77 26.04 -34.31 12.66
CA LYS C 77 27.50 -34.31 12.76
C LYS C 77 28.05 -33.00 13.36
N HIS C 78 27.22 -32.29 14.12
CA HIS C 78 27.70 -31.09 14.81
C HIS C 78 27.80 -31.29 16.31
N LYS C 79 28.92 -30.81 16.84
CA LYS C 79 29.25 -30.88 18.24
C LYS C 79 30.34 -29.90 18.58
N GLY C 80 29.95 -28.71 18.99
CA GLY C 80 30.89 -27.67 19.38
C GLY C 80 30.96 -27.50 20.88
N GLU C 81 32.04 -26.88 21.35
CA GLU C 81 32.21 -26.58 22.76
C GLU C 81 31.51 -25.26 23.14
N HIS C 82 30.33 -25.05 22.56
CA HIS C 82 29.46 -23.95 22.96
C HIS C 82 28.00 -24.36 22.91
N PRO C 83 27.27 -24.21 24.04
CA PRO C 83 25.86 -24.60 24.20
C PRO C 83 24.94 -24.19 23.04
N ARG C 84 25.17 -24.77 21.85
CA ARG C 84 24.36 -24.49 20.65
C ARG C 84 22.94 -25.06 20.83
N MSE C 85 22.18 -25.18 19.74
CA MSE C 85 20.87 -25.83 19.80
C MSE C 85 20.42 -26.20 18.40
O MSE C 85 20.19 -27.37 18.10
CB MSE C 85 19.84 -24.92 20.47
CG MSE C 85 18.39 -25.42 20.43
SE MSE C 85 17.40 -24.14 21.48
CE MSE C 85 15.54 -24.77 21.36
N GLY C 86 20.26 -25.17 17.56
CA GLY C 86 19.91 -25.34 16.15
C GLY C 86 21.12 -25.15 15.26
N ALA C 87 20.89 -25.00 13.95
CA ALA C 87 21.97 -24.68 13.02
C ALA C 87 22.12 -23.17 12.99
N LEU C 88 21.01 -22.51 13.29
CA LEU C 88 20.97 -21.09 13.57
C LEU C 88 20.40 -21.00 14.97
N ASP C 89 21.25 -20.84 15.97
CA ASP C 89 20.76 -20.56 17.31
C ASP C 89 20.10 -19.19 17.25
N VAL C 90 20.41 -18.31 18.19
CA VAL C 90 19.75 -17.00 18.26
C VAL C 90 19.99 -16.16 17.00
N CYS C 91 18.94 -15.53 16.50
CA CYS C 91 19.06 -14.56 15.43
C CYS C 91 18.28 -13.33 15.86
N PRO C 92 18.97 -12.38 16.51
CA PRO C 92 18.39 -11.17 17.07
C PRO C 92 18.50 -9.96 16.14
N PHE C 93 17.67 -8.96 16.42
CA PHE C 93 17.51 -7.80 15.55
C PHE C 93 17.53 -6.56 16.44
N ILE C 94 18.59 -5.75 16.31
CA ILE C 94 18.80 -4.59 17.19
C ILE C 94 18.77 -3.23 16.47
N PRO C 95 18.33 -2.16 17.18
CA PRO C 95 18.40 -0.83 16.59
C PRO C 95 19.82 -0.27 16.56
N VAL C 96 20.09 0.63 15.61
CA VAL C 96 21.38 1.31 15.51
C VAL C 96 21.18 2.82 15.48
N ARG C 97 20.31 3.28 14.58
CA ARG C 97 19.84 4.67 14.58
C ARG C 97 18.42 4.70 14.01
N GLY C 98 17.60 5.61 14.52
CA GLY C 98 16.28 5.88 13.94
C GLY C 98 15.18 4.86 14.24
N VAL C 99 15.46 3.58 13.98
CA VAL C 99 14.50 2.50 14.26
C VAL C 99 14.40 2.24 15.77
N SER C 100 13.17 2.17 16.25
CA SER C 100 12.92 1.96 17.67
C SER C 100 12.69 0.50 17.96
N MSE C 101 12.82 0.16 19.24
CA MSE C 101 12.56 -1.17 19.74
C MSE C 101 11.36 -1.73 19.03
O MSE C 101 11.48 -2.71 18.30
CB MSE C 101 12.30 -1.12 21.25
CG MSE C 101 12.52 -2.47 21.93
SE MSE C 101 14.16 -3.31 21.27
CE MSE C 101 15.53 -2.24 22.23
N ASP C 102 10.22 -1.07 19.20
CA ASP C 102 8.97 -1.57 18.67
C ASP C 102 9.03 -2.03 17.24
N GLU C 103 9.82 -1.35 16.41
CA GLU C 103 10.07 -1.85 15.06
C GLU C 103 10.87 -3.15 15.10
N CYS C 104 12.00 -3.16 15.81
CA CYS C 104 12.86 -4.36 15.95
C CYS C 104 12.11 -5.58 16.48
N VAL C 105 11.10 -5.32 17.30
CA VAL C 105 10.16 -6.35 17.76
C VAL C 105 9.31 -6.88 16.58
N LEU C 106 8.93 -6.00 15.65
CA LEU C 106 8.15 -6.41 14.47
C LEU C 106 8.98 -7.10 13.38
N CYS C 107 10.27 -6.78 13.29
CA CYS C 107 11.17 -7.48 12.36
C CYS C 107 11.31 -8.91 12.80
N ALA C 108 11.40 -9.07 14.12
CA ALA C 108 11.45 -10.38 14.75
C ALA C 108 10.19 -11.17 14.42
N LYS C 109 9.05 -10.48 14.41
CA LYS C 109 7.77 -11.09 14.05
C LYS C 109 7.78 -11.58 12.60
N ALA C 110 8.46 -10.83 11.73
CA ALA C 110 8.52 -11.13 10.30
C ALA C 110 9.42 -12.35 10.03
N PHE C 111 10.70 -12.24 10.41
CA PHE C 111 11.65 -13.34 10.22
C PHE C 111 11.12 -14.65 10.79
N GLY C 112 10.65 -14.60 12.04
CA GLY C 112 10.09 -15.77 12.72
C GLY C 112 9.00 -16.50 11.95
N GLN C 113 8.04 -15.75 11.42
CA GLN C 113 6.95 -16.31 10.61
C GLN C 113 7.48 -16.87 9.30
N ARG C 114 7.90 -15.97 8.40
CA ARG C 114 8.40 -16.34 7.07
C ARG C 114 9.48 -17.46 7.08
N LEU C 115 10.16 -17.65 8.21
CA LEU C 115 11.22 -18.67 8.33
C LEU C 115 10.69 -20.09 8.56
N ALA C 116 10.06 -20.30 9.71
CA ALA C 116 9.44 -21.59 10.05
C ALA C 116 8.45 -22.05 8.98
N GLU C 117 7.99 -21.11 8.17
CA GLU C 117 7.10 -21.38 7.05
C GLU C 117 7.89 -21.96 5.89
N GLU C 118 8.91 -21.24 5.46
CA GLU C 118 9.71 -21.61 4.29
C GLU C 118 10.65 -22.78 4.55
N LEU C 119 10.67 -23.26 5.79
CA LEU C 119 11.53 -24.39 6.12
C LEU C 119 10.76 -25.56 6.70
N ASN C 120 9.87 -25.26 7.64
CA ASN C 120 9.25 -26.27 8.49
C ASN C 120 10.24 -26.66 9.61
N VAL C 121 10.31 -25.82 10.63
CA VAL C 121 11.19 -25.99 11.81
C VAL C 121 10.60 -25.28 13.04
N PRO C 122 10.89 -25.76 14.27
CA PRO C 122 10.43 -25.03 15.47
C PRO C 122 11.21 -23.72 15.75
N VAL C 123 10.50 -22.59 15.80
CA VAL C 123 11.09 -21.28 16.15
C VAL C 123 10.29 -20.49 17.20
N TYR C 124 10.96 -20.07 18.25
CA TYR C 124 10.35 -19.28 19.30
C TYR C 124 11.06 -17.95 19.33
N LEU C 125 10.28 -16.87 19.39
CA LEU C 125 10.85 -15.54 19.52
C LEU C 125 11.21 -15.25 20.98
N TYR C 126 12.35 -14.58 21.20
CA TYR C 126 12.89 -14.31 22.54
C TYR C 126 13.11 -12.81 22.81
N GLY C 127 13.53 -12.49 24.04
CA GLY C 127 13.93 -11.12 24.40
C GLY C 127 12.76 -10.16 24.37
N GLU C 128 13.05 -8.91 23.97
CA GLU C 128 12.03 -7.87 23.83
C GLU C 128 10.88 -8.31 22.91
N ALA C 129 10.97 -9.54 22.44
CA ALA C 129 9.94 -10.12 21.59
C ALA C 129 9.03 -11.00 22.43
N ALA C 130 9.42 -12.27 22.59
CA ALA C 130 8.63 -13.27 23.34
C ALA C 130 7.53 -12.67 24.19
N GLN C 131 6.32 -13.20 24.06
CA GLN C 131 5.22 -12.73 24.90
C GLN C 131 5.14 -13.49 26.22
N MSE C 132 5.37 -14.80 26.17
CA MSE C 132 5.38 -15.61 27.37
C MSE C 132 6.59 -15.22 28.23
O MSE C 132 7.73 -15.34 27.78
CB MSE C 132 5.39 -17.10 27.01
CG MSE C 132 4.34 -17.47 25.96
SE MSE C 132 3.52 -19.21 26.29
CE MSE C 132 1.78 -18.70 27.11
N PRO C 133 6.32 -14.75 29.46
CA PRO C 133 7.33 -14.14 30.35
C PRO C 133 8.30 -15.15 30.97
N SER C 134 8.76 -16.09 30.15
CA SER C 134 9.64 -17.17 30.58
C SER C 134 10.74 -17.35 29.53
N ARG C 135 10.53 -16.66 28.40
CA ARG C 135 11.31 -16.85 27.17
C ARG C 135 12.24 -15.67 26.83
N GLN C 136 12.11 -14.58 27.58
CA GLN C 136 12.93 -13.39 27.37
C GLN C 136 14.41 -13.70 27.64
N THR C 137 14.65 -14.61 28.56
CA THR C 137 15.99 -15.15 28.81
C THR C 137 16.31 -16.21 27.76
N LEU C 138 17.34 -15.96 26.97
CA LEU C 138 17.77 -16.86 25.91
C LEU C 138 18.30 -18.23 26.41
N PRO C 139 19.15 -18.24 27.45
CA PRO C 139 19.64 -19.50 28.02
C PRO C 139 18.56 -20.44 28.55
N ALA C 140 17.42 -19.90 28.96
CA ALA C 140 16.30 -20.73 29.42
C ALA C 140 15.70 -21.55 28.27
N ILE C 141 15.53 -20.92 27.11
CA ILE C 141 15.04 -21.63 25.92
C ILE C 141 15.97 -22.73 25.45
N ARG C 142 17.28 -22.43 25.40
CA ARG C 142 18.34 -23.42 25.11
C ARG C 142 18.27 -24.63 26.05
N ALA C 143 17.09 -25.25 26.13
CA ALA C 143 16.77 -26.24 27.15
C ALA C 143 17.70 -27.47 27.18
N GLY C 144 19.00 -27.23 27.31
CA GLY C 144 20.00 -28.29 27.25
C GLY C 144 20.38 -28.62 25.82
N GLU C 145 20.41 -27.59 24.98
CA GLU C 145 20.82 -27.66 23.57
C GLU C 145 20.29 -28.80 22.69
N TYR C 146 21.09 -29.20 21.70
CA TYR C 146 20.70 -30.10 20.60
C TYR C 146 19.73 -31.23 20.92
N GLU C 147 20.13 -32.12 21.84
CA GLU C 147 19.24 -33.20 22.28
C GLU C 147 18.23 -32.64 23.27
N ALA C 148 17.13 -32.10 22.73
CA ALA C 148 16.04 -31.56 23.53
C ALA C 148 14.74 -31.78 22.79
N LEU C 149 14.70 -31.26 21.56
CA LEU C 149 13.60 -31.51 20.63
C LEU C 149 13.17 -33.01 20.51
N PRO C 150 14.06 -33.99 20.79
CA PRO C 150 13.57 -35.38 20.86
C PRO C 150 12.57 -35.63 21.99
N GLU C 151 12.20 -34.57 22.71
CA GLU C 151 11.13 -34.63 23.73
C GLU C 151 10.44 -33.28 23.96
N LYS C 152 11.17 -32.19 23.74
CA LYS C 152 10.69 -30.86 24.12
C LYS C 152 9.81 -30.10 23.11
N LEU C 153 9.92 -30.41 21.82
CA LEU C 153 9.00 -29.77 20.84
C LEU C 153 7.66 -30.47 20.80
N LYS C 154 7.41 -31.26 21.82
CA LYS C 154 6.16 -31.96 21.97
C LYS C 154 5.74 -31.83 23.43
N GLN C 155 5.64 -30.60 23.91
CA GLN C 155 5.16 -30.35 25.26
C GLN C 155 4.31 -29.10 25.27
N ALA C 156 3.06 -29.24 25.70
CA ALA C 156 2.13 -28.12 25.83
C ALA C 156 2.82 -26.91 26.46
N GLU C 157 3.85 -27.21 27.24
CA GLU C 157 4.73 -26.22 27.85
C GLU C 157 5.62 -25.55 26.81
N TRP C 158 6.46 -26.34 26.15
CA TRP C 158 7.45 -25.83 25.19
C TRP C 158 6.95 -25.63 23.76
N VAL C 159 5.64 -25.38 23.60
CA VAL C 159 5.07 -25.09 22.28
C VAL C 159 5.81 -23.92 21.65
N PRO C 160 6.37 -24.12 20.44
CA PRO C 160 7.03 -23.04 19.72
C PRO C 160 6.10 -21.88 19.38
N ASP C 161 6.64 -20.66 19.45
CA ASP C 161 5.88 -19.44 19.16
C ASP C 161 5.60 -19.31 17.66
N PHE C 162 6.41 -20.01 16.87
CA PHE C 162 6.25 -20.16 15.42
C PHE C 162 6.70 -21.57 15.08
N GLY C 163 6.25 -22.11 13.95
CA GLY C 163 6.68 -23.42 13.48
C GLY C 163 6.02 -24.60 14.18
N PRO C 164 5.58 -25.61 13.41
CA PRO C 164 4.84 -26.79 13.83
C PRO C 164 5.14 -27.28 15.26
N SER C 165 5.86 -28.40 15.34
CA SER C 165 6.29 -29.04 16.58
C SER C 165 7.24 -30.13 16.13
N SER C 166 7.56 -30.08 14.83
CA SER C 166 8.26 -31.15 14.14
C SER C 166 9.75 -31.17 14.43
N PHE C 167 10.36 -32.34 14.21
CA PHE C 167 11.79 -32.50 14.38
C PHE C 167 12.46 -32.79 13.03
N VAL C 168 13.54 -32.06 12.77
CA VAL C 168 14.35 -32.30 11.58
C VAL C 168 15.73 -32.83 12.01
N PRO C 169 16.25 -33.85 11.30
CA PRO C 169 17.58 -34.40 11.59
C PRO C 169 18.73 -33.36 11.53
N SER C 170 18.77 -32.57 10.47
CA SER C 170 19.87 -31.64 10.22
C SER C 170 19.58 -30.21 10.69
N TRP C 171 18.54 -30.05 11.50
CA TRP C 171 18.24 -28.78 12.14
C TRP C 171 17.86 -29.01 13.60
N GLY C 172 17.87 -27.93 14.39
CA GLY C 172 17.66 -28.05 15.83
C GLY C 172 16.94 -26.87 16.46
N ALA C 173 15.89 -26.38 15.79
CA ALA C 173 15.15 -25.19 16.21
C ALA C 173 15.96 -23.91 16.03
N THR C 174 15.28 -22.78 16.07
CA THR C 174 15.93 -21.48 15.88
C THR C 174 15.16 -20.42 16.66
N VAL C 175 15.89 -19.42 17.15
CA VAL C 175 15.29 -18.39 18.00
C VAL C 175 15.53 -16.96 17.51
N THR C 176 14.47 -16.33 17.03
CA THR C 176 14.52 -14.91 16.68
C THR C 176 14.26 -14.05 17.91
N GLY C 177 14.44 -12.74 17.77
CA GLY C 177 14.13 -11.81 18.84
C GLY C 177 14.76 -10.45 18.62
N ALA C 178 14.59 -9.58 19.61
CA ALA C 178 15.16 -8.25 19.60
C ALA C 178 15.57 -7.88 21.01
N ARG C 179 16.77 -7.34 21.13
CA ARG C 179 17.28 -6.88 22.41
C ARG C 179 17.78 -5.47 22.23
N LYS C 180 18.41 -4.90 23.25
CA LYS C 180 19.10 -3.64 23.12
C LYS C 180 20.47 -3.95 22.54
N PHE C 181 21.17 -2.94 22.02
CA PHE C 181 22.52 -3.11 21.51
C PHE C 181 23.46 -3.38 22.66
N LEU C 182 24.33 -4.37 22.47
CA LEU C 182 25.25 -4.86 23.50
C LEU C 182 26.71 -4.57 23.12
N ILE C 183 27.47 -3.98 24.04
CA ILE C 183 28.89 -3.73 23.79
C ILE C 183 29.77 -4.63 24.67
N ALA C 184 30.83 -5.13 24.04
CA ALA C 184 31.85 -5.88 24.73
C ALA C 184 32.93 -4.93 25.20
N PHE C 185 33.08 -4.85 26.52
CA PHE C 185 34.06 -3.96 27.08
C PHE C 185 34.94 -4.68 28.07
N ASN C 186 36.24 -4.53 27.92
CA ASN C 186 37.19 -5.11 28.87
C ASN C 186 37.96 -4.01 29.58
N ILE C 187 38.28 -4.22 30.84
CA ILE C 187 39.08 -3.24 31.54
C ILE C 187 40.38 -3.83 32.00
N ASN C 188 41.44 -3.20 31.53
CA ASN C 188 42.77 -3.69 31.76
C ASN C 188 43.30 -3.35 33.14
N LEU C 189 43.47 -4.40 33.93
CA LEU C 189 44.05 -4.29 35.24
C LEU C 189 45.44 -4.84 35.19
N LEU C 190 46.37 -4.11 35.78
CA LEU C 190 47.69 -4.67 35.96
C LEU C 190 47.73 -5.57 37.18
N SER C 191 46.61 -6.18 37.54
CA SER C 191 46.53 -6.97 38.77
C SER C 191 46.69 -8.48 38.53
N THR C 192 45.87 -9.25 39.24
CA THR C 192 45.83 -10.70 39.16
C THR C 192 44.39 -11.15 38.92
N LYS C 193 44.23 -12.27 38.23
CA LYS C 193 42.90 -12.80 37.87
C LYS C 193 41.91 -12.89 39.05
N GLU C 194 42.40 -13.25 40.21
CA GLU C 194 41.50 -13.32 41.35
C GLU C 194 40.99 -11.92 41.68
N GLN C 195 41.90 -10.97 41.85
CA GLN C 195 41.57 -9.56 42.10
C GLN C 195 40.67 -8.99 41.02
N ALA C 196 41.06 -9.13 39.76
CA ALA C 196 40.28 -8.62 38.66
C ALA C 196 38.84 -9.09 38.80
N HIS C 197 38.67 -10.37 39.06
CA HIS C 197 37.35 -10.94 39.22
C HIS C 197 36.59 -10.40 40.44
N ARG C 198 37.30 -10.13 41.52
CA ARG C 198 36.70 -9.40 42.65
C ARG C 198 36.10 -8.09 42.12
N ILE C 199 36.95 -7.20 41.62
CA ILE C 199 36.50 -5.92 41.05
C ILE C 199 35.22 -6.11 40.25
N ALA C 200 35.22 -7.12 39.39
CA ALA C 200 34.12 -7.35 38.46
C ALA C 200 32.80 -7.69 39.14
N LEU C 201 32.89 -8.48 40.20
CA LEU C 201 31.71 -8.89 40.95
C LEU C 201 31.07 -7.69 41.57
N ASN C 202 31.91 -6.70 41.90
CA ASN C 202 31.48 -5.50 42.55
C ASN C 202 30.81 -4.53 41.59
N LEU C 203 31.24 -4.56 40.32
CA LEU C 203 30.61 -3.72 39.31
C LEU C 203 29.36 -4.39 38.82
N ARG C 204 29.48 -5.62 38.32
CA ARG C 204 28.34 -6.30 37.67
C ARG C 204 27.07 -6.35 38.53
N GLU C 205 25.92 -6.30 37.86
CA GLU C 205 24.64 -6.03 38.52
C GLU C 205 24.15 -7.19 39.38
N GLN C 206 24.53 -8.39 39.01
CA GLN C 206 24.13 -9.59 39.72
C GLN C 206 24.91 -9.69 41.04
N GLY C 207 26.08 -9.06 41.08
CA GLY C 207 26.89 -8.95 42.31
C GLY C 207 27.37 -10.29 42.82
N ARG C 208 27.91 -10.30 44.03
CA ARG C 208 28.42 -11.54 44.63
C ARG C 208 27.24 -12.44 45.03
N GLY C 209 26.85 -13.33 44.11
CA GLY C 209 25.69 -14.20 44.29
C GLY C 209 24.38 -13.47 44.07
N LYS C 210 23.38 -13.86 44.85
CA LYS C 210 22.02 -13.26 44.80
C LYS C 210 22.00 -11.86 45.42
N ASP C 211 21.19 -11.77 46.49
CA ASP C 211 21.15 -10.68 47.46
C ASP C 211 22.52 -10.00 47.73
N GLN C 212 22.56 -8.71 47.45
CA GLN C 212 23.77 -7.88 47.31
C GLN C 212 24.25 -7.85 45.86
N PRO C 213 23.54 -7.10 45.00
CA PRO C 213 24.05 -6.74 43.68
C PRO C 213 25.33 -5.90 43.71
N GLY C 214 25.91 -5.69 42.53
CA GLY C 214 27.08 -4.83 42.35
C GLY C 214 26.66 -3.38 42.27
N ARG C 215 27.48 -2.54 41.64
CA ARG C 215 27.13 -1.12 41.59
C ARG C 215 26.40 -0.70 40.30
N LEU C 216 27.01 -0.97 39.15
CA LEU C 216 26.42 -0.60 37.85
C LEU C 216 25.23 -1.48 37.43
N LYS C 217 24.12 -0.83 37.10
CA LYS C 217 22.95 -1.54 36.59
C LYS C 217 23.12 -1.89 35.11
N LYS C 218 22.60 -3.04 34.70
CA LYS C 218 22.67 -3.50 33.32
C LYS C 218 24.09 -3.61 32.78
N VAL C 219 25.03 -3.89 33.69
CA VAL C 219 26.39 -4.27 33.33
C VAL C 219 26.58 -5.64 33.89
N GLN C 220 26.92 -6.56 33.01
CA GLN C 220 27.23 -7.90 33.43
C GLN C 220 28.68 -8.19 33.00
N GLY C 221 29.38 -9.03 33.76
CA GLY C 221 30.76 -9.35 33.41
C GLY C 221 31.54 -10.09 34.46
N ILE C 222 32.79 -10.43 34.15
CA ILE C 222 33.62 -11.20 35.05
C ILE C 222 35.10 -10.83 35.01
N GLY C 223 35.88 -11.60 35.77
CA GLY C 223 37.33 -11.53 35.82
C GLY C 223 37.98 -12.51 34.85
N TRP C 224 39.02 -12.04 34.20
CA TRP C 224 39.55 -12.72 33.03
C TRP C 224 41.02 -12.42 32.93
N TYR C 225 41.75 -13.21 32.15
CA TYR C 225 43.18 -13.05 32.07
C TYR C 225 43.70 -13.31 30.66
N LEU C 226 44.28 -12.28 30.02
CA LEU C 226 44.93 -12.44 28.72
C LEU C 226 46.24 -13.17 28.90
N GLU C 227 46.34 -14.33 28.25
CA GLU C 227 47.47 -15.22 28.45
C GLU C 227 48.77 -14.66 27.90
N GLU C 228 48.76 -14.23 26.65
CA GLU C 228 49.98 -13.80 25.98
C GLU C 228 50.54 -12.46 26.48
N LYS C 229 49.68 -11.66 27.12
CA LYS C 229 50.06 -10.31 27.58
C LYS C 229 50.34 -10.30 29.07
N ASN C 230 49.97 -11.40 29.74
CA ASN C 230 50.23 -11.56 31.15
C ASN C 230 49.41 -10.59 31.96
N LEU C 231 48.30 -10.16 31.37
CA LEU C 231 47.50 -9.02 31.82
C LEU C 231 46.09 -9.46 32.21
N ALA C 232 45.64 -9.07 33.39
CA ALA C 232 44.31 -9.46 33.85
C ALA C 232 43.28 -8.54 33.22
N GLN C 233 42.01 -8.93 33.27
CA GLN C 233 40.93 -8.12 32.69
C GLN C 233 39.61 -8.21 33.44
N VAL C 234 38.99 -7.05 33.67
CA VAL C 234 37.60 -7.00 34.11
C VAL C 234 36.76 -6.95 32.85
N SER C 235 36.32 -8.12 32.44
CA SER C 235 35.63 -8.26 31.18
C SER C 235 34.14 -8.10 31.39
N THR C 236 33.54 -7.19 30.65
CA THR C 236 32.14 -6.83 30.87
C THR C 236 31.32 -6.71 29.58
N ASN C 237 30.01 -6.75 29.77
CA ASN C 237 29.04 -6.44 28.74
C ASN C 237 28.13 -5.30 29.17
N LEU C 238 28.18 -4.20 28.43
CA LEU C 238 27.22 -3.15 28.68
C LEU C 238 25.93 -3.60 28.03
N LEU C 239 24.91 -3.81 28.84
CA LEU C 239 23.68 -4.35 28.30
C LEU C 239 22.81 -3.24 27.73
N ASP C 240 23.11 -2.00 28.11
CA ASP C 240 22.39 -0.81 27.61
C ASP C 240 23.18 0.50 27.84
N PHE C 241 23.92 0.95 26.83
CA PHE C 241 24.83 2.10 27.03
C PHE C 241 24.11 3.40 27.40
N GLU C 242 22.79 3.36 27.44
CA GLU C 242 21.99 4.53 27.81
C GLU C 242 21.78 4.58 29.32
N VAL C 243 21.61 3.42 29.95
CA VAL C 243 21.42 3.35 31.40
C VAL C 243 22.76 3.48 32.15
N THR C 244 23.68 2.56 31.88
CA THR C 244 25.02 2.64 32.40
C THR C 244 25.92 2.87 31.22
N ALA C 245 26.68 3.94 31.27
CA ALA C 245 27.50 4.35 30.13
C ALA C 245 28.84 3.61 30.01
N LEU C 246 29.48 3.75 28.84
CA LEU C 246 30.81 3.20 28.55
C LEU C 246 31.91 3.77 29.43
N HIS C 247 31.73 5.00 29.89
CA HIS C 247 32.68 5.61 30.80
C HIS C 247 32.32 5.27 32.25
N THR C 248 31.04 5.25 32.59
CA THR C 248 30.66 4.99 34.00
C THR C 248 31.05 3.58 34.44
N VAL C 249 31.16 2.67 33.47
CA VAL C 249 31.85 1.41 33.71
C VAL C 249 33.31 1.71 33.99
N TYR C 250 34.08 2.09 32.96
CA TYR C 250 35.48 2.41 33.13
C TYR C 250 35.75 3.22 34.39
N GLU C 251 35.19 4.43 34.47
CA GLU C 251 35.45 5.34 35.60
C GLU C 251 35.14 4.76 36.99
N GLU C 252 34.29 3.73 36.97
CA GLU C 252 33.90 2.98 38.17
C GLU C 252 34.88 1.87 38.56
N ALA C 253 35.23 1.03 37.58
CA ALA C 253 36.30 0.04 37.75
C ALA C 253 37.56 0.76 38.22
N ARG C 254 37.80 1.92 37.62
CA ARG C 254 38.81 2.84 38.09
C ARG C 254 38.81 3.10 39.60
N ARG C 255 37.67 3.44 40.18
CA ARG C 255 37.57 3.66 41.63
C ARG C 255 37.74 2.37 42.37
N GLU C 256 36.98 1.37 41.94
CA GLU C 256 37.05 -0.02 42.40
C GLU C 256 38.49 -0.50 42.65
N ALA C 257 39.37 -0.17 41.72
CA ALA C 257 40.78 -0.53 41.76
C ALA C 257 41.61 0.40 42.63
N GLN C 258 41.32 1.71 42.60
CA GLN C 258 42.00 2.65 43.51
C GLN C 258 41.57 2.42 44.96
N GLU C 259 40.58 1.56 45.18
CA GLU C 259 40.19 1.10 46.52
C GLU C 259 41.07 -0.08 46.98
N LEU C 260 41.64 -0.79 46.01
CA LEU C 260 42.53 -1.93 46.28
C LEU C 260 43.96 -1.71 45.76
N ASN C 261 44.27 -0.48 45.35
CA ASN C 261 45.64 -0.08 44.96
C ASN C 261 46.27 -0.92 43.86
N LEU C 262 45.49 -1.06 42.80
CA LEU C 262 45.85 -1.82 41.64
C LEU C 262 45.72 -0.85 40.48
N PRO C 263 46.72 -0.79 39.59
CA PRO C 263 46.57 0.07 38.43
C PRO C 263 45.62 -0.53 37.38
N VAL C 264 44.80 0.36 36.81
CA VAL C 264 43.98 0.10 35.63
C VAL C 264 44.75 0.72 34.48
N VAL C 265 45.00 -0.08 33.46
CA VAL C 265 45.80 0.35 32.30
C VAL C 265 45.01 0.33 30.97
N GLY C 266 43.98 1.17 30.93
CA GLY C 266 43.11 1.32 29.77
C GLY C 266 42.10 0.18 29.62
N SER C 267 41.75 -0.09 28.37
CA SER C 267 40.60 -0.93 28.02
C SER C 267 40.60 -1.37 26.55
N GLN C 268 39.65 -2.20 26.16
CA GLN C 268 39.42 -2.52 24.77
C GLN C 268 37.94 -2.74 24.55
N LEU C 269 37.44 -2.25 23.41
CA LEU C 269 36.11 -2.62 22.90
C LEU C 269 36.29 -3.79 21.95
N VAL C 270 35.40 -4.76 22.07
CA VAL C 270 35.50 -6.00 21.33
C VAL C 270 34.34 -6.08 20.35
N GLY C 271 34.64 -6.10 19.05
CA GLY C 271 33.60 -6.10 18.03
C GLY C 271 33.24 -4.69 17.63
N LEU C 272 31.96 -4.45 17.32
CA LEU C 272 31.51 -3.15 16.84
C LEU C 272 30.76 -2.33 17.88
N VAL C 273 30.90 -1.02 17.77
CA VAL C 273 30.32 -0.08 18.72
C VAL C 273 29.42 0.97 18.01
N PRO C 274 28.29 1.37 18.65
CA PRO C 274 27.47 2.48 18.12
C PRO C 274 28.06 3.85 18.47
N LEU C 275 27.94 4.80 17.54
CA LEU C 275 28.58 6.10 17.68
C LEU C 275 28.23 6.72 19.01
N LYS C 276 26.93 6.78 19.33
CA LYS C 276 26.45 7.41 20.58
C LYS C 276 27.21 6.92 21.82
N ALA C 277 27.25 5.60 22.00
CA ALA C 277 27.94 4.98 23.14
C ALA C 277 29.20 5.72 23.53
N LEU C 278 30.09 5.92 22.56
CA LEU C 278 31.36 6.58 22.84
C LEU C 278 31.32 8.06 22.56
N LEU C 279 30.20 8.52 22.03
CA LEU C 279 30.05 9.97 21.83
C LEU C 279 29.48 10.69 23.06
N ASP C 280 28.74 9.95 23.89
CA ASP C 280 28.20 10.49 25.13
C ASP C 280 29.36 10.56 26.08
N ALA C 281 30.06 9.44 26.14
CA ALA C 281 31.31 9.27 26.84
C ALA C 281 32.15 10.52 26.65
N ALA C 282 32.44 10.84 25.39
CA ALA C 282 33.14 12.08 25.03
C ALA C 282 32.57 13.28 25.78
N ALA C 283 31.30 13.56 25.55
CA ALA C 283 30.64 14.69 26.18
C ALA C 283 30.79 14.69 27.69
N PHE C 284 30.88 13.51 28.28
CA PHE C 284 31.11 13.38 29.72
C PHE C 284 32.43 14.01 30.15
N TYR C 285 33.49 13.64 29.46
CA TYR C 285 34.80 14.14 29.84
C TYR C 285 34.97 15.63 29.58
N CYS C 286 34.05 16.23 28.84
CA CYS C 286 34.17 17.67 28.62
C CYS C 286 33.37 18.43 29.66
N ASP C 287 32.17 17.89 29.91
CA ASP C 287 31.32 18.35 30.98
C ASP C 287 32.16 18.46 32.23
N LYS C 288 32.78 17.34 32.63
CA LYS C 288 33.52 17.28 33.89
C LYS C 288 34.98 17.79 33.83
N GLU C 289 35.69 17.59 32.71
CA GLU C 289 37.04 18.13 32.61
C GLU C 289 37.00 19.61 32.23
N LYS C 290 35.80 20.15 32.09
CA LYS C 290 35.60 21.55 31.72
C LYS C 290 36.35 21.96 30.47
N LEU C 291 36.06 21.32 29.35
CA LEU C 291 36.75 21.67 28.11
C LEU C 291 35.85 22.07 26.93
N PHE C 292 36.48 22.32 25.76
CA PHE C 292 35.81 22.80 24.56
C PHE C 292 36.44 22.08 23.40
N VAL C 293 35.74 21.05 22.91
CA VAL C 293 36.23 20.21 21.82
C VAL C 293 35.18 20.24 20.75
N LEU C 294 35.47 20.98 19.71
CA LEU C 294 34.42 21.40 18.80
C LEU C 294 34.11 20.31 17.80
N GLU C 295 35.13 19.97 17.02
CA GLU C 295 35.01 19.04 15.91
C GLU C 295 34.80 17.58 16.38
N GLU C 296 33.87 16.86 15.74
CA GLU C 296 33.49 15.50 16.22
C GLU C 296 34.65 14.51 16.29
N GLU C 297 35.38 14.36 15.20
CA GLU C 297 36.53 13.46 15.21
C GLU C 297 37.30 13.64 16.48
N HIS C 298 37.59 14.89 16.83
CA HIS C 298 38.40 15.21 18.00
C HIS C 298 37.79 14.71 19.29
N ARG C 299 36.46 14.76 19.35
CA ARG C 299 35.75 14.18 20.47
C ARG C 299 35.96 12.67 20.58
N ILE C 300 36.09 11.96 19.45
CA ILE C 300 36.43 10.54 19.47
C ILE C 300 37.86 10.35 19.95
N ARG C 301 38.76 11.23 19.49
CA ARG C 301 40.16 11.19 19.90
C ARG C 301 40.34 11.30 21.42
N LEU C 302 39.58 12.23 22.02
CA LEU C 302 39.51 12.37 23.47
C LEU C 302 39.02 11.08 24.14
N VAL C 303 37.76 10.71 23.88
CA VAL C 303 37.12 9.52 24.49
C VAL C 303 37.85 8.20 24.16
N VAL C 304 38.80 8.24 23.23
CA VAL C 304 39.75 7.14 23.13
C VAL C 304 40.65 7.30 24.34
N ASN C 305 41.64 8.19 24.20
CA ASN C 305 42.66 8.47 25.20
C ASN C 305 42.20 8.47 26.67
N ARG C 306 41.01 9.00 26.95
CA ARG C 306 40.45 8.92 28.30
C ARG C 306 40.19 7.48 28.78
N LEU C 307 39.76 6.59 27.88
CA LEU C 307 39.59 5.17 28.24
C LEU C 307 40.76 4.25 27.78
N GLY C 308 41.84 4.86 27.29
CA GLY C 308 42.93 4.12 26.68
C GLY C 308 42.39 2.97 25.87
N LEU C 309 41.70 3.28 24.78
CA LEU C 309 41.02 2.24 23.98
C LEU C 309 41.97 1.54 23.03
N ASP C 310 43.07 2.21 22.78
CA ASP C 310 44.18 1.65 22.03
C ASP C 310 45.26 1.33 23.03
N SER C 311 45.24 0.11 23.55
CA SER C 311 46.19 -0.29 24.57
C SER C 311 46.58 -1.72 24.26
N LEU C 312 45.67 -2.40 23.57
CA LEU C 312 45.86 -3.78 23.20
C LEU C 312 46.11 -3.90 21.69
N ALA C 313 45.77 -2.82 20.99
CA ALA C 313 45.85 -2.72 19.54
C ALA C 313 45.31 -1.33 19.25
N PRO C 314 45.58 -0.79 18.06
CA PRO C 314 45.03 0.56 17.88
C PRO C 314 43.53 0.54 17.56
N PHE C 315 42.86 1.67 17.80
CA PHE C 315 41.41 1.75 17.65
C PHE C 315 41.07 2.62 16.45
N ASP C 316 40.79 1.98 15.33
CA ASP C 316 40.50 2.69 14.09
C ASP C 316 39.03 3.05 14.01
N PRO C 317 38.67 4.32 14.31
CA PRO C 317 37.24 4.55 14.54
C PRO C 317 36.50 4.47 13.22
N LYS C 318 37.26 4.70 12.15
CA LYS C 318 36.77 4.63 10.80
C LYS C 318 36.36 3.20 10.43
N GLU C 319 36.57 2.26 11.33
CA GLU C 319 36.48 0.85 11.00
C GLU C 319 35.93 0.05 12.17
N ARG C 320 35.74 0.75 13.28
CA ARG C 320 35.21 0.13 14.47
C ARG C 320 33.77 0.58 14.72
N ILE C 321 33.45 1.79 14.28
CA ILE C 321 32.13 2.38 14.54
C ILE C 321 31.16 2.03 13.43
N ILE C 322 29.96 1.61 13.81
CA ILE C 322 28.95 1.23 12.83
C ILE C 322 28.58 2.43 11.94
N GLU C 323 28.08 3.51 12.54
CA GLU C 323 27.62 4.69 11.79
C GLU C 323 28.64 5.25 10.81
N TYR C 324 29.90 4.83 10.94
CA TYR C 324 30.96 5.22 10.02
C TYR C 324 31.19 4.12 8.99
N LEU C 325 31.08 2.87 9.43
CA LEU C 325 31.26 1.73 8.55
C LEU C 325 30.22 1.77 7.45
N VAL C 326 28.96 1.98 7.84
CA VAL C 326 27.87 2.11 6.88
C VAL C 326 27.12 3.45 7.07
N PRO C 327 27.64 4.53 6.46
CA PRO C 327 27.01 5.86 6.48
C PRO C 327 25.57 5.84 5.96
N ASP C 328 24.81 6.92 6.21
CA ASP C 328 23.40 6.96 5.79
C ASP C 328 23.08 7.83 4.57
N SER C 329 23.54 7.36 3.41
CA SER C 329 23.41 8.11 2.16
C SER C 329 21.97 8.16 1.65
N GLY C 330 21.47 7.02 1.16
CA GLY C 330 20.21 6.97 0.43
C GLY C 330 20.45 6.64 -1.02
N PRO C 331 19.51 7.03 -1.90
CA PRO C 331 19.60 6.75 -3.34
C PRO C 331 20.24 7.91 -4.14
N GLU C 332 21.20 7.56 -5.00
CA GLU C 332 21.97 8.57 -5.74
C GLU C 332 22.74 9.51 -4.79
N GLN C 333 23.83 10.08 -5.30
CA GLN C 333 24.72 10.88 -4.45
C GLN C 333 24.17 12.28 -4.18
N SER C 334 24.73 12.93 -3.18
CA SER C 334 24.37 14.29 -2.87
C SER C 334 25.13 15.24 -3.77
N LEU C 335 24.54 16.40 -4.03
CA LEU C 335 25.29 17.50 -4.61
C LEU C 335 26.34 18.00 -3.61
N LEU C 336 26.05 17.83 -2.32
CA LEU C 336 26.98 18.16 -1.25
C LEU C 336 28.36 17.64 -1.50
N ASP C 337 28.45 16.66 -2.38
CA ASP C 337 29.71 16.00 -2.63
C ASP C 337 30.41 16.33 -3.93
N ALA C 338 29.80 17.13 -4.80
CA ALA C 338 30.50 17.49 -5.99
C ALA C 338 30.94 18.93 -5.87
N SER C 339 32.13 19.22 -6.41
CA SER C 339 32.82 20.52 -6.30
C SER C 339 31.98 21.80 -6.34
N LEU C 340 32.45 22.84 -5.66
CA LEU C 340 31.72 24.10 -5.67
C LEU C 340 31.33 24.47 -7.10
N ARG C 341 32.30 24.49 -8.02
CA ARG C 341 31.99 24.72 -9.41
C ARG C 341 30.84 23.84 -9.86
N ALA C 342 30.86 22.56 -9.51
CA ALA C 342 29.81 21.63 -9.91
C ALA C 342 28.46 22.10 -9.45
N PHE C 343 28.32 22.30 -8.14
CA PHE C 343 27.10 22.84 -7.57
C PHE C 343 26.57 24.12 -8.26
N VAL C 344 27.42 25.15 -8.43
CA VAL C 344 26.97 26.38 -9.10
C VAL C 344 26.54 26.09 -10.52
N ARG C 345 27.41 25.43 -11.25
CA ARG C 345 27.21 25.26 -12.70
C ARG C 345 26.34 24.03 -12.87
N GLU C 346 25.27 24.04 -12.08
CA GLU C 346 24.38 22.91 -11.87
C GLU C 346 22.97 23.44 -11.52
N VAL C 347 22.84 24.17 -10.42
CA VAL C 347 21.59 24.87 -10.15
C VAL C 347 21.17 25.60 -11.45
N GLY C 348 22.13 26.30 -12.03
CA GLY C 348 21.92 26.98 -13.29
C GLY C 348 21.94 26.10 -14.53
N ALA C 349 21.80 24.80 -14.37
CA ALA C 349 21.52 23.96 -15.52
C ALA C 349 20.03 24.12 -15.79
N ARG C 350 19.58 23.70 -16.98
CA ARG C 350 18.14 23.57 -17.26
C ARG C 350 17.47 22.70 -16.18
N SER C 351 18.20 22.57 -15.07
CA SER C 351 17.79 21.90 -13.87
C SER C 351 16.55 22.57 -13.31
N ALA C 352 15.43 21.86 -13.40
CA ALA C 352 14.32 22.19 -12.52
C ALA C 352 14.81 21.79 -11.11
N ALA C 353 15.79 20.87 -11.09
CA ALA C 353 16.28 20.10 -9.90
C ALA C 353 16.99 20.89 -8.76
N PRO C 354 18.34 21.07 -8.77
CA PRO C 354 18.85 21.99 -7.77
C PRO C 354 18.37 23.40 -8.13
N GLY C 355 18.19 24.25 -7.12
CA GLY C 355 17.78 25.64 -7.36
C GLY C 355 16.86 26.19 -6.31
N GLY C 356 16.84 27.52 -6.23
CA GLY C 356 15.97 28.25 -5.31
C GLY C 356 16.07 27.84 -3.86
N GLY C 357 15.21 26.89 -3.48
CA GLY C 357 15.15 26.35 -2.12
C GLY C 357 16.48 25.80 -1.68
N SER C 358 17.29 25.42 -2.65
CA SER C 358 18.60 24.86 -2.40
C SER C 358 19.66 25.95 -2.19
N VAL C 359 19.79 26.85 -3.16
CA VAL C 359 20.72 27.95 -2.96
C VAL C 359 20.31 28.74 -1.75
N ALA C 360 19.03 28.78 -1.43
CA ALA C 360 18.61 29.32 -0.13
C ALA C 360 19.39 28.68 1.01
N ALA C 361 19.34 27.35 1.10
CA ALA C 361 20.01 26.60 2.14
C ALA C 361 21.52 26.85 2.17
N ALA C 362 22.17 26.78 1.02
CA ALA C 362 23.62 26.95 0.95
C ALA C 362 24.10 28.35 1.34
N VAL C 363 23.43 29.38 0.85
CA VAL C 363 23.73 30.76 1.21
C VAL C 363 23.62 30.90 2.72
N ALA C 364 22.63 30.23 3.30
CA ALA C 364 22.40 30.30 4.73
C ALA C 364 23.49 29.52 5.48
N ALA C 365 23.93 28.41 4.92
CA ALA C 365 24.97 27.63 5.58
C ALA C 365 26.31 28.33 5.45
N LEU C 366 26.53 29.02 4.32
CA LEU C 366 27.68 29.89 4.17
C LEU C 366 27.59 30.94 5.28
N GLY C 367 26.36 31.35 5.57
CA GLY C 367 26.13 32.42 6.51
C GLY C 367 26.65 32.03 7.86
N ALA C 368 26.11 30.93 8.39
CA ALA C 368 26.44 30.45 9.72
C ALA C 368 27.93 30.22 9.83
N ALA C 369 28.49 29.50 8.86
CA ALA C 369 29.89 29.12 8.90
C ALA C 369 30.79 30.35 9.03
N LEU C 370 30.43 31.45 8.39
CA LEU C 370 31.23 32.65 8.57
C LEU C 370 31.27 33.04 10.04
N ALA C 371 30.09 33.12 10.67
CA ALA C 371 29.97 33.56 12.05
C ALA C 371 30.74 32.58 12.94
N SER C 372 30.62 31.30 12.63
CA SER C 372 31.40 30.30 13.32
C SER C 372 32.89 30.63 13.24
N MSE C 373 33.35 31.06 12.07
CA MSE C 373 34.79 31.26 11.81
C MSE C 373 35.39 32.46 12.50
O MSE C 373 36.54 32.43 12.88
CB MSE C 373 35.05 31.45 10.33
CG MSE C 373 36.25 32.32 10.10
SE MSE C 373 35.96 33.52 8.62
CE MSE C 373 36.90 32.40 7.25
N VAL C 374 34.61 33.53 12.58
CA VAL C 374 35.01 34.69 13.34
C VAL C 374 35.06 34.33 14.82
N GLY C 375 34.13 33.49 15.26
CA GLY C 375 34.14 32.98 16.63
C GLY C 375 35.49 32.36 16.93
N GLN C 376 35.92 31.50 16.03
CA GLN C 376 37.19 30.82 16.18
C GLN C 376 38.33 31.75 15.82
N MSE C 377 38.02 32.82 15.10
CA MSE C 377 39.05 33.76 14.76
C MSE C 377 39.31 34.66 15.95
O MSE C 377 40.31 35.34 16.01
CB MSE C 377 38.61 34.61 13.59
CG MSE C 377 39.74 35.07 12.74
SE MSE C 377 40.74 33.57 12.00
CE MSE C 377 42.23 33.17 13.22
N THR C 378 38.38 34.64 16.90
CA THR C 378 38.51 35.42 18.11
C THR C 378 38.84 34.50 19.28
N TYR C 379 39.32 33.31 18.97
CA TYR C 379 39.51 32.29 19.99
C TYR C 379 40.94 31.79 19.98
N GLY C 380 41.32 31.05 21.03
CA GLY C 380 42.70 30.64 21.22
C GLY C 380 43.52 31.88 21.49
N ARG C 381 44.46 32.17 20.60
CA ARG C 381 45.37 33.31 20.69
C ARG C 381 45.12 34.19 21.93
N ARG C 382 46.08 34.18 22.84
CA ARG C 382 46.10 35.12 23.96
C ARG C 382 45.80 36.52 23.46
N GLN C 383 45.24 37.35 24.34
CA GLN C 383 44.73 38.68 23.98
C GLN C 383 43.21 38.63 24.00
N PHE C 384 42.64 37.59 23.39
CA PHE C 384 41.19 37.43 23.36
C PHE C 384 40.74 36.63 24.56
N ASP C 385 41.66 36.40 25.48
CA ASP C 385 41.40 35.59 26.66
C ASP C 385 40.08 35.94 27.34
N HIS C 386 39.88 37.23 27.61
CA HIS C 386 38.70 37.71 28.35
C HIS C 386 37.38 37.33 27.67
N LEU C 387 37.49 36.73 26.49
CA LEU C 387 36.35 36.34 25.70
C LEU C 387 36.26 34.85 25.49
N ASP C 388 37.25 34.09 25.96
CA ASP C 388 37.23 32.62 25.77
C ASP C 388 35.92 32.01 26.23
N SER C 389 35.43 32.49 27.37
CA SER C 389 34.21 32.00 27.96
C SER C 389 33.04 32.24 27.01
N THR C 390 32.95 33.46 26.46
CA THR C 390 31.91 33.76 25.49
C THR C 390 32.10 33.02 24.16
N MSE C 391 33.31 33.06 23.59
CA MSE C 391 33.58 32.33 22.35
C MSE C 391 33.17 30.87 22.43
O MSE C 391 32.45 30.40 21.55
CB MSE C 391 35.03 32.48 21.89
CG MSE C 391 35.36 33.87 21.29
SE MSE C 391 33.96 34.98 20.24
CE MSE C 391 32.98 35.79 21.75
N ARG C 392 33.56 30.19 23.50
CA ARG C 392 33.14 28.81 23.79
C ARG C 392 31.64 28.63 23.81
N ARG C 393 30.92 29.71 24.08
CA ARG C 393 29.49 29.60 24.26
C ARG C 393 28.74 29.66 22.96
N LEU C 394 29.34 30.31 21.97
CA LEU C 394 28.59 30.61 20.78
C LEU C 394 29.18 30.08 19.49
N ILE C 395 30.48 29.77 19.46
CA ILE C 395 31.07 29.18 18.27
C ILE C 395 30.29 27.94 17.83
N PRO C 396 29.90 27.06 18.77
CA PRO C 396 29.14 25.85 18.47
C PRO C 396 27.80 26.03 17.72
N PRO C 397 26.76 26.61 18.35
CA PRO C 397 25.48 26.81 17.68
C PRO C 397 25.57 27.19 16.21
N PHE C 398 26.54 28.03 15.86
CA PHE C 398 26.81 28.43 14.48
C PHE C 398 27.38 27.31 13.66
N HIS C 399 28.46 26.73 14.16
CA HIS C 399 29.10 25.55 13.60
C HIS C 399 28.11 24.37 13.41
N ALA C 400 27.39 23.99 14.46
CA ALA C 400 26.38 22.92 14.35
C ALA C 400 25.20 23.26 13.44
N ALA C 401 24.64 24.47 13.57
CA ALA C 401 23.61 24.93 12.63
C ALA C 401 24.16 24.95 11.21
N SER C 402 25.39 25.43 11.03
CA SER C 402 26.04 25.49 9.71
C SER C 402 25.89 24.18 8.98
N ALA C 403 26.43 23.12 9.59
CA ALA C 403 26.40 21.79 8.99
C ALA C 403 24.96 21.29 8.77
N GLN C 404 24.06 21.69 9.67
CA GLN C 404 22.66 21.27 9.62
C GLN C 404 21.92 21.83 8.42
N LEU C 405 22.28 23.05 8.04
CA LEU C 405 21.73 23.75 6.90
C LEU C 405 22.38 23.23 5.66
N THR C 406 23.69 22.97 5.72
CA THR C 406 24.39 22.32 4.62
C THR C 406 23.64 21.06 4.28
N SER C 407 23.12 20.39 5.31
CA SER C 407 22.34 19.18 5.10
C SER C 407 20.95 19.41 4.53
N LEU C 408 20.42 20.61 4.68
CA LEU C 408 19.15 20.90 4.04
C LEU C 408 19.25 20.92 2.50
N VAL C 409 20.46 21.04 1.96
CA VAL C 409 20.67 20.91 0.54
C VAL C 409 20.02 19.59 0.10
N ASP C 410 20.23 18.55 0.90
CA ASP C 410 19.70 17.21 0.63
C ASP C 410 18.19 17.16 0.76
N ALA C 411 17.72 17.21 2.00
CA ALA C 411 16.32 17.50 2.32
C ALA C 411 15.52 18.05 1.14
N ASP C 412 15.96 19.23 0.68
CA ASP C 412 15.37 19.91 -0.46
C ASP C 412 15.25 19.04 -1.70
N ALA C 413 16.38 18.45 -2.12
CA ALA C 413 16.42 17.58 -3.28
C ALA C 413 15.54 16.34 -3.10
N ARG C 414 15.45 15.83 -1.86
CA ARG C 414 14.60 14.69 -1.57
C ARG C 414 13.16 15.10 -1.74
N ALA C 415 12.78 16.17 -1.04
CA ALA C 415 11.43 16.72 -1.13
C ALA C 415 10.96 16.78 -2.57
N PHE C 416 11.70 17.53 -3.36
CA PHE C 416 11.40 17.75 -4.77
C PHE C 416 11.15 16.44 -5.51
N ALA C 417 12.00 15.45 -5.26
CA ALA C 417 11.95 14.20 -6.01
C ALA C 417 10.73 13.36 -5.66
N ALA C 418 10.26 13.52 -4.41
CA ALA C 418 9.04 12.90 -3.91
C ALA C 418 7.82 13.60 -4.47
N CYS C 419 7.91 14.93 -4.55
CA CYS C 419 6.85 15.76 -5.16
C CYS C 419 6.68 15.36 -6.63
N LEU C 420 7.82 15.13 -7.27
CA LEU C 420 7.88 14.74 -8.67
C LEU C 420 7.29 13.36 -8.83
N GLY C 421 7.61 12.48 -7.89
CA GLY C 421 7.11 11.13 -7.90
C GLY C 421 5.61 11.09 -7.85
N ALA C 422 5.03 11.97 -7.03
CA ALA C 422 3.59 12.11 -6.96
C ALA C 422 3.04 12.58 -8.31
N ILE C 423 3.42 13.78 -8.74
CA ILE C 423 2.97 14.34 -10.04
C ILE C 423 2.90 13.30 -11.18
N LYS C 424 3.97 12.51 -11.31
CA LYS C 424 4.11 11.49 -12.36
C LYS C 424 3.22 10.25 -12.09
N LEU C 425 2.12 10.45 -11.36
CA LEU C 425 1.36 9.32 -10.84
C LEU C 425 0.03 9.18 -11.55
N PRO C 426 -0.24 7.98 -12.11
CA PRO C 426 -1.27 7.70 -13.09
C PRO C 426 -2.33 8.78 -13.11
N LYS C 427 -3.47 8.53 -12.47
CA LYS C 427 -4.58 9.46 -12.49
C LYS C 427 -5.89 8.75 -12.84
N ASN C 428 -6.98 9.47 -12.59
CA ASN C 428 -8.16 9.41 -13.45
C ASN C 428 -9.35 8.60 -12.96
N THR C 429 -9.10 7.34 -12.63
CA THR C 429 -10.14 6.51 -12.06
C THR C 429 -10.19 6.80 -10.56
N PRO C 430 -11.38 6.76 -9.94
CA PRO C 430 -11.61 7.38 -8.62
C PRO C 430 -10.61 6.88 -7.58
N GLU C 431 -10.28 5.60 -7.67
CA GLU C 431 -9.34 4.95 -6.75
C GLU C 431 -7.96 5.59 -6.79
N GLU C 432 -7.47 5.89 -7.99
CA GLU C 432 -6.23 6.66 -8.11
C GLU C 432 -6.32 7.96 -8.90
N ARG C 433 -7.16 8.86 -8.42
CA ARG C 433 -7.08 10.27 -8.74
C ARG C 433 -7.13 10.93 -7.38
N ASP C 434 -8.15 10.57 -6.62
CA ASP C 434 -8.37 11.04 -5.26
C ASP C 434 -7.33 10.51 -4.26
N ARG C 435 -6.46 9.64 -4.74
CA ARG C 435 -5.41 9.08 -3.90
C ARG C 435 -4.06 9.52 -4.41
N ARG C 436 -3.98 9.76 -5.71
CA ARG C 436 -2.83 10.43 -6.31
C ARG C 436 -2.78 11.85 -5.78
N THR C 437 -3.92 12.53 -5.83
CA THR C 437 -4.03 13.88 -5.30
C THR C 437 -3.53 13.90 -3.85
N CYS C 438 -4.05 12.98 -3.04
CA CYS C 438 -3.78 12.89 -1.61
C CYS C 438 -2.29 12.78 -1.25
N ALA C 439 -1.52 12.13 -2.10
CA ALA C 439 -0.09 11.94 -1.87
C ALA C 439 0.69 13.17 -2.32
N LEU C 440 0.18 13.85 -3.34
CA LEU C 440 0.82 15.08 -3.86
C LEU C 440 0.85 16.20 -2.82
N GLN C 441 -0.29 16.37 -2.14
CA GLN C 441 -0.41 17.24 -0.97
C GLN C 441 0.63 16.89 0.12
N GLU C 442 0.70 15.61 0.48
CA GLU C 442 1.71 15.10 1.39
C GLU C 442 3.10 15.32 0.78
N GLY C 443 3.13 15.45 -0.55
CA GLY C 443 4.32 15.88 -1.26
C GLY C 443 4.65 17.27 -0.76
N LEU C 444 4.00 18.27 -1.34
CA LEU C 444 4.20 19.67 -0.93
C LEU C 444 4.47 19.81 0.57
N ARG C 445 3.68 19.13 1.39
CA ARG C 445 3.91 19.11 2.81
C ARG C 445 5.40 19.14 3.12
N GLN C 446 6.12 18.11 2.65
CA GLN C 446 7.59 18.03 2.79
C GLN C 446 8.29 19.18 2.10
N ALA C 447 7.93 19.41 0.84
CA ALA C 447 8.51 20.51 0.06
C ALA C 447 8.50 21.80 0.87
N VAL C 448 7.41 22.07 1.57
CA VAL C 448 7.28 23.23 2.46
C VAL C 448 8.18 23.11 3.68
N ALA C 449 8.01 22.01 4.41
CA ALA C 449 8.68 21.78 5.69
C ALA C 449 10.19 22.06 5.72
N VAL C 450 10.89 21.84 4.60
CA VAL C 450 12.33 22.06 4.63
C VAL C 450 12.71 23.54 4.67
N PRO C 451 12.28 24.36 3.71
CA PRO C 451 12.52 25.81 3.84
C PRO C 451 12.11 26.38 5.20
N LEU C 452 10.93 25.96 5.67
CA LEU C 452 10.42 26.31 6.97
C LEU C 452 11.48 26.01 8.04
N LYS C 453 12.01 24.78 8.05
CA LYS C 453 13.09 24.38 8.97
C LYS C 453 14.21 25.38 8.77
N LEU C 454 14.71 25.45 7.54
CA LEU C 454 15.75 26.41 7.16
C LEU C 454 15.55 27.80 7.73
N ALA C 455 14.31 28.26 7.83
CA ALA C 455 14.03 29.52 8.53
C ALA C 455 14.17 29.34 10.04
N GLU C 456 13.20 28.66 10.64
CA GLU C 456 13.31 28.28 12.03
C GLU C 456 14.77 28.16 12.50
N THR C 457 15.59 27.35 11.82
CA THR C 457 16.96 27.08 12.30
C THR C 457 17.84 28.33 12.29
N VAL C 458 17.77 29.09 11.21
CA VAL C 458 18.57 30.31 11.06
C VAL C 458 18.10 31.37 12.07
N SER C 459 16.81 31.31 12.40
CA SER C 459 16.18 32.26 13.28
C SER C 459 16.66 32.15 14.73
N GLN C 460 17.29 31.04 15.07
CA GLN C 460 17.81 30.85 16.42
C GLN C 460 19.17 31.48 16.64
N LEU C 461 19.92 31.59 15.55
CA LEU C 461 21.29 32.05 15.61
C LEU C 461 21.33 33.54 15.83
N TRP C 462 20.23 34.23 15.48
CA TRP C 462 20.16 35.67 15.58
C TRP C 462 20.80 36.28 16.85
N PRO C 463 20.28 35.97 18.07
CA PRO C 463 20.81 36.65 19.26
C PRO C 463 22.31 36.38 19.50
N ALA C 464 22.76 35.16 19.25
CA ALA C 464 24.18 34.90 19.39
C ALA C 464 24.95 35.69 18.34
N LEU C 465 24.42 35.76 17.11
CA LEU C 465 25.05 36.52 16.05
C LEU C 465 25.22 37.94 16.54
N GLN C 466 24.15 38.42 17.15
CA GLN C 466 24.05 39.77 17.68
C GLN C 466 25.14 40.07 18.68
N GLU C 467 25.36 39.13 19.60
CA GLU C 467 26.37 39.27 20.66
C GLU C 467 27.78 39.06 20.12
N LEU C 468 27.91 38.22 19.09
CA LEU C 468 29.20 37.94 18.52
C LEU C 468 29.61 39.19 17.81
N ALA C 469 28.62 39.94 17.38
CA ALA C 469 28.85 41.14 16.62
C ALA C 469 29.34 42.29 17.51
N GLN C 470 29.09 42.14 18.80
CA GLN C 470 29.46 43.15 19.77
C GLN C 470 30.96 43.25 19.94
N CYS C 471 31.55 42.21 20.53
CA CYS C 471 32.99 41.96 20.46
C CYS C 471 33.27 41.09 19.22
N GLY C 472 34.09 40.05 19.36
CA GLY C 472 34.29 39.11 18.26
C GLY C 472 35.23 39.70 17.23
N ASN C 473 36.46 39.17 17.23
CA ASN C 473 37.62 39.86 16.69
C ASN C 473 37.39 41.33 16.42
N LEU C 474 37.31 41.67 15.14
CA LEU C 474 37.08 43.03 14.67
C LEU C 474 37.71 43.11 13.33
N SER C 475 38.78 42.33 13.14
CA SER C 475 39.45 42.32 11.86
C SER C 475 38.65 41.46 10.88
N CYS C 476 37.61 40.81 11.38
CA CYS C 476 36.67 40.07 10.55
C CYS C 476 35.37 40.84 10.36
N LEU C 477 35.41 42.14 10.63
CA LEU C 477 34.23 42.97 10.56
C LEU C 477 33.49 42.62 9.30
N SER C 478 34.19 42.76 8.18
CA SER C 478 33.71 42.33 6.88
C SER C 478 32.99 40.99 6.97
N ASP C 479 33.71 39.99 7.48
CA ASP C 479 33.22 38.63 7.47
C ASP C 479 31.90 38.53 8.22
N LEU C 480 31.74 39.31 9.27
CA LEU C 480 30.49 39.28 10.01
C LEU C 480 29.37 39.93 9.22
N GLN C 481 29.67 41.06 8.58
CA GLN C 481 28.69 41.76 7.74
C GLN C 481 28.11 40.89 6.62
N VAL C 482 29.00 40.24 5.88
CA VAL C 482 28.56 39.26 4.90
C VAL C 482 27.70 38.21 5.59
N ALA C 483 28.18 37.75 6.75
CA ALA C 483 27.50 36.70 7.51
C ALA C 483 26.08 37.11 7.82
N ALA C 484 25.93 38.27 8.45
CA ALA C 484 24.63 38.82 8.76
C ALA C 484 23.80 38.84 7.49
N LYS C 485 24.33 39.47 6.45
CA LYS C 485 23.62 39.56 5.20
C LYS C 485 23.26 38.22 4.58
N ALA C 486 24.13 37.23 4.72
CA ALA C 486 23.89 35.94 4.11
C ALA C 486 22.74 35.20 4.78
N LEU C 487 22.77 35.16 6.11
CA LEU C 487 21.70 34.52 6.87
C LEU C 487 20.39 35.21 6.54
N GLU C 488 20.47 36.50 6.25
CA GLU C 488 19.26 37.21 5.97
C GLU C 488 18.61 36.67 4.73
N THR C 489 19.36 36.61 3.64
CA THR C 489 18.78 36.27 2.36
C THR C 489 18.41 34.80 2.43
N GLY C 490 19.12 34.08 3.29
CA GLY C 490 18.78 32.68 3.56
C GLY C 490 17.31 32.55 3.90
N VAL C 491 16.90 33.31 4.91
CA VAL C 491 15.51 33.39 5.36
C VAL C 491 14.57 33.97 4.29
N PHE C 492 15.07 34.90 3.46
CA PHE C 492 14.31 35.35 2.32
C PHE C 492 14.01 34.15 1.45
N GLY C 493 15.06 33.48 0.96
CA GLY C 493 14.87 32.30 0.16
C GLY C 493 13.83 31.42 0.83
N ALA C 494 14.07 31.14 2.11
CA ALA C 494 13.20 30.25 2.88
C ALA C 494 11.78 30.71 2.76
N TYR C 495 11.56 31.98 3.09
CA TYR C 495 10.25 32.60 2.96
C TYR C 495 9.59 32.29 1.62
N PHE C 496 10.16 32.78 0.52
CA PHE C 496 9.51 32.64 -0.79
C PHE C 496 9.08 31.21 -0.99
N ASN C 497 10.04 30.32 -0.75
CA ASN C 497 9.88 28.93 -1.10
C ASN C 497 8.71 28.28 -0.39
N VAL C 498 8.48 28.71 0.84
CA VAL C 498 7.33 28.24 1.57
C VAL C 498 6.09 28.72 0.87
N LEU C 499 5.95 30.03 0.73
CA LEU C 499 4.79 30.55 0.03
C LEU C 499 4.45 29.77 -1.23
N ILE C 500 5.28 29.89 -2.26
CA ILE C 500 4.99 29.26 -3.57
C ILE C 500 4.44 27.82 -3.48
N ASN C 501 4.84 27.06 -2.45
CA ASN C 501 4.29 25.72 -2.24
C ASN C 501 2.93 25.76 -1.62
N LEU C 502 2.79 26.53 -0.54
CA LEU C 502 1.51 26.74 0.10
C LEU C 502 0.43 27.11 -0.91
N LYS C 503 0.84 27.59 -2.08
CA LYS C 503 -0.15 27.91 -3.10
C LYS C 503 -1.00 26.71 -3.48
N ASP C 504 -0.37 25.58 -3.78
CA ASP C 504 -1.09 24.36 -4.14
C ASP C 504 -1.58 23.57 -2.93
N MSE C 505 -1.33 24.08 -1.73
CA MSE C 505 -1.78 23.44 -0.50
C MSE C 505 -3.27 23.70 -0.32
O MSE C 505 -3.75 24.81 -0.52
CB MSE C 505 -1.01 23.96 0.72
CG MSE C 505 0.51 23.78 0.65
SE MSE C 505 1.35 22.26 1.64
CE MSE C 505 0.65 22.59 3.49
N THR C 506 -4.00 22.64 0.04
CA THR C 506 -5.34 22.75 0.60
C THR C 506 -5.25 22.23 2.03
N ASP C 507 -5.91 22.94 2.94
CA ASP C 507 -5.75 22.75 4.39
C ASP C 507 -5.45 24.12 4.99
N ASP C 508 -6.45 24.99 4.95
CA ASP C 508 -6.23 26.42 5.17
C ASP C 508 -5.65 26.73 6.53
N VAL C 509 -6.07 25.95 7.52
CA VAL C 509 -5.52 26.05 8.87
C VAL C 509 -4.01 26.01 8.80
N PHE C 510 -3.47 24.81 8.53
CA PHE C 510 -2.03 24.58 8.31
C PHE C 510 -1.44 25.73 7.51
N LYS C 511 -2.07 26.04 6.39
CA LYS C 511 -1.66 27.14 5.53
C LYS C 511 -1.55 28.44 6.32
N GLU C 512 -2.66 29.16 6.44
CA GLU C 512 -2.76 30.40 7.21
C GLU C 512 -1.76 30.45 8.37
N LYS C 513 -1.70 29.39 9.17
CA LYS C 513 -0.73 29.33 10.26
C LYS C 513 0.72 29.43 9.77
N THR C 514 1.09 28.59 8.80
CA THR C 514 2.45 28.55 8.24
C THR C 514 2.78 29.84 7.53
N ARG C 515 1.81 30.32 6.76
CA ARG C 515 1.95 31.59 6.08
C ARG C 515 2.50 32.63 7.03
N HIS C 516 1.91 32.68 8.22
CA HIS C 516 2.16 33.76 9.15
C HIS C 516 3.45 33.57 9.92
N ARG C 517 3.64 32.34 10.39
CA ARG C 517 4.88 31.96 11.04
C ARG C 517 6.03 32.32 10.12
N ILE C 518 5.92 31.96 8.85
CA ILE C 518 7.04 32.20 7.97
C ILE C 518 7.36 33.68 7.91
N SER C 519 6.33 34.51 7.78
CA SER C 519 6.56 35.93 7.49
C SER C 519 7.22 36.67 8.65
N SER C 520 6.72 36.39 9.85
CA SER C 520 7.28 36.88 11.09
C SER C 520 8.77 36.63 11.11
N LEU C 521 9.14 35.40 10.75
CA LEU C 521 10.53 34.98 10.71
C LEU C 521 11.34 35.77 9.68
N LEU C 522 10.73 36.03 8.53
CA LEU C 522 11.34 36.86 7.52
C LEU C 522 11.55 38.24 8.07
N GLN C 523 10.48 38.77 8.67
CA GLN C 523 10.47 40.06 9.33
C GLN C 523 11.58 40.15 10.37
N GLU C 524 11.62 39.17 11.26
CA GLU C 524 12.64 39.10 12.29
C GLU C 524 14.00 39.11 11.62
N ALA C 525 14.11 38.34 10.55
CA ALA C 525 15.33 38.31 9.78
C ALA C 525 15.64 39.73 9.33
N LYS C 526 14.67 40.38 8.71
CA LYS C 526 14.87 41.74 8.18
C LYS C 526 15.39 42.70 9.25
N THR C 527 14.70 42.80 10.38
CA THR C 527 15.11 43.72 11.45
C THR C 527 16.40 43.24 12.09
N GLN C 528 16.49 41.95 12.42
CA GLN C 528 17.61 41.46 13.22
C GLN C 528 18.91 41.70 12.50
N ALA C 529 18.92 41.30 11.24
CA ALA C 529 20.05 41.49 10.34
C ALA C 529 20.53 42.92 10.39
N ALA C 530 19.60 43.86 10.52
CA ALA C 530 19.92 45.27 10.58
C ALA C 530 20.88 45.59 11.72
N LEU C 531 20.37 45.61 12.95
CA LEU C 531 21.16 45.98 14.12
C LEU C 531 22.52 45.27 14.21
N VAL C 532 22.57 43.97 13.92
CA VAL C 532 23.84 43.30 13.71
C VAL C 532 24.71 44.25 12.90
N LEU C 533 24.28 44.53 11.68
CA LEU C 533 24.96 45.43 10.78
C LEU C 533 25.17 46.79 11.37
N GLY C 534 24.19 47.25 12.14
CA GLY C 534 24.32 48.43 12.96
C GLY C 534 25.52 48.23 13.85
N SER C 535 25.37 47.42 14.89
CA SER C 535 26.45 47.18 15.84
C SER C 535 27.79 47.25 15.15
N LEU C 536 27.96 46.45 14.11
CA LEU C 536 29.23 46.33 13.40
C LEU C 536 29.73 47.69 12.94
N GLU C 537 28.88 48.39 12.21
CA GLU C 537 29.14 49.78 11.77
C GLU C 537 29.52 50.71 12.93
N ALA C 538 28.69 50.74 13.97
CA ALA C 538 28.98 51.55 15.16
C ALA C 538 30.20 51.01 15.90
N ARG C 539 30.61 49.78 15.57
CA ARG C 539 31.85 49.27 16.15
C ARG C 539 33.06 49.95 15.50
N LYS C 540 33.18 49.88 14.16
CA LYS C 540 34.17 50.65 13.35
C LYS C 540 34.85 51.79 14.13
N GLU C 541 35.83 51.39 14.95
CA GLU C 541 36.61 52.27 15.86
C GLU C 541 38.00 52.63 15.28
N SER D 2 47.98 29.73 -17.15
CA SER D 2 47.80 31.05 -17.81
C SER D 2 49.18 31.54 -18.12
N GLN D 3 49.31 32.34 -19.18
CA GLN D 3 50.63 32.79 -19.65
C GLN D 3 51.31 31.71 -20.48
N LEU D 4 50.60 31.19 -21.48
CA LEU D 4 51.14 30.08 -22.29
C LEU D 4 51.95 30.45 -23.54
N VAL D 5 53.16 29.88 -23.61
CA VAL D 5 54.04 30.02 -24.77
C VAL D 5 54.44 28.64 -25.30
N GLU D 6 54.20 28.44 -26.59
CA GLU D 6 54.56 27.24 -27.30
C GLU D 6 56.00 27.37 -27.79
N CYS D 7 56.70 26.24 -27.85
CA CYS D 7 58.09 26.26 -28.26
C CYS D 7 58.40 24.97 -29.00
N VAL D 8 58.78 25.13 -30.26
CA VAL D 8 58.93 24.02 -31.19
C VAL D 8 60.38 23.91 -31.69
N PRO D 9 61.29 23.39 -30.85
CA PRO D 9 62.65 23.11 -31.32
C PRO D 9 62.70 22.10 -32.47
N ASN D 10 63.41 22.48 -33.52
CA ASN D 10 63.57 21.67 -34.71
C ASN D 10 64.88 20.93 -34.56
N PHE D 11 64.81 19.67 -34.12
CA PHE D 11 66.02 18.90 -33.87
C PHE D 11 66.44 18.05 -35.04
N SER D 12 67.73 18.13 -35.38
CA SER D 12 68.31 17.37 -36.48
C SER D 12 68.52 15.95 -36.01
N GLU D 13 67.41 15.22 -36.10
CA GLU D 13 67.26 13.87 -35.61
C GLU D 13 68.47 12.96 -35.42
N GLY D 14 69.42 12.86 -36.33
CA GLY D 14 70.41 11.78 -36.19
C GLY D 14 69.78 10.43 -36.47
N ASN D 15 68.60 10.19 -35.89
CA ASN D 15 67.79 8.99 -36.14
C ASN D 15 68.27 7.86 -35.26
N ASN D 16 67.73 7.79 -34.05
CA ASN D 16 68.06 6.70 -33.15
C ASN D 16 67.67 7.02 -31.71
N GLN D 17 66.66 6.28 -31.26
CA GLN D 17 66.03 6.43 -29.95
C GLN D 17 66.87 7.17 -28.92
N GLU D 18 68.00 6.57 -28.56
CA GLU D 18 68.92 7.13 -27.57
C GLU D 18 69.12 8.65 -27.69
N VAL D 19 69.12 9.16 -28.92
CA VAL D 19 69.25 10.60 -29.14
C VAL D 19 67.90 11.29 -28.84
N ILE D 20 66.82 10.79 -29.47
CA ILE D 20 65.48 11.39 -29.35
C ILE D 20 64.98 11.48 -27.92
N ASP D 21 64.72 10.29 -27.33
CA ASP D 21 64.12 10.14 -26.01
C ASP D 21 64.97 10.76 -24.90
N ALA D 22 66.25 11.01 -25.21
CA ALA D 22 67.18 11.64 -24.28
C ALA D 22 67.03 13.15 -24.28
N ILE D 23 67.02 13.75 -25.47
CA ILE D 23 66.61 15.14 -25.63
C ILE D 23 65.21 15.31 -25.04
N SER D 24 64.28 14.46 -25.47
CA SER D 24 62.87 14.51 -25.09
C SER D 24 62.56 14.35 -23.58
N GLN D 25 63.56 13.96 -22.81
CA GLN D 25 63.48 13.92 -21.36
C GLN D 25 64.00 15.21 -20.73
N ALA D 26 65.25 15.55 -21.04
CA ALA D 26 65.91 16.75 -20.52
C ALA D 26 65.01 17.97 -20.70
N ILE D 27 64.24 17.94 -21.78
CA ILE D 27 63.22 18.96 -22.04
C ILE D 27 61.99 18.77 -21.14
N SER D 28 61.69 17.52 -20.81
CA SER D 28 60.51 17.20 -19.99
C SER D 28 60.83 17.08 -18.49
N GLN D 29 62.13 17.15 -18.16
CA GLN D 29 62.58 17.20 -16.78
C GLN D 29 63.02 18.63 -16.42
N THR D 30 62.60 19.57 -17.24
CA THR D 30 62.76 20.98 -16.97
C THR D 30 61.47 21.48 -16.29
N PRO D 31 61.59 22.05 -15.08
CA PRO D 31 60.37 22.44 -14.38
C PRO D 31 59.75 23.69 -14.97
N GLY D 32 58.44 23.65 -15.19
CA GLY D 32 57.71 24.83 -15.67
C GLY D 32 57.23 24.77 -17.10
N CYS D 33 57.58 23.71 -17.80
CA CYS D 33 57.04 23.44 -19.13
C CYS D 33 56.50 22.03 -19.22
N VAL D 34 55.66 21.77 -20.22
CA VAL D 34 55.03 20.45 -20.39
C VAL D 34 55.25 19.95 -21.82
N LEU D 35 55.77 18.73 -21.96
CA LEU D 35 56.11 18.19 -23.28
C LEU D 35 54.86 17.71 -24.03
N LEU D 36 54.53 18.37 -25.14
CA LEU D 36 53.26 18.14 -25.82
C LEU D 36 53.23 17.14 -26.98
N ASP D 37 54.38 16.95 -27.64
CA ASP D 37 54.53 15.97 -28.75
C ASP D 37 55.93 16.04 -29.36
N VAL D 38 56.45 14.86 -29.69
CA VAL D 38 57.73 14.69 -30.37
C VAL D 38 57.50 13.98 -31.71
N ASP D 39 57.39 14.77 -32.78
CA ASP D 39 57.27 14.21 -34.13
C ASP D 39 58.64 13.92 -34.72
N ALA D 40 58.86 12.66 -35.09
CA ALA D 40 60.09 12.22 -35.72
C ALA D 40 59.77 11.71 -37.11
N GLY D 41 60.65 11.99 -38.07
CA GLY D 41 60.47 11.51 -39.44
C GLY D 41 61.77 10.96 -40.00
N PRO D 42 61.90 9.62 -40.04
CA PRO D 42 63.08 8.88 -40.56
C PRO D 42 63.68 9.38 -41.89
N SER D 43 62.88 9.47 -42.96
CA SER D 43 63.39 9.93 -44.27
C SER D 43 63.73 11.42 -44.30
N THR D 44 63.03 12.22 -43.48
CA THR D 44 63.40 13.63 -43.26
C THR D 44 64.58 13.73 -42.31
N ASN D 45 64.77 12.68 -41.51
CA ASN D 45 65.83 12.60 -40.51
C ASN D 45 65.93 13.84 -39.62
N ARG D 46 64.80 14.22 -39.06
CA ARG D 46 64.73 15.26 -38.02
C ARG D 46 63.62 14.91 -37.04
N THR D 47 63.63 15.58 -35.90
CA THR D 47 62.59 15.38 -34.92
C THR D 47 62.14 16.73 -34.41
N VAL D 48 60.89 17.05 -34.70
CA VAL D 48 60.32 18.26 -34.17
C VAL D 48 59.80 17.94 -32.77
N TYR D 49 60.18 18.75 -31.79
CA TYR D 49 59.63 18.64 -30.45
C TYR D 49 58.69 19.82 -30.23
N THR D 50 57.63 19.59 -29.48
CA THR D 50 56.67 20.64 -29.14
C THR D 50 56.39 20.63 -27.63
N PHE D 51 56.50 21.80 -27.01
CA PHE D 51 56.20 21.95 -25.59
C PHE D 51 55.83 23.38 -25.26
N VAL D 52 55.01 23.53 -24.22
CA VAL D 52 54.48 24.84 -23.83
C VAL D 52 54.94 25.23 -22.42
N GLY D 53 54.50 26.40 -21.93
CA GLY D 53 54.78 26.85 -20.56
C GLY D 53 55.03 28.34 -20.41
N GLN D 54 55.42 28.75 -19.19
CA GLN D 54 55.73 30.15 -18.91
C GLN D 54 56.97 30.64 -19.64
N PRO D 55 56.97 31.91 -20.10
CA PRO D 55 58.07 32.67 -20.71
C PRO D 55 59.50 32.21 -20.36
N GLU D 56 59.90 32.28 -19.10
CA GLU D 56 61.26 31.90 -18.70
C GLU D 56 61.44 30.38 -18.54
N CYS D 57 60.36 29.69 -18.15
CA CYS D 57 60.36 28.24 -17.94
C CYS D 57 60.67 27.49 -19.22
N VAL D 58 59.98 27.86 -20.30
CA VAL D 58 60.21 27.24 -21.60
C VAL D 58 61.66 27.40 -22.06
N VAL D 59 62.22 28.59 -21.90
CA VAL D 59 63.59 28.87 -22.32
C VAL D 59 64.56 27.87 -21.69
N GLU D 60 64.35 27.56 -20.40
CA GLU D 60 65.12 26.50 -19.73
C GLU D 60 65.08 25.23 -20.57
N GLY D 61 63.89 24.64 -20.72
CA GLY D 61 63.69 23.47 -21.57
C GLY D 61 64.31 23.62 -22.96
N ALA D 62 64.11 24.79 -23.56
CA ALA D 62 64.74 25.13 -24.83
C ALA D 62 66.25 24.87 -24.75
N LEU D 63 66.95 25.55 -23.85
CA LEU D 63 68.41 25.33 -23.70
C LEU D 63 68.81 24.09 -22.88
N SER D 64 67.90 23.60 -22.04
CA SER D 64 68.11 22.33 -21.33
C SER D 64 68.15 21.17 -22.32
N ALA D 65 67.46 21.35 -23.44
CA ALA D 65 67.40 20.35 -24.53
C ALA D 65 68.59 20.45 -25.49
N ALA D 66 69.17 21.64 -25.62
CA ALA D 66 70.29 21.88 -26.53
C ALA D 66 71.60 21.34 -26.00
N ARG D 67 71.74 21.36 -24.67
CA ARG D 67 72.94 20.90 -23.99
C ARG D 67 72.98 19.37 -23.87
N THR D 68 71.83 18.74 -24.13
CA THR D 68 71.75 17.29 -24.11
C THR D 68 71.95 16.72 -25.53
N ALA D 69 71.49 17.47 -26.53
CA ALA D 69 71.75 17.15 -27.94
C ALA D 69 73.17 17.55 -28.34
N SER D 70 73.70 18.58 -27.67
CA SER D 70 75.09 19.00 -27.82
C SER D 70 76.00 17.78 -27.73
N GLN D 71 75.89 17.06 -26.62
CA GLN D 71 76.71 15.88 -26.38
C GLN D 71 76.01 14.60 -26.82
N LEU D 72 75.35 14.64 -27.98
CA LEU D 72 74.65 13.45 -28.50
C LEU D 72 74.46 13.40 -30.03
N ILE D 73 74.82 14.48 -30.72
CA ILE D 73 74.73 14.50 -32.18
C ILE D 73 75.97 15.09 -32.86
N ASP D 74 76.55 14.30 -33.77
CA ASP D 74 77.59 14.77 -34.67
C ASP D 74 76.99 14.97 -36.05
N MSE D 75 76.95 16.23 -36.49
CA MSE D 75 76.39 16.59 -37.79
C MSE D 75 77.19 16.03 -38.96
O MSE D 75 76.73 16.04 -40.11
CB MSE D 75 76.29 18.11 -37.89
CG MSE D 75 75.25 18.71 -36.99
SE MSE D 75 73.54 18.53 -37.85
CE MSE D 75 72.90 16.84 -37.11
N ARG D 76 78.40 15.56 -38.64
CA ARG D 76 79.34 14.99 -39.59
C ARG D 76 78.78 13.71 -40.18
N LYS D 77 78.13 12.92 -39.33
CA LYS D 77 77.41 11.72 -39.78
C LYS D 77 75.91 11.97 -39.94
N HIS D 78 75.51 13.22 -40.12
CA HIS D 78 74.10 13.51 -40.39
C HIS D 78 73.86 13.93 -41.83
N LYS D 79 72.79 13.37 -42.38
CA LYS D 79 72.36 13.60 -43.74
C LYS D 79 70.92 13.17 -43.93
N GLY D 80 70.00 14.10 -43.72
CA GLY D 80 68.59 13.80 -43.90
C GLY D 80 68.05 14.39 -45.19
N GLU D 81 66.92 13.85 -45.64
CA GLU D 81 66.24 14.37 -46.83
C GLU D 81 65.37 15.58 -46.49
N HIS D 82 65.88 16.43 -45.61
CA HIS D 82 65.25 17.71 -45.32
C HIS D 82 66.29 18.79 -45.08
N PRO D 83 66.22 19.91 -45.84
CA PRO D 83 67.18 21.02 -45.81
C PRO D 83 67.54 21.49 -44.39
N ARG D 84 68.19 20.63 -43.61
CA ARG D 84 68.62 20.95 -42.25
C ARG D 84 69.73 22.02 -42.26
N MSE D 85 70.45 22.21 -41.15
CA MSE D 85 71.58 23.13 -41.11
C MSE D 85 72.44 22.85 -39.90
O MSE D 85 73.61 22.51 -40.04
CB MSE D 85 71.11 24.57 -41.10
CG MSE D 85 72.22 25.64 -40.92
SE MSE D 85 71.36 27.36 -40.48
CE MSE D 85 72.70 28.67 -41.05
N GLY D 86 71.85 23.04 -38.73
CA GLY D 86 72.49 22.72 -37.45
C GLY D 86 71.99 21.40 -36.90
N ALA D 87 72.27 21.14 -35.62
CA ALA D 87 71.72 19.96 -34.94
C ALA D 87 70.37 20.36 -34.34
N LEU D 88 70.27 21.65 -34.07
CA LEU D 88 69.03 22.30 -33.78
C LEU D 88 68.87 23.37 -34.84
N ASP D 89 68.10 23.09 -35.89
CA ASP D 89 67.78 24.12 -36.85
C ASP D 89 66.95 25.16 -36.09
N VAL D 90 65.85 25.60 -36.68
CA VAL D 90 64.99 26.61 -36.08
C VAL D 90 64.49 26.22 -34.68
N CYS D 91 64.56 27.16 -33.73
CA CYS D 91 63.92 26.98 -32.44
C CYS D 91 63.12 28.24 -32.14
N PRO D 92 61.83 28.24 -32.55
CA PRO D 92 60.94 29.39 -32.42
C PRO D 92 60.09 29.37 -31.16
N PHE D 93 59.54 30.53 -30.82
CA PHE D 93 58.85 30.73 -29.55
C PHE D 93 57.57 31.49 -29.85
N ILE D 94 56.41 30.82 -29.71
CA ILE D 94 55.11 31.39 -30.10
C ILE D 94 54.13 31.62 -28.95
N PRO D 95 53.25 32.64 -29.07
CA PRO D 95 52.21 32.83 -28.04
C PRO D 95 51.08 31.81 -28.17
N VAL D 96 50.41 31.56 -27.04
CA VAL D 96 49.26 30.66 -27.01
C VAL D 96 48.07 31.36 -26.35
N ARG D 97 48.31 31.89 -25.15
CA ARG D 97 47.36 32.79 -24.46
C ARG D 97 48.13 33.78 -23.59
N GLY D 98 47.63 35.01 -23.50
CA GLY D 98 48.14 36.00 -22.55
C GLY D 98 49.44 36.68 -22.95
N VAL D 99 50.44 35.89 -23.31
CA VAL D 99 51.74 36.41 -23.75
C VAL D 99 51.64 37.01 -25.16
N SER D 100 52.14 38.23 -25.31
CA SER D 100 52.09 38.91 -26.59
C SER D 100 53.39 38.73 -27.33
N MSE D 101 53.32 38.99 -28.63
CA MSE D 101 54.47 38.93 -29.52
C MSE D 101 55.68 39.46 -28.81
O MSE D 101 56.64 38.74 -28.59
CB MSE D 101 54.19 39.74 -30.78
CG MSE D 101 55.07 39.37 -31.97
SE MSE D 101 55.21 37.44 -32.22
CE MSE D 101 53.40 37.00 -32.87
N ASP D 102 55.61 40.74 -28.40
CA ASP D 102 56.74 41.43 -27.83
C ASP D 102 57.47 40.66 -26.73
N GLU D 103 56.72 39.88 -25.95
CA GLU D 103 57.35 38.96 -25.02
C GLU D 103 58.08 37.83 -25.75
N CYS D 104 57.39 37.14 -26.66
CA CYS D 104 57.97 36.04 -27.45
C CYS D 104 59.25 36.46 -28.19
N VAL D 105 59.29 37.72 -28.59
CA VAL D 105 60.49 38.32 -29.17
C VAL D 105 61.61 38.40 -28.12
N LEU D 106 61.26 38.70 -26.86
CA LEU D 106 62.26 38.75 -25.78
C LEU D 106 62.73 37.39 -25.26
N CYS D 107 61.88 36.37 -25.38
CA CYS D 107 62.28 34.99 -25.04
C CYS D 107 63.33 34.56 -26.02
N ALA D 108 63.10 34.91 -27.28
CA ALA D 108 64.04 34.63 -28.35
C ALA D 108 65.38 35.30 -28.05
N LYS D 109 65.33 36.51 -27.47
CA LYS D 109 66.53 37.25 -27.09
C LYS D 109 67.30 36.51 -26.01
N ALA D 110 66.55 35.86 -25.12
CA ALA D 110 67.12 35.13 -23.99
C ALA D 110 67.80 33.84 -24.43
N PHE D 111 67.02 32.94 -25.02
CA PHE D 111 67.55 31.68 -25.51
C PHE D 111 68.79 31.89 -26.38
N GLY D 112 68.67 32.78 -27.37
CA GLY D 112 69.78 33.11 -28.28
C GLY D 112 71.09 33.49 -27.63
N GLN D 113 71.01 34.36 -26.61
CA GLN D 113 72.19 34.75 -25.85
C GLN D 113 72.73 33.59 -25.05
N ARG D 114 72.01 33.23 -23.99
CA ARG D 114 72.41 32.15 -23.08
C ARG D 114 72.87 30.85 -23.78
N LEU D 115 72.43 30.63 -25.02
CA LEU D 115 72.77 29.41 -25.78
C LEU D 115 74.17 29.44 -26.41
N ALA D 116 74.37 30.37 -27.35
CA ALA D 116 75.66 30.57 -28.01
C ALA D 116 76.78 30.82 -27.00
N GLU D 117 76.39 31.23 -25.80
CA GLU D 117 77.31 31.45 -24.68
C GLU D 117 77.72 30.13 -24.06
N GLU D 118 76.72 29.35 -23.64
CA GLU D 118 76.95 28.09 -22.97
C GLU D 118 77.45 26.96 -23.89
N LEU D 119 77.51 27.24 -25.18
CA LEU D 119 78.03 26.25 -26.13
C LEU D 119 79.26 26.72 -26.88
N ASN D 120 79.18 27.95 -27.40
CA ASN D 120 80.12 28.45 -28.39
C ASN D 120 79.73 27.92 -29.78
N VAL D 121 78.71 28.54 -30.38
CA VAL D 121 78.16 28.18 -31.70
C VAL D 121 77.55 29.43 -32.38
N PRO D 122 77.51 29.48 -33.73
CA PRO D 122 76.82 30.59 -34.40
C PRO D 122 75.27 30.50 -34.31
N VAL D 123 74.63 31.52 -33.74
CA VAL D 123 73.16 31.62 -33.70
C VAL D 123 72.60 33.00 -34.13
N TYR D 124 71.69 32.97 -35.09
CA TYR D 124 71.05 34.19 -35.56
C TYR D 124 69.56 34.08 -35.22
N LEU D 125 69.00 35.15 -34.68
CA LEU D 125 67.56 35.17 -34.43
C LEU D 125 66.79 35.55 -35.72
N TYR D 126 65.66 34.88 -35.95
CA TYR D 126 64.84 35.04 -37.17
C TYR D 126 63.40 35.49 -36.87
N GLY D 127 62.63 35.75 -37.93
CA GLY D 127 61.20 36.03 -37.82
C GLY D 127 60.92 37.34 -37.14
N GLU D 128 59.83 37.39 -36.38
CA GLU D 128 59.44 38.57 -35.62
C GLU D 128 60.56 39.02 -34.68
N ALA D 129 61.69 38.33 -34.77
CA ALA D 129 62.86 38.68 -33.99
C ALA D 129 63.85 39.46 -34.85
N ALA D 130 64.71 38.76 -35.58
CA ALA D 130 65.76 39.35 -36.43
C ALA D 130 65.55 40.83 -36.69
N GLN D 131 66.61 41.62 -36.49
CA GLN D 131 66.51 43.05 -36.77
C GLN D 131 66.85 43.37 -38.22
N MSE D 132 67.88 42.70 -38.72
CA MSE D 132 68.29 42.87 -40.11
C MSE D 132 67.20 42.31 -41.02
O MSE D 132 66.87 41.12 -40.94
CB MSE D 132 69.63 42.18 -40.35
CG MSE D 132 70.69 42.56 -39.31
SE MSE D 132 72.50 42.78 -40.05
CE MSE D 132 72.63 44.73 -40.20
N PRO D 133 66.60 43.19 -41.86
CA PRO D 133 65.42 42.89 -42.67
C PRO D 133 65.68 41.94 -43.84
N SER D 134 66.46 40.90 -43.59
CA SER D 134 66.85 39.93 -44.60
C SER D 134 66.74 38.53 -44.01
N ARG D 135 66.54 38.51 -42.70
CA ARG D 135 66.63 37.30 -41.87
C ARG D 135 65.29 36.79 -41.36
N GLN D 136 64.23 37.58 -41.59
CA GLN D 136 62.89 37.21 -41.14
C GLN D 136 62.39 35.96 -41.85
N THR D 137 62.82 35.80 -43.09
CA THR D 137 62.61 34.56 -43.82
C THR D 137 63.63 33.52 -43.37
N LEU D 138 63.12 32.42 -42.80
CA LEU D 138 63.94 31.32 -42.32
C LEU D 138 64.73 30.58 -43.43
N PRO D 139 64.09 30.24 -44.56
CA PRO D 139 64.79 29.58 -45.67
C PRO D 139 65.96 30.39 -46.25
N ALA D 140 65.95 31.71 -46.09
CA ALA D 140 67.05 32.55 -46.56
C ALA D 140 68.31 32.30 -45.73
N ILE D 141 68.14 32.19 -44.41
CA ILE D 141 69.26 31.92 -43.51
C ILE D 141 69.88 30.56 -43.72
N ARG D 142 69.03 29.54 -43.90
CA ARG D 142 69.46 28.18 -44.27
C ARG D 142 70.29 28.19 -45.56
N ALA D 143 71.36 28.98 -45.59
CA ALA D 143 72.11 29.31 -46.80
C ALA D 143 72.71 28.10 -47.54
N GLY D 144 71.87 27.14 -47.89
CA GLY D 144 72.33 25.89 -48.50
C GLY D 144 72.76 24.88 -47.45
N GLU D 145 72.06 24.91 -46.31
CA GLU D 145 72.25 23.97 -45.18
C GLU D 145 73.68 23.69 -44.69
N TYR D 146 73.89 22.48 -44.16
CA TYR D 146 75.11 22.07 -43.43
C TYR D 146 76.46 22.61 -43.93
N GLU D 147 76.81 22.29 -45.17
CA GLU D 147 78.03 22.84 -45.78
C GLU D 147 77.78 24.29 -46.19
N ALA D 148 77.95 25.21 -45.24
CA ALA D 148 77.81 26.64 -45.47
C ALA D 148 78.79 27.37 -44.58
N LEU D 149 78.67 27.12 -43.28
CA LEU D 149 79.62 27.60 -42.29
C LEU D 149 81.13 27.41 -42.66
N PRO D 150 81.47 26.40 -43.50
CA PRO D 150 82.86 26.35 -43.97
C PRO D 150 83.27 27.56 -44.83
N GLU D 151 82.37 28.53 -44.96
CA GLU D 151 82.67 29.79 -45.62
C GLU D 151 81.79 30.95 -45.14
N LYS D 152 80.58 30.64 -44.72
CA LYS D 152 79.57 31.68 -44.44
C LYS D 152 79.58 32.28 -43.04
N LEU D 153 80.12 31.57 -42.06
CA LEU D 153 80.19 32.14 -40.73
C LEU D 153 81.43 33.03 -40.57
N LYS D 154 82.00 33.39 -41.73
CA LYS D 154 83.14 34.28 -41.80
C LYS D 154 82.88 35.25 -42.94
N GLN D 155 81.76 35.96 -42.88
CA GLN D 155 81.44 36.98 -43.87
C GLN D 155 80.76 38.16 -43.19
N ALA D 156 81.37 39.34 -43.32
CA ALA D 156 80.82 40.59 -42.78
C ALA D 156 79.32 40.68 -43.04
N GLU D 157 78.89 40.01 -44.11
CA GLU D 157 77.50 39.84 -44.49
C GLU D 157 76.77 38.90 -43.51
N TRP D 158 77.22 37.65 -43.44
CA TRP D 158 76.56 36.61 -42.64
C TRP D 158 76.96 36.56 -41.16
N VAL D 159 77.40 37.70 -40.61
CA VAL D 159 77.74 37.79 -39.19
C VAL D 159 76.54 37.32 -38.35
N PRO D 160 76.76 36.32 -37.48
CA PRO D 160 75.71 35.86 -36.57
C PRO D 160 75.24 36.93 -35.58
N ASP D 161 73.92 36.94 -35.32
CA ASP D 161 73.30 37.90 -34.40
C ASP D 161 73.69 37.60 -32.96
N PHE D 162 74.10 36.36 -32.72
CA PHE D 162 74.64 35.88 -31.45
C PHE D 162 75.72 34.85 -31.80
N GLY D 163 76.65 34.60 -30.88
CA GLY D 163 77.69 33.58 -31.08
C GLY D 163 78.83 34.01 -31.99
N PRO D 164 80.08 33.71 -31.60
CA PRO D 164 81.35 34.10 -32.25
C PRO D 164 81.29 34.22 -33.78
N SER D 165 81.90 33.26 -34.46
CA SER D 165 81.93 33.14 -35.91
C SER D 165 82.53 31.77 -36.15
N SER D 166 82.62 30.99 -35.08
CA SER D 166 83.36 29.74 -35.04
C SER D 166 82.62 28.57 -35.68
N PHE D 167 83.39 27.56 -36.09
CA PHE D 167 82.82 26.35 -36.66
C PHE D 167 83.08 25.16 -35.74
N VAL D 168 82.02 24.39 -35.49
CA VAL D 168 82.13 23.16 -34.71
C VAL D 168 81.83 21.99 -35.64
N PRO D 169 82.62 20.90 -35.54
CA PRO D 169 82.39 19.69 -36.32
C PRO D 169 81.00 19.06 -36.16
N SER D 170 80.57 18.88 -34.91
CA SER D 170 79.32 18.19 -34.60
C SER D 170 78.13 19.12 -34.39
N TRP D 171 78.29 20.38 -34.80
CA TRP D 171 77.19 21.34 -34.81
C TRP D 171 77.21 22.15 -36.12
N GLY D 172 76.10 22.84 -36.40
CA GLY D 172 75.94 23.53 -37.68
C GLY D 172 75.10 24.80 -37.60
N ALA D 173 75.35 25.60 -36.56
CA ALA D 173 74.59 26.82 -36.30
C ALA D 173 73.17 26.52 -35.82
N THR D 174 72.52 27.52 -35.23
CA THR D 174 71.17 27.38 -34.72
C THR D 174 70.42 28.70 -34.79
N VAL D 175 69.12 28.64 -35.03
CA VAL D 175 68.33 29.84 -35.26
C VAL D 175 67.13 29.93 -34.34
N THR D 176 67.18 30.89 -33.42
CA THR D 176 66.03 31.20 -32.58
C THR D 176 65.12 32.22 -33.26
N GLY D 177 63.95 32.46 -32.69
CA GLY D 177 63.03 33.48 -33.19
C GLY D 177 61.63 33.34 -32.64
N ALA D 178 60.74 34.19 -33.14
CA ALA D 178 59.34 34.17 -32.75
C ALA D 178 58.48 34.51 -33.96
N ARG D 179 57.44 33.72 -34.17
CA ARG D 179 56.51 33.92 -35.28
C ARG D 179 55.12 33.90 -34.68
N LYS D 180 54.10 33.96 -35.53
CA LYS D 180 52.73 33.78 -35.08
C LYS D 180 52.49 32.28 -35.03
N PHE D 181 51.43 31.84 -34.33
CA PHE D 181 51.09 30.43 -34.28
C PHE D 181 50.60 29.99 -35.64
N LEU D 182 51.08 28.83 -36.07
CA LEU D 182 50.80 28.29 -37.40
C LEU D 182 50.00 27.01 -37.32
N ILE D 183 48.92 26.93 -38.12
CA ILE D 183 48.09 25.72 -38.16
C ILE D 183 48.22 24.98 -39.49
N ALA D 184 48.33 23.66 -39.40
CA ALA D 184 48.33 22.78 -40.55
C ALA D 184 46.90 22.37 -40.85
N PHE D 185 46.43 22.80 -42.00
CA PHE D 185 45.08 22.51 -42.41
C PHE D 185 45.06 21.89 -43.79
N ASN D 186 44.34 20.78 -43.92
CA ASN D 186 44.17 20.11 -45.21
C ASN D 186 42.70 20.14 -45.61
N ILE D 187 42.44 20.31 -46.90
CA ILE D 187 41.06 20.25 -47.36
C ILE D 187 40.82 19.09 -48.33
N ASN D 188 39.92 18.22 -47.91
CA ASN D 188 39.66 17.00 -48.61
C ASN D 188 38.78 17.21 -49.80
N LEU D 189 39.39 17.05 -50.97
CA LEU D 189 38.70 17.10 -52.22
C LEU D 189 38.55 15.70 -52.75
N LEU D 190 37.35 15.37 -53.19
CA LEU D 190 37.18 14.13 -53.89
C LEU D 190 37.66 14.25 -55.32
N SER D 191 38.58 15.15 -55.61
CA SER D 191 38.97 15.41 -56.99
C SER D 191 40.22 14.66 -57.46
N THR D 192 41.09 15.36 -58.19
CA THR D 192 42.38 14.86 -58.64
C THR D 192 43.50 15.80 -58.23
N LYS D 193 44.71 15.26 -58.06
CA LYS D 193 45.87 16.04 -57.60
C LYS D 193 46.09 17.31 -58.40
N GLU D 194 45.91 17.22 -59.71
CA GLU D 194 46.09 18.41 -60.53
C GLU D 194 45.06 19.48 -60.17
N GLN D 195 43.78 19.10 -60.16
CA GLN D 195 42.69 20.00 -59.77
C GLN D 195 42.89 20.55 -58.36
N ALA D 196 43.11 19.65 -57.40
CA ALA D 196 43.30 20.08 -56.01
C ALA D 196 44.35 21.18 -55.96
N HIS D 197 45.47 20.97 -56.64
CA HIS D 197 46.55 21.96 -56.70
C HIS D 197 46.12 23.27 -57.38
N ARG D 198 45.27 23.17 -58.40
CA ARG D 198 44.69 24.37 -58.98
C ARG D 198 44.00 25.14 -57.85
N ILE D 199 42.93 24.56 -57.29
CA ILE D 199 42.21 25.19 -56.19
C ILE D 199 43.14 25.90 -55.21
N ALA D 200 44.23 25.22 -54.86
CA ALA D 200 45.16 25.69 -53.85
C ALA D 200 45.90 26.94 -54.28
N LEU D 201 46.25 26.99 -55.56
CA LEU D 201 46.98 28.13 -56.10
C LEU D 201 46.11 29.35 -56.05
N ASN D 202 44.81 29.11 -56.10
CA ASN D 202 43.82 30.16 -56.12
C ASN D 202 43.53 30.69 -54.74
N LEU D 203 43.62 29.82 -53.73
CA LEU D 203 43.49 30.28 -52.36
C LEU D 203 44.79 30.94 -51.89
N ARG D 204 45.90 30.19 -51.95
CA ARG D 204 47.15 30.65 -51.35
C ARG D 204 47.58 32.04 -51.81
N GLU D 205 48.23 32.76 -50.90
CA GLU D 205 48.46 34.20 -51.05
C GLU D 205 49.44 34.53 -52.16
N GLN D 206 50.39 33.64 -52.39
CA GLN D 206 51.43 33.84 -53.38
C GLN D 206 50.83 33.67 -54.78
N GLY D 207 49.72 32.93 -54.85
CA GLY D 207 48.96 32.76 -56.10
C GLY D 207 49.77 32.09 -57.19
N ARG D 208 49.23 32.13 -58.41
CA ARG D 208 49.91 31.47 -59.54
C ARG D 208 51.12 32.29 -59.96
N GLY D 209 52.27 31.93 -59.41
CA GLY D 209 53.52 32.67 -59.61
C GLY D 209 53.58 33.95 -58.79
N LYS D 210 54.18 34.98 -59.38
CA LYS D 210 54.31 36.30 -58.78
C LYS D 210 52.99 37.06 -58.83
N ASP D 211 53.03 38.18 -59.55
CA ASP D 211 51.89 38.97 -59.96
C ASP D 211 50.61 38.17 -60.27
N GLN D 212 49.57 38.49 -59.52
CA GLN D 212 48.31 37.72 -59.37
C GLN D 212 48.40 36.77 -58.18
N PRO D 213 48.29 37.31 -56.95
CA PRO D 213 48.07 36.49 -55.76
C PRO D 213 46.76 35.70 -55.78
N GLY D 214 46.61 34.80 -54.80
CA GLY D 214 45.38 34.05 -54.59
C GLY D 214 44.37 34.90 -53.84
N ARG D 215 43.40 34.29 -53.18
CA ARG D 215 42.38 35.09 -52.49
C ARG D 215 42.72 35.35 -51.02
N LEU D 216 42.90 34.29 -50.22
CA LEU D 216 43.16 34.41 -48.79
C LEU D 216 44.55 34.93 -48.48
N LYS D 217 44.62 35.95 -47.64
CA LYS D 217 45.90 36.50 -47.21
C LYS D 217 46.48 35.64 -46.09
N LYS D 218 47.80 35.54 -46.03
CA LYS D 218 48.52 34.77 -44.99
C LYS D 218 48.07 33.29 -44.89
N VAL D 219 47.64 32.76 -46.03
CA VAL D 219 47.40 31.34 -46.19
C VAL D 219 48.32 30.88 -47.27
N GLN D 220 49.15 29.92 -46.93
CA GLN D 220 50.07 29.36 -47.89
C GLN D 220 49.76 27.87 -47.96
N GLY D 221 49.93 27.27 -49.13
CA GLY D 221 49.64 25.86 -49.29
C GLY D 221 49.67 25.35 -50.72
N ILE D 222 49.45 24.05 -50.89
CA ILE D 222 49.49 23.42 -52.21
C ILE D 222 48.49 22.27 -52.38
N GLY D 223 48.59 21.61 -53.54
CA GLY D 223 47.81 20.44 -53.88
C GLY D 223 48.59 19.18 -53.57
N TRP D 224 47.88 18.18 -53.09
CA TRP D 224 48.52 17.04 -52.46
C TRP D 224 47.61 15.85 -52.64
N TYR D 225 48.13 14.65 -52.39
CA TYR D 225 47.35 13.45 -52.59
C TYR D 225 47.66 12.36 -51.56
N LEU D 226 46.69 12.01 -50.73
CA LEU D 226 46.84 10.90 -49.81
C LEU D 226 46.81 9.60 -50.58
N GLU D 227 47.90 8.84 -50.48
CA GLU D 227 48.09 7.62 -51.27
C GLU D 227 47.13 6.50 -50.90
N GLU D 228 47.07 6.17 -49.62
CA GLU D 228 46.28 5.04 -49.13
C GLU D 228 44.75 5.26 -49.20
N LYS D 229 44.32 6.52 -49.25
CA LYS D 229 42.89 6.86 -49.23
C LYS D 229 42.38 7.18 -50.62
N ASN D 230 43.31 7.38 -51.53
CA ASN D 230 42.97 7.66 -52.91
C ASN D 230 42.32 9.02 -53.05
N LEU D 231 42.63 9.89 -52.11
CA LEU D 231 41.95 11.13 -51.92
C LEU D 231 42.91 12.28 -52.10
N ALA D 232 42.51 13.28 -52.88
CA ALA D 232 43.33 14.47 -53.10
C ALA D 232 43.20 15.42 -51.92
N GLN D 233 44.06 16.43 -51.82
CA GLN D 233 44.02 17.36 -50.71
C GLN D 233 44.53 18.74 -51.09
N VAL D 234 43.77 19.77 -50.72
CA VAL D 234 44.28 21.14 -50.72
C VAL D 234 44.94 21.39 -49.39
N SER D 235 46.25 21.19 -49.36
CA SER D 235 47.01 21.22 -48.13
C SER D 235 47.53 22.63 -47.87
N THR D 236 47.18 23.20 -46.72
CA THR D 236 47.49 24.59 -46.43
C THR D 236 48.12 24.83 -45.06
N ASN D 237 48.70 26.01 -44.93
CA ASN D 237 49.11 26.54 -43.64
C ASN D 237 48.47 27.89 -43.36
N LEU D 238 47.68 27.96 -42.28
CA LEU D 238 47.18 29.26 -41.85
C LEU D 238 48.32 29.93 -41.11
N LEU D 239 48.79 31.03 -41.68
CA LEU D 239 49.94 31.68 -41.10
C LEU D 239 49.54 32.59 -39.95
N ASP D 240 48.25 32.95 -39.90
CA ASP D 240 47.68 33.77 -38.82
C ASP D 240 46.15 33.63 -38.73
N PHE D 241 45.66 32.77 -37.84
CA PHE D 241 44.22 32.47 -37.78
C PHE D 241 43.34 33.68 -37.45
N GLU D 242 43.98 34.80 -37.15
CA GLU D 242 43.28 36.03 -36.83
C GLU D 242 42.96 36.78 -38.11
N VAL D 243 43.90 36.78 -39.07
CA VAL D 243 43.70 37.50 -40.34
C VAL D 243 42.81 36.71 -41.29
N THR D 244 43.24 35.50 -41.63
CA THR D 244 42.39 34.57 -42.35
C THR D 244 42.06 33.43 -41.42
N ALA D 245 40.77 33.18 -41.24
CA ALA D 245 40.32 32.20 -40.27
C ALA D 245 40.37 30.75 -40.77
N LEU D 246 40.22 29.82 -39.84
CA LEU D 246 40.12 28.39 -40.13
C LEU D 246 38.92 28.02 -41.00
N HIS D 247 37.84 28.77 -40.87
CA HIS D 247 36.67 28.52 -41.70
C HIS D 247 36.76 29.26 -43.02
N THR D 248 37.30 30.49 -43.02
CA THR D 248 37.35 31.25 -44.28
C THR D 248 38.29 30.61 -45.29
N VAL D 249 39.23 29.79 -44.82
CA VAL D 249 39.93 28.85 -45.71
C VAL D 249 38.94 27.81 -46.20
N TYR D 250 38.51 26.90 -45.32
CA TYR D 250 37.54 25.89 -45.69
C TYR D 250 36.43 26.46 -46.56
N GLU D 251 35.65 27.40 -46.01
CA GLU D 251 34.45 27.93 -46.71
C GLU D 251 34.75 28.50 -48.10
N GLU D 252 36.01 28.87 -48.28
CA GLU D 252 36.54 29.43 -49.51
C GLU D 252 36.92 28.34 -50.52
N ALA D 253 37.72 27.36 -50.07
CA ALA D 253 38.03 26.17 -50.85
C ALA D 253 36.74 25.51 -51.29
N ARG D 254 35.76 25.52 -50.39
CA ARG D 254 34.40 25.17 -50.71
C ARG D 254 33.84 25.83 -51.98
N ARG D 255 33.92 27.16 -52.07
CA ARG D 255 33.43 27.89 -53.25
C ARG D 255 34.28 27.54 -54.42
N GLU D 256 35.59 27.70 -54.24
CA GLU D 256 36.61 27.32 -55.22
C GLU D 256 36.24 26.06 -56.02
N ALA D 257 35.75 25.06 -55.27
CA ALA D 257 35.43 23.74 -55.77
C ALA D 257 34.05 23.69 -56.39
N GLN D 258 33.09 24.37 -55.77
CA GLN D 258 31.77 24.48 -56.39
C GLN D 258 31.83 25.32 -57.67
N GLU D 259 32.98 25.92 -57.95
CA GLU D 259 33.19 26.63 -59.22
C GLU D 259 33.67 25.64 -60.30
N LEU D 260 34.24 24.51 -59.86
CA LEU D 260 34.75 23.48 -60.78
C LEU D 260 34.02 22.16 -60.58
N ASN D 261 32.93 22.18 -59.82
CA ASN D 261 32.04 21.00 -59.63
C ASN D 261 32.72 19.75 -59.11
N LEU D 262 33.44 19.94 -58.02
CA LEU D 262 34.21 18.91 -57.39
C LEU D 262 33.73 18.92 -55.96
N PRO D 263 33.42 17.74 -55.40
CA PRO D 263 33.06 17.72 -53.98
C PRO D 263 34.23 17.91 -53.02
N VAL D 264 33.99 18.70 -51.99
CA VAL D 264 34.90 18.86 -50.89
C VAL D 264 34.32 17.96 -49.82
N VAL D 265 35.14 17.05 -49.28
CA VAL D 265 34.68 16.08 -48.28
C VAL D 265 35.39 16.25 -46.92
N GLY D 266 35.18 17.42 -46.31
CA GLY D 266 35.73 17.73 -45.00
C GLY D 266 37.19 18.18 -45.04
N SER D 267 37.90 17.86 -43.96
CA SER D 267 39.23 18.40 -43.70
C SER D 267 39.95 17.63 -42.56
N GLN D 268 41.21 17.99 -42.32
CA GLN D 268 41.91 17.54 -41.12
C GLN D 268 42.87 18.63 -40.63
N LEU D 269 42.91 18.82 -39.31
CA LEU D 269 43.97 19.62 -38.70
C LEU D 269 45.12 18.67 -38.39
N VAL D 270 46.32 19.16 -38.64
CA VAL D 270 47.53 18.37 -38.44
C VAL D 270 48.36 18.94 -37.27
N GLY D 271 48.57 18.14 -36.24
CA GLY D 271 49.27 18.61 -35.05
C GLY D 271 48.33 19.26 -34.06
N LEU D 272 48.81 20.30 -33.37
CA LEU D 272 48.03 20.97 -32.32
C LEU D 272 47.44 22.30 -32.75
N VAL D 273 46.28 22.61 -32.18
CA VAL D 273 45.54 23.81 -32.53
C VAL D 273 45.26 24.66 -31.28
N PRO D 274 45.28 26.02 -31.42
CA PRO D 274 44.83 26.91 -30.33
C PRO D 274 43.30 27.01 -30.26
N LEU D 275 42.78 27.10 -29.03
CA LEU D 275 41.35 27.06 -28.81
C LEU D 275 40.65 28.13 -29.65
N LYS D 276 41.14 29.36 -29.61
CA LYS D 276 40.51 30.46 -30.35
C LYS D 276 40.28 30.14 -31.83
N ALA D 277 41.33 29.70 -32.51
CA ALA D 277 41.27 29.34 -33.92
C ALA D 277 39.96 28.68 -34.29
N LEU D 278 39.63 27.59 -33.61
CA LEU D 278 38.39 26.87 -33.91
C LEU D 278 37.20 27.31 -33.07
N LEU D 279 37.43 28.21 -32.13
CA LEU D 279 36.33 28.77 -31.36
C LEU D 279 35.72 29.99 -32.04
N ASP D 280 36.50 30.70 -32.87
CA ASP D 280 35.98 31.82 -33.65
C ASP D 280 35.17 31.25 -34.75
N ALA D 281 35.79 30.28 -35.44
CA ALA D 281 35.15 29.42 -36.41
C ALA D 281 33.74 29.05 -35.97
N ALA D 282 33.63 28.43 -34.79
CA ALA D 282 32.35 28.19 -34.15
C ALA D 282 31.44 29.40 -34.26
N ALA D 283 31.85 30.50 -33.65
CA ALA D 283 31.01 31.70 -33.57
C ALA D 283 30.55 32.14 -34.94
N PHE D 284 31.37 31.83 -35.95
CA PHE D 284 31.03 32.21 -37.31
C PHE D 284 29.80 31.49 -37.78
N TYR D 285 29.78 30.17 -37.59
CA TYR D 285 28.64 29.38 -38.04
C TYR D 285 27.36 29.66 -37.27
N CYS D 286 27.44 30.37 -36.16
CA CYS D 286 26.21 30.66 -35.41
C CYS D 286 25.71 32.00 -35.82
N ASP D 287 26.66 32.92 -36.01
CA ASP D 287 26.41 34.23 -36.55
C ASP D 287 25.63 34.07 -37.87
N LYS D 288 26.18 33.25 -38.77
CA LYS D 288 25.59 33.10 -40.09
C LYS D 288 24.49 32.04 -40.21
N GLU D 289 24.59 30.93 -39.48
CA GLU D 289 23.52 29.94 -39.54
C GLU D 289 22.35 30.37 -38.65
N LYS D 290 22.50 31.51 -37.98
CA LYS D 290 21.50 32.06 -37.05
C LYS D 290 21.12 31.12 -35.90
N LEU D 291 22.09 30.67 -35.11
CA LEU D 291 21.75 29.72 -34.02
C LEU D 291 22.12 30.15 -32.59
N PHE D 292 21.91 29.24 -31.65
CA PHE D 292 22.12 29.51 -30.22
C PHE D 292 22.73 28.26 -29.60
N VAL D 293 24.04 28.30 -29.46
CA VAL D 293 24.79 27.18 -28.93
C VAL D 293 25.52 27.68 -27.71
N LEU D 294 24.98 27.32 -26.55
CA LEU D 294 25.32 28.00 -25.33
C LEU D 294 26.64 27.48 -24.79
N GLU D 295 26.65 26.18 -24.48
CA GLU D 295 27.76 25.53 -23.79
C GLU D 295 28.98 25.40 -24.71
N GLU D 296 30.19 25.64 -24.20
CA GLU D 296 31.38 25.67 -25.06
C GLU D 296 31.68 24.36 -25.78
N GLU D 297 31.75 23.26 -25.04
CA GLU D 297 31.95 21.97 -25.68
C GLU D 297 31.12 21.88 -26.97
N HIS D 298 29.83 22.15 -26.87
CA HIS D 298 28.94 22.06 -28.00
C HIS D 298 29.34 22.93 -29.16
N ARG D 299 29.91 24.09 -28.87
CA ARG D 299 30.44 24.93 -29.93
C ARG D 299 31.59 24.23 -30.65
N ILE D 300 32.40 23.44 -29.93
CA ILE D 300 33.44 22.64 -30.58
C ILE D 300 32.83 21.56 -31.43
N ARG D 301 31.78 20.93 -30.92
CA ARG D 301 31.08 19.89 -31.65
C ARG D 301 30.54 20.40 -33.00
N LEU D 302 29.97 21.60 -32.99
CA LEU D 302 29.51 22.26 -34.20
C LEU D 302 30.66 22.48 -35.17
N VAL D 303 31.61 23.33 -34.77
CA VAL D 303 32.78 23.66 -35.61
C VAL D 303 33.66 22.46 -36.02
N VAL D 304 33.43 21.29 -35.43
CA VAL D 304 33.96 20.06 -36.03
C VAL D 304 33.10 19.80 -37.25
N ASN D 305 31.93 19.20 -37.02
CA ASN D 305 30.95 18.85 -38.04
C ASN D 305 30.81 19.82 -39.22
N ARG D 306 30.86 21.13 -38.97
CA ARG D 306 30.84 22.10 -40.08
C ARG D 306 32.07 21.98 -41.00
N LEU D 307 33.24 21.70 -40.43
CA LEU D 307 34.44 21.49 -41.27
C LEU D 307 34.80 20.00 -41.47
N GLY D 308 33.90 19.10 -41.06
CA GLY D 308 34.16 17.66 -41.08
C GLY D 308 35.59 17.39 -40.68
N LEU D 309 35.94 17.69 -39.44
CA LEU D 309 37.31 17.60 -38.98
C LEU D 309 37.70 16.16 -38.67
N ASP D 310 36.66 15.35 -38.48
CA ASP D 310 36.80 13.94 -38.26
C ASP D 310 36.31 13.31 -39.53
N SER D 311 37.24 13.07 -40.45
CA SER D 311 36.91 12.51 -41.74
C SER D 311 38.03 11.56 -42.10
N LEU D 312 39.19 11.82 -41.53
CA LEU D 312 40.36 11.00 -41.77
C LEU D 312 40.75 10.20 -40.52
N ALA D 313 40.14 10.59 -39.41
CA ALA D 313 40.36 9.98 -38.11
C ALA D 313 39.51 10.82 -37.18
N PRO D 314 39.21 10.34 -35.97
CA PRO D 314 38.37 11.21 -35.16
C PRO D 314 39.15 12.35 -34.53
N PHE D 315 38.45 13.42 -34.18
CA PHE D 315 39.06 14.62 -33.63
C PHE D 315 38.77 14.74 -32.13
N ASP D 316 39.72 14.31 -31.31
CA ASP D 316 39.52 14.33 -29.87
C ASP D 316 39.92 15.68 -29.32
N PRO D 317 38.93 16.54 -29.01
CA PRO D 317 39.38 17.91 -28.80
C PRO D 317 40.14 17.97 -27.46
N LYS D 318 39.81 17.02 -26.60
CA LYS D 318 40.39 16.93 -25.27
C LYS D 318 41.90 16.63 -25.35
N GLU D 319 42.40 16.46 -26.57
CA GLU D 319 43.74 15.91 -26.80
C GLU D 319 44.40 16.56 -28.00
N ARG D 320 43.64 17.40 -28.69
CA ARG D 320 44.12 18.08 -29.88
C ARG D 320 44.32 19.56 -29.59
N ILE D 321 43.53 20.10 -28.67
CA ILE D 321 43.60 21.52 -28.32
C ILE D 321 44.63 21.80 -27.24
N ILE D 322 45.43 22.83 -27.43
CA ILE D 322 46.45 23.16 -26.47
C ILE D 322 45.84 23.54 -25.14
N GLU D 323 45.01 24.59 -25.11
CA GLU D 323 44.39 25.10 -23.87
C GLU D 323 43.66 24.05 -23.01
N TYR D 324 43.40 22.89 -23.60
CA TYR D 324 42.82 21.75 -22.91
C TYR D 324 43.89 20.75 -22.51
N LEU D 325 44.89 20.56 -23.37
CA LEU D 325 46.02 19.69 -23.05
C LEU D 325 46.74 20.15 -21.78
N VAL D 326 47.04 21.44 -21.73
CA VAL D 326 47.66 22.05 -20.56
C VAL D 326 46.82 23.25 -20.04
N PRO D 327 45.80 22.95 -19.22
CA PRO D 327 44.96 23.98 -18.57
C PRO D 327 45.78 24.98 -17.76
N ASP D 328 45.16 26.10 -17.37
CA ASP D 328 45.90 27.15 -16.63
C ASP D 328 45.60 27.26 -15.13
N SER D 329 46.08 26.27 -14.39
CA SER D 329 45.81 26.16 -12.96
C SER D 329 46.56 27.20 -12.12
N GLY D 330 47.89 27.06 -12.07
CA GLY D 330 48.70 27.79 -11.10
C GLY D 330 49.19 26.88 -9.97
N PRO D 331 49.51 27.48 -8.81
CA PRO D 331 50.04 26.75 -7.64
C PRO D 331 48.95 26.30 -6.67
N GLU D 332 49.01 25.04 -6.24
CA GLU D 332 47.98 24.43 -5.39
C GLU D 332 46.62 24.47 -6.09
N GLN D 333 45.71 23.60 -5.63
CA GLN D 333 44.40 23.45 -6.29
C GLN D 333 43.40 24.49 -5.82
N SER D 334 42.35 24.66 -6.63
CA SER D 334 41.28 25.57 -6.29
C SER D 334 40.34 24.91 -5.30
N LEU D 335 39.68 25.72 -4.49
CA LEU D 335 38.53 25.25 -3.73
C LEU D 335 37.39 24.90 -4.67
N LEU D 336 37.31 25.63 -5.79
CA LEU D 336 36.35 25.37 -6.85
C LEU D 336 36.21 23.89 -7.14
N ASP D 337 37.24 23.13 -6.80
CA ASP D 337 37.29 21.72 -7.17
C ASP D 337 37.00 20.76 -6.05
N ALA D 338 36.82 21.21 -4.82
CA ALA D 338 36.46 20.25 -3.79
C ALA D 338 35.02 20.45 -3.42
N SER D 339 34.33 19.35 -3.10
CA SER D 339 32.87 19.28 -2.88
C SER D 339 32.20 20.44 -2.19
N LEU D 340 30.94 20.68 -2.50
CA LEU D 340 30.20 21.76 -1.82
C LEU D 340 30.42 21.68 -0.31
N ARG D 341 30.13 20.52 0.30
CA ARG D 341 30.41 20.28 1.70
C ARG D 341 31.81 20.74 2.07
N ALA D 342 32.81 20.39 1.24
CA ALA D 342 34.19 20.81 1.48
C ALA D 342 34.30 22.31 1.58
N PHE D 343 33.83 22.99 0.53
CA PHE D 343 33.82 24.44 0.50
C PHE D 343 33.13 25.10 1.73
N VAL D 344 31.90 24.71 2.06
CA VAL D 344 31.24 25.28 3.26
C VAL D 344 32.02 25.00 4.54
N ARG D 345 32.34 23.73 4.76
CA ARG D 345 32.94 23.32 6.02
C ARG D 345 34.44 23.52 5.92
N GLU D 346 34.77 24.73 5.46
CA GLU D 346 36.10 25.13 5.04
C GLU D 346 36.22 26.61 5.31
N VAL D 347 35.42 27.42 4.63
CA VAL D 347 35.32 28.85 4.96
C VAL D 347 35.21 29.01 6.49
N GLY D 348 34.32 28.21 7.05
CA GLY D 348 34.12 28.14 8.49
C GLY D 348 35.17 27.36 9.25
N ALA D 349 36.29 27.02 8.62
CA ALA D 349 37.39 26.53 9.44
C ALA D 349 37.98 27.74 10.14
N ARG D 350 38.88 27.52 11.08
CA ARG D 350 39.74 28.60 11.62
C ARG D 350 40.53 29.31 10.49
N SER D 351 40.04 29.06 9.27
CA SER D 351 40.49 29.65 8.04
C SER D 351 40.36 31.14 8.15
N ALA D 352 41.48 31.82 8.26
CA ALA D 352 41.55 33.19 7.79
C ALA D 352 41.33 33.15 6.25
N ALA D 353 41.70 32.01 5.64
CA ALA D 353 41.81 31.75 4.19
C ALA D 353 40.52 31.89 3.35
N PRO D 354 39.74 30.78 3.11
CA PRO D 354 38.48 31.08 2.43
C PRO D 354 37.62 31.89 3.37
N GLY D 355 36.68 32.68 2.84
CA GLY D 355 35.77 33.43 3.70
C GLY D 355 35.47 34.82 3.20
N GLY D 356 34.35 35.38 3.67
CA GLY D 356 33.89 36.73 3.32
C GLY D 356 33.86 37.04 1.82
N GLY D 357 34.94 37.65 1.35
CA GLY D 357 35.10 38.01 -0.05
C GLY D 357 34.87 36.83 -0.97
N SER D 358 35.06 35.63 -0.42
CA SER D 358 34.86 34.42 -1.17
C SER D 358 33.41 33.99 -1.22
N VAL D 359 32.79 33.84 -0.06
CA VAL D 359 31.38 33.51 -0.04
C VAL D 359 30.57 34.60 -0.75
N ALA D 360 31.03 35.85 -0.68
CA ALA D 360 30.48 36.89 -1.54
C ALA D 360 30.40 36.44 -2.99
N ALA D 361 31.56 36.11 -3.57
CA ALA D 361 31.63 35.61 -4.93
C ALA D 361 30.70 34.44 -5.22
N ALA D 362 30.70 33.44 -4.34
CA ALA D 362 29.92 32.20 -4.58
C ALA D 362 28.41 32.45 -4.50
N VAL D 363 27.98 33.19 -3.49
CA VAL D 363 26.58 33.55 -3.39
C VAL D 363 26.15 34.30 -4.65
N ALA D 364 27.04 35.14 -5.19
CA ALA D 364 26.74 35.88 -6.40
C ALA D 364 26.71 34.99 -7.63
N ALA D 365 27.57 33.97 -7.65
CA ALA D 365 27.61 33.05 -8.77
C ALA D 365 26.42 32.11 -8.69
N LEU D 366 25.97 31.83 -7.47
CA LEU D 366 24.73 31.09 -7.30
C LEU D 366 23.65 31.95 -7.87
N GLY D 367 23.79 33.26 -7.68
CA GLY D 367 22.76 34.17 -8.10
C GLY D 367 22.50 34.11 -9.59
N ALA D 368 23.57 34.41 -10.35
CA ALA D 368 23.54 34.44 -11.80
C ALA D 368 22.99 33.14 -12.33
N ALA D 369 23.57 32.04 -11.87
CA ALA D 369 23.23 30.69 -12.35
C ALA D 369 21.74 30.40 -12.24
N LEU D 370 21.11 30.90 -11.17
CA LEU D 370 19.67 30.75 -11.04
C LEU D 370 18.96 31.42 -12.19
N ALA D 371 19.31 32.68 -12.45
CA ALA D 371 18.68 33.45 -13.53
C ALA D 371 18.92 32.77 -14.86
N SER D 372 20.16 32.35 -15.06
CA SER D 372 20.50 31.55 -16.20
C SER D 372 19.52 30.37 -16.35
N MSE D 373 19.23 29.69 -15.24
CA MSE D 373 18.45 28.45 -15.31
C MSE D 373 16.99 28.63 -15.64
O MSE D 373 16.39 27.79 -16.30
CB MSE D 373 18.52 27.71 -13.99
CG MSE D 373 17.34 26.80 -13.80
SE MSE D 373 16.82 26.76 -11.92
CE MSE D 373 17.66 25.10 -11.33
N VAL D 374 16.41 29.70 -15.12
CA VAL D 374 15.05 30.02 -15.44
C VAL D 374 14.97 30.39 -16.92
N GLY D 375 16.02 31.06 -17.41
CA GLY D 375 16.09 31.44 -18.81
C GLY D 375 15.93 30.20 -19.66
N GLN D 376 16.69 29.18 -19.28
CA GLN D 376 16.66 27.90 -19.96
C GLN D 376 15.39 27.15 -19.61
N MSE D 377 14.82 27.49 -18.46
CA MSE D 377 13.62 26.83 -18.05
C MSE D 377 12.45 27.38 -18.83
O MSE D 377 11.40 26.75 -18.90
CB MSE D 377 13.39 27.08 -16.57
CG MSE D 377 12.73 25.94 -15.86
SE MSE D 377 13.64 24.19 -15.91
CE MSE D 377 13.10 23.35 -17.66
N THR D 378 12.65 28.54 -19.43
CA THR D 378 11.64 29.17 -20.25
C THR D 378 11.98 28.99 -21.73
N TYR D 379 12.88 28.06 -22.02
CA TYR D 379 13.41 27.95 -23.35
C TYR D 379 13.16 26.56 -23.90
N GLY D 380 13.38 26.39 -25.20
CA GLY D 380 13.02 25.16 -25.88
C GLY D 380 11.52 25.01 -25.85
N ARG D 381 11.05 23.96 -25.17
CA ARG D 381 9.63 23.62 -25.06
C ARG D 381 8.70 24.61 -25.75
N ARG D 382 8.04 24.16 -26.81
CA ARG D 382 6.94 24.92 -27.44
C ARG D 382 6.00 25.50 -26.37
N GLN D 383 5.32 26.59 -26.71
CA GLN D 383 4.54 27.36 -25.76
C GLN D 383 5.28 28.64 -25.41
N PHE D 384 6.58 28.53 -25.16
CA PHE D 384 7.40 29.69 -24.84
C PHE D 384 7.98 30.28 -26.12
N ASP D 385 7.53 29.77 -27.25
CA ASP D 385 8.09 30.14 -28.53
C ASP D 385 8.25 31.63 -28.68
N HIS D 386 7.19 32.37 -28.35
CA HIS D 386 7.15 33.83 -28.53
C HIS D 386 8.24 34.55 -27.76
N LEU D 387 8.97 33.78 -26.97
CA LEU D 387 10.03 34.31 -26.14
C LEU D 387 11.41 33.76 -26.50
N ASP D 388 11.48 32.82 -27.44
CA ASP D 388 12.77 32.25 -27.85
C ASP D 388 13.79 33.32 -28.18
N SER D 389 13.36 34.32 -28.93
CA SER D 389 14.20 35.43 -29.31
C SER D 389 14.77 36.15 -28.07
N THR D 390 13.90 36.46 -27.12
CA THR D 390 14.33 37.06 -25.87
C THR D 390 15.19 36.12 -25.00
N MSE D 391 14.76 34.87 -24.80
CA MSE D 391 15.57 33.89 -24.04
C MSE D 391 16.99 33.73 -24.56
O MSE D 391 17.95 33.77 -23.79
CB MSE D 391 14.89 32.52 -23.92
CG MSE D 391 13.68 32.48 -23.02
SE MSE D 391 13.78 33.54 -21.35
CE MSE D 391 13.11 35.33 -21.96
N ARG D 392 17.13 33.56 -25.87
CA ARG D 392 18.43 33.58 -26.54
C ARG D 392 19.26 34.81 -26.24
N ARG D 393 18.60 35.93 -25.97
CA ARG D 393 19.32 37.18 -25.81
C ARG D 393 19.97 37.29 -24.44
N LEU D 394 19.34 36.67 -23.44
CA LEU D 394 19.71 36.97 -22.07
C LEU D 394 20.20 35.78 -21.25
N ILE D 395 19.85 34.55 -21.65
CA ILE D 395 20.39 33.36 -20.96
C ILE D 395 21.93 33.40 -20.89
N PRO D 396 22.61 33.81 -21.98
CA PRO D 396 24.06 33.91 -21.98
C PRO D 396 24.69 34.82 -20.92
N PRO D 397 24.53 36.16 -21.01
CA PRO D 397 25.16 37.06 -20.03
C PRO D 397 25.18 36.53 -18.60
N PHE D 398 24.09 35.86 -18.20
CA PHE D 398 23.95 35.26 -16.88
C PHE D 398 24.85 34.07 -16.72
N HIS D 399 24.69 33.11 -17.62
CA HIS D 399 25.53 31.92 -17.72
C HIS D 399 27.03 32.24 -17.79
N ALA D 400 27.45 33.12 -18.70
CA ALA D 400 28.85 33.57 -18.79
C ALA D 400 29.32 34.35 -17.54
N ALA D 401 28.52 35.32 -17.08
CA ALA D 401 28.85 35.99 -15.83
C ALA D 401 28.88 34.99 -14.69
N SER D 402 27.96 34.04 -14.67
CA SER D 402 27.92 33.01 -13.61
C SER D 402 29.29 32.40 -13.42
N ALA D 403 29.81 31.79 -14.48
CA ALA D 403 31.13 31.11 -14.45
C ALA D 403 32.25 32.07 -14.07
N GLN D 404 32.13 33.32 -14.52
CA GLN D 404 33.15 34.34 -14.31
C GLN D 404 33.32 34.70 -12.85
N LEU D 405 32.20 34.72 -12.13
CA LEU D 405 32.13 34.99 -10.68
C LEU D 405 32.57 33.75 -9.90
N THR D 406 32.19 32.57 -10.40
CA THR D 406 32.66 31.30 -9.85
C THR D 406 34.18 31.31 -9.89
N SER D 407 34.74 31.86 -10.96
CA SER D 407 36.18 32.03 -11.01
C SER D 407 36.74 33.08 -10.05
N LEU D 408 35.91 34.03 -9.58
CA LEU D 408 36.42 35.01 -8.61
C LEU D 408 36.72 34.37 -7.27
N VAL D 409 36.17 33.19 -7.02
CA VAL D 409 36.54 32.43 -5.85
C VAL D 409 38.07 32.32 -5.80
N ASP D 410 38.68 32.03 -6.96
CA ASP D 410 40.15 31.91 -7.12
C ASP D 410 40.83 33.25 -6.87
N ALA D 411 40.72 34.14 -7.85
CA ALA D 411 41.08 35.55 -7.73
C ALA D 411 41.25 35.99 -6.29
N ASP D 412 40.18 35.80 -5.52
CA ASP D 412 40.12 36.12 -4.09
C ASP D 412 41.20 35.43 -3.27
N ALA D 413 41.31 34.12 -3.45
CA ALA D 413 42.30 33.33 -2.75
C ALA D 413 43.73 33.72 -3.16
N ARG D 414 43.92 34.04 -4.44
CA ARG D 414 45.22 34.50 -4.93
C ARG D 414 45.60 35.82 -4.28
N ALA D 415 44.72 36.81 -4.42
CA ALA D 415 44.86 38.12 -3.79
C ALA D 415 45.36 37.98 -2.35
N PHE D 416 44.56 37.32 -1.52
CA PHE D 416 44.87 37.11 -0.12
C PHE D 416 46.29 36.56 0.10
N ALA D 417 46.65 35.55 -0.68
CA ALA D 417 47.92 34.86 -0.49
C ALA D 417 49.11 35.76 -0.81
N ALA D 418 48.88 36.67 -1.75
CA ALA D 418 49.85 37.68 -2.17
C ALA D 418 49.95 38.76 -1.11
N CYS D 419 48.81 39.13 -0.53
CA CYS D 419 48.75 40.08 0.58
C CYS D 419 49.52 39.52 1.78
N LEU D 420 49.34 38.22 1.97
CA LEU D 420 49.99 37.49 3.04
C LEU D 420 51.49 37.40 2.82
N GLY D 421 51.88 37.13 1.58
CA GLY D 421 53.29 37.11 1.19
C GLY D 421 54.01 38.42 1.47
N ALA D 422 53.32 39.54 1.23
CA ALA D 422 53.83 40.85 1.57
C ALA D 422 54.01 40.95 3.08
N ILE D 423 52.91 40.88 3.84
CA ILE D 423 52.94 40.96 5.32
C ILE D 423 54.13 40.21 5.95
N LYS D 424 54.36 38.99 5.50
CA LYS D 424 55.41 38.10 6.03
C LYS D 424 56.81 38.53 5.55
N LEU D 425 56.97 39.80 5.20
CA LEU D 425 58.16 40.25 4.49
C LEU D 425 59.07 41.05 5.40
N PRO D 426 60.35 40.65 5.49
CA PRO D 426 61.32 41.05 6.51
C PRO D 426 60.89 42.33 7.21
N LYS D 427 61.48 43.45 6.83
CA LYS D 427 61.20 44.73 7.47
C LYS D 427 62.49 45.46 7.82
N ASN D 428 62.33 46.74 8.13
CA ASN D 428 63.13 47.39 9.17
C ASN D 428 64.27 48.30 8.73
N THR D 429 65.15 47.77 7.89
CA THR D 429 66.21 48.57 7.29
C THR D 429 65.60 49.31 6.09
N PRO D 430 66.07 50.55 5.81
CA PRO D 430 65.33 51.47 4.94
C PRO D 430 65.03 50.83 3.58
N GLU D 431 65.99 50.08 3.07
CA GLU D 431 65.88 49.39 1.77
C GLU D 431 64.69 48.43 1.73
N GLU D 432 64.50 47.65 2.79
CA GLU D 432 63.30 46.84 2.88
C GLU D 432 62.43 47.06 4.12
N ARG D 433 61.96 48.29 4.25
CA ARG D 433 60.80 48.58 5.05
C ARG D 433 59.92 49.39 4.11
N ASP D 434 60.52 50.43 3.54
CA ASP D 434 59.87 51.31 2.57
C ASP D 434 59.62 50.63 1.23
N ARG D 435 60.07 49.39 1.09
CA ARG D 435 59.86 48.62 -0.12
C ARG D 435 58.97 47.43 0.17
N ARG D 436 59.05 46.94 1.39
CA ARG D 436 58.09 45.97 1.90
C ARG D 436 56.71 46.63 1.97
N THR D 437 56.68 47.83 2.55
CA THR D 437 55.45 48.60 2.64
C THR D 437 54.84 48.76 1.23
N CYS D 438 55.69 49.20 0.30
CA CYS D 438 55.31 49.48 -1.08
C CYS D 438 54.62 48.33 -1.81
N ALA D 439 55.04 47.10 -1.50
CA ALA D 439 54.46 45.91 -2.11
C ALA D 439 53.15 45.52 -1.42
N LEU D 440 53.05 45.80 -0.12
CA LEU D 440 51.84 45.48 0.64
C LEU D 440 50.64 46.27 0.12
N GLN D 441 50.88 47.54 -0.19
CA GLN D 441 49.91 48.43 -0.83
C GLN D 441 49.46 47.86 -2.17
N GLU D 442 50.44 47.48 -3.00
CA GLU D 442 50.15 46.77 -4.25
C GLU D 442 49.44 45.43 -3.95
N GLY D 443 49.65 44.91 -2.73
CA GLY D 443 48.88 43.79 -2.23
C GLY D 443 47.43 44.19 -2.21
N LEU D 444 47.01 44.87 -1.13
CA LEU D 444 45.63 45.36 -1.01
C LEU D 444 45.03 45.75 -2.36
N ARG D 445 45.77 46.50 -3.17
CA ARG D 445 45.36 46.84 -4.52
C ARG D 445 44.56 45.71 -5.17
N GLN D 446 45.20 44.55 -5.28
CA GLN D 446 44.56 43.33 -5.81
C GLN D 446 43.41 42.92 -4.91
N ALA D 447 43.70 42.81 -3.62
CA ALA D 447 42.71 42.41 -2.65
C ALA D 447 41.40 43.16 -2.89
N VAL D 448 41.52 44.47 -3.14
CA VAL D 448 40.37 45.34 -3.45
C VAL D 448 39.75 45.01 -4.79
N ALA D 449 40.60 45.01 -5.82
CA ALA D 449 40.17 44.89 -7.20
C ALA D 449 39.24 43.71 -7.51
N VAL D 450 39.34 42.61 -6.77
CA VAL D 450 38.48 41.47 -7.04
C VAL D 450 37.03 41.70 -6.63
N PRO D 451 36.77 41.96 -5.32
CA PRO D 451 35.38 42.33 -4.93
C PRO D 451 34.76 43.40 -5.84
N LEU D 452 35.53 44.46 -6.10
CA LEU D 452 35.20 45.52 -7.04
C LEU D 452 34.73 44.94 -8.37
N LYS D 453 35.52 44.06 -8.97
CA LYS D 453 35.10 43.35 -10.19
C LYS D 453 33.78 42.67 -9.88
N LEU D 454 33.78 41.80 -8.87
CA LEU D 454 32.58 41.10 -8.43
C LEU D 454 31.34 41.99 -8.41
N ALA D 455 31.49 43.23 -7.99
CA ALA D 455 30.38 44.16 -8.06
C ALA D 455 30.13 44.55 -9.51
N GLU D 456 31.04 45.33 -10.07
CA GLU D 456 30.97 45.69 -11.47
C GLU D 456 30.29 44.61 -12.30
N THR D 457 30.76 43.37 -12.20
CA THR D 457 30.20 42.29 -13.04
C THR D 457 28.73 41.98 -12.77
N VAL D 458 28.36 41.85 -11.50
CA VAL D 458 26.99 41.54 -11.14
C VAL D 458 26.06 42.71 -11.51
N SER D 459 26.61 43.92 -11.44
CA SER D 459 25.91 45.18 -11.73
C SER D 459 25.46 45.32 -13.19
N GLN D 460 26.02 44.52 -14.10
CA GLN D 460 25.58 44.53 -15.49
C GLN D 460 24.37 43.67 -15.75
N LEU D 461 24.19 42.66 -14.92
CA LEU D 461 23.14 41.69 -15.11
C LEU D 461 21.79 42.28 -14.77
N TRP D 462 21.79 43.30 -13.93
CA TRP D 462 20.57 43.92 -13.45
C TRP D 462 19.48 44.07 -14.53
N PRO D 463 19.74 44.84 -15.61
CA PRO D 463 18.63 45.10 -16.52
C PRO D 463 18.08 43.83 -17.16
N ALA D 464 18.96 42.90 -17.52
CA ALA D 464 18.50 41.64 -18.09
C ALA D 464 17.74 40.84 -17.06
N LEU D 465 18.20 40.89 -15.81
CA LEU D 465 17.49 40.24 -14.72
C LEU D 465 16.09 40.80 -14.65
N GLN D 466 16.02 42.11 -14.81
CA GLN D 466 14.80 42.88 -14.71
C GLN D 466 13.77 42.46 -15.75
N GLU D 467 14.26 42.26 -16.96
CA GLU D 467 13.44 41.85 -18.10
C GLU D 467 13.09 40.37 -18.04
N LEU D 468 13.99 39.57 -17.49
CA LEU D 468 13.77 38.15 -17.37
C LEU D 468 12.66 37.98 -16.37
N ALA D 469 12.59 38.92 -15.44
CA ALA D 469 11.63 38.86 -14.35
C ALA D 469 10.24 39.21 -14.82
N GLN D 470 10.17 39.91 -15.96
CA GLN D 470 8.90 40.30 -16.55
C GLN D 470 8.09 39.09 -16.99
N CYS D 471 8.55 38.45 -18.07
CA CYS D 471 8.10 37.12 -18.46
C CYS D 471 9.03 36.11 -17.78
N GLY D 472 9.48 35.09 -18.51
CA GLY D 472 10.44 34.15 -17.94
C GLY D 472 9.74 33.16 -17.04
N ASN D 473 9.59 31.94 -17.57
CA ASN D 473 8.60 30.98 -17.08
C ASN D 473 7.54 31.61 -16.21
N LEU D 474 7.61 31.32 -14.92
CA LEU D 474 6.64 31.79 -13.94
C LEU D 474 6.58 30.77 -12.85
N SER D 475 6.79 29.50 -13.23
CA SER D 475 6.83 28.45 -12.24
C SER D 475 8.18 28.42 -11.52
N CYS D 476 9.11 29.26 -12.00
CA CYS D 476 10.37 29.47 -11.32
C CYS D 476 10.36 30.77 -10.54
N LEU D 477 9.17 31.30 -10.28
CA LEU D 477 9.03 32.57 -9.58
C LEU D 477 9.99 32.61 -8.39
N SER D 478 9.77 31.67 -7.48
CA SER D 478 10.68 31.41 -6.39
C SER D 478 12.14 31.58 -6.83
N ASP D 479 12.56 30.76 -7.80
CA ASP D 479 13.96 30.70 -8.20
C ASP D 479 14.47 32.08 -8.59
N LEU D 480 13.61 32.92 -9.19
CA LEU D 480 14.03 34.26 -9.58
C LEU D 480 14.19 35.13 -8.36
N GLN D 481 13.26 35.04 -7.44
CA GLN D 481 13.32 35.82 -6.19
C GLN D 481 14.61 35.60 -5.40
N VAL D 482 14.92 34.33 -5.13
CA VAL D 482 16.20 33.96 -4.54
C VAL D 482 17.30 34.59 -5.39
N ALA D 483 17.20 34.43 -6.72
CA ALA D 483 18.23 34.90 -7.64
C ALA D 483 18.47 36.37 -7.41
N ALA D 484 17.39 37.15 -7.43
CA ALA D 484 17.46 38.58 -7.24
C ALA D 484 18.15 38.82 -5.92
N LYS D 485 17.64 38.17 -4.89
CA LYS D 485 18.19 38.36 -3.55
C LYS D 485 19.64 37.94 -3.44
N ALA D 486 20.06 36.90 -4.17
CA ALA D 486 21.43 36.37 -4.05
C ALA D 486 22.46 37.30 -4.65
N LEU D 487 22.13 37.82 -5.84
CA LEU D 487 22.98 38.80 -6.51
C LEU D 487 23.08 40.05 -5.67
N GLU D 488 22.02 40.35 -4.92
CA GLU D 488 22.06 41.54 -4.10
C GLU D 488 23.09 41.42 -3.01
N THR D 489 23.05 40.31 -2.29
CA THR D 489 23.92 40.19 -1.14
C THR D 489 25.31 39.98 -1.67
N GLY D 490 25.40 39.46 -2.88
CA GLY D 490 26.67 39.37 -3.57
C GLY D 490 27.37 40.72 -3.55
N VAL D 491 26.67 41.72 -4.08
CA VAL D 491 27.17 43.08 -4.10
C VAL D 491 27.40 43.62 -2.69
N PHE D 492 26.57 43.22 -1.74
CA PHE D 492 26.80 43.64 -0.36
C PHE D 492 28.17 43.17 0.06
N GLY D 493 28.39 41.86 -0.04
CA GLY D 493 29.67 41.26 0.28
C GLY D 493 30.76 42.06 -0.41
N ALA D 494 30.60 42.22 -1.73
CA ALA D 494 31.56 42.96 -2.54
C ALA D 494 31.82 44.32 -1.89
N TYR D 495 30.75 45.07 -1.66
CA TYR D 495 30.86 46.34 -0.99
C TYR D 495 31.77 46.26 0.22
N PHE D 496 31.37 45.48 1.23
CA PHE D 496 32.08 45.49 2.52
C PHE D 496 33.55 45.28 2.27
N ASN D 497 33.82 44.24 1.50
CA ASN D 497 35.16 43.75 1.32
C ASN D 497 36.10 44.77 0.69
N VAL D 498 35.54 45.62 -0.17
CA VAL D 498 36.29 46.73 -0.71
C VAL D 498 36.64 47.67 0.43
N LEU D 499 35.64 48.27 1.05
CA LEU D 499 35.89 49.15 2.17
C LEU D 499 37.01 48.64 3.07
N ILE D 500 36.77 47.58 3.82
CA ILE D 500 37.74 47.10 4.82
C ILE D 500 39.20 47.09 4.32
N ASN D 501 39.41 46.89 3.03
CA ASN D 501 40.76 46.96 2.47
C ASN D 501 41.23 48.38 2.27
N LEU D 502 40.38 49.19 1.63
CA LEU D 502 40.67 50.60 1.44
C LEU D 502 41.08 51.26 2.74
N LYS D 503 40.77 50.61 3.87
CA LYS D 503 41.17 51.15 5.13
C LYS D 503 42.69 51.29 5.21
N ASP D 504 43.41 50.23 4.85
CA ASP D 504 44.88 50.26 4.91
C ASP D 504 45.50 50.85 3.65
N MSE D 505 44.65 51.31 2.73
CA MSE D 505 45.11 51.96 1.52
C MSE D 505 45.54 53.40 1.80
O MSE D 505 44.85 54.13 2.52
CB MSE D 505 44.01 51.95 0.45
CG MSE D 505 43.52 50.55 0.04
SE MSE D 505 44.35 49.73 -1.59
CE MSE D 505 43.80 51.08 -2.96
N THR D 506 46.70 53.77 1.26
CA THR D 506 47.10 55.17 1.14
C THR D 506 47.15 55.46 -0.35
N ASP D 507 46.66 56.65 -0.72
CA ASP D 507 46.38 57.01 -2.12
C ASP D 507 44.92 57.44 -2.17
N ASP D 508 44.64 58.57 -1.55
CA ASP D 508 43.26 58.99 -1.28
C ASP D 508 42.41 59.16 -2.53
N VAL D 509 43.02 59.63 -3.61
CA VAL D 509 42.37 59.72 -4.90
C VAL D 509 41.72 58.37 -5.22
N PHE D 510 42.56 57.39 -5.59
CA PHE D 510 42.12 56.00 -5.82
C PHE D 510 41.07 55.61 -4.81
N LYS D 511 41.39 55.79 -3.53
CA LYS D 511 40.47 55.54 -2.44
C LYS D 511 39.10 56.21 -2.68
N GLU D 512 38.98 57.45 -2.20
CA GLU D 512 37.77 58.27 -2.40
C GLU D 512 36.99 57.88 -3.66
N LYS D 513 37.69 57.75 -4.80
CA LYS D 513 37.03 57.31 -6.04
C LYS D 513 36.39 55.92 -5.93
N THR D 514 37.18 54.93 -5.51
CA THR D 514 36.69 53.56 -5.34
C THR D 514 35.61 53.48 -4.28
N ARG D 515 35.85 54.16 -3.16
CA ARG D 515 34.87 54.22 -2.10
C ARG D 515 33.49 54.49 -2.70
N HIS D 516 33.44 55.50 -3.56
CA HIS D 516 32.19 56.05 -4.06
C HIS D 516 31.57 55.18 -5.12
N ARG D 517 32.41 54.75 -6.06
CA ARG D 517 32.01 53.81 -7.09
C ARG D 517 31.39 52.59 -6.42
N ILE D 518 32.05 52.07 -5.39
CA ILE D 518 31.52 50.87 -4.78
C ILE D 518 30.11 51.09 -4.24
N SER D 519 29.91 52.20 -3.54
CA SER D 519 28.66 52.42 -2.80
C SER D 519 27.44 52.57 -3.71
N SER D 520 27.59 53.38 -4.74
CA SER D 520 26.61 53.53 -5.80
C SER D 520 26.16 52.17 -6.30
N LEU D 521 27.13 51.33 -6.61
CA LEU D 521 26.86 49.96 -7.05
C LEU D 521 26.05 49.18 -6.02
N LEU D 522 26.40 49.34 -4.76
CA LEU D 522 25.64 48.73 -3.66
C LEU D 522 24.24 49.29 -3.68
N GLN D 523 24.15 50.62 -3.75
CA GLN D 523 22.89 51.31 -3.83
C GLN D 523 22.06 50.79 -4.99
N GLU D 524 22.67 50.77 -6.16
CA GLU D 524 22.01 50.26 -7.35
C GLU D 524 21.52 48.83 -7.11
N ALA D 525 22.37 48.02 -6.50
CA ALA D 525 22.00 46.69 -6.12
C ALA D 525 20.76 46.76 -5.26
N LYS D 526 20.80 47.58 -4.19
CA LYS D 526 19.70 47.71 -3.24
C LYS D 526 18.36 48.00 -3.92
N THR D 527 18.34 49.06 -4.76
CA THR D 527 17.10 49.45 -5.45
C THR D 527 16.73 48.46 -6.51
N GLN D 528 17.70 48.09 -7.35
CA GLN D 528 17.43 47.23 -8.50
C GLN D 528 16.77 45.96 -8.02
N ALA D 529 17.45 45.29 -7.09
CA ALA D 529 16.99 44.06 -6.49
C ALA D 529 15.54 44.15 -6.12
N ALA D 530 15.14 45.33 -5.67
CA ALA D 530 13.77 45.59 -5.25
C ALA D 530 12.78 45.33 -6.39
N LEU D 531 12.74 46.23 -7.36
CA LEU D 531 11.76 46.15 -8.44
C LEU D 531 11.70 44.77 -9.07
N VAL D 532 12.85 44.16 -9.30
CA VAL D 532 12.85 42.76 -9.72
C VAL D 532 11.81 42.02 -8.87
N LEU D 533 12.09 41.97 -7.57
CA LEU D 533 11.20 41.42 -6.57
C LEU D 533 9.79 41.97 -6.64
N GLY D 534 9.68 43.28 -6.88
CA GLY D 534 8.43 43.90 -7.20
C GLY D 534 7.86 43.10 -8.37
N SER D 535 8.37 43.35 -9.57
CA SER D 535 7.82 42.73 -10.77
C SER D 535 7.29 41.36 -10.44
N LEU D 536 8.16 40.55 -9.85
CA LEU D 536 7.82 39.17 -9.59
C LEU D 536 6.52 39.08 -8.80
N GLU D 537 6.51 39.77 -7.67
CA GLU D 537 5.34 39.83 -6.80
C GLU D 537 4.12 40.25 -7.59
N ALA D 538 4.22 41.37 -8.30
CA ALA D 538 3.10 41.88 -9.08
C ALA D 538 2.80 40.96 -10.25
N ARG D 539 3.71 40.03 -10.51
CA ARG D 539 3.42 39.06 -11.52
C ARG D 539 2.41 38.01 -11.00
N LYS D 540 2.73 37.35 -9.87
CA LYS D 540 1.82 36.45 -9.09
C LYS D 540 0.32 36.56 -9.46
N GLU D 541 -0.09 35.79 -10.47
CA GLU D 541 -1.38 35.94 -11.19
C GLU D 541 -2.31 34.71 -11.18
#